data_1WES
#
_entry.id   1WES
#
_cell.length_a   1.000
_cell.length_b   1.000
_cell.length_c   1.000
_cell.angle_alpha   90.00
_cell.angle_beta   90.00
_cell.angle_gamma   90.00
#
_symmetry.space_group_name_H-M   'P 1'
#
loop_
_entity.id
_entity.type
_entity.pdbx_description
1 polymer 'inhibitor of growth family, member 1-like'
2 non-polymer 'ZINC ION'
#
_entity_poly.entity_id   1
_entity_poly.type   'polypeptide(L)'
_entity_poly.pdbx_seq_one_letter_code
;GSSGSSGEFAIDPNEPTYCLCNQVSYGEMIGCDNEQCPIEWFHFSCVSLTYKPKGKWYCPKCRGDSGPSSG
;
_entity_poly.pdbx_strand_id   A
#
loop_
_chem_comp.id
_chem_comp.type
_chem_comp.name
_chem_comp.formula
ZN non-polymer 'ZINC ION' 'Zn 2'
#
# COMPACT_ATOMS: atom_id res chain seq x y z
N GLY A 1 17.18 0.12 -6.81
CA GLY A 1 17.33 -0.55 -5.52
C GLY A 1 18.60 -1.37 -5.43
N SER A 2 18.67 -2.26 -4.45
CA SER A 2 19.85 -3.09 -4.26
C SER A 2 19.71 -4.41 -5.03
N SER A 3 20.73 -4.74 -5.80
CA SER A 3 20.72 -5.97 -6.59
C SER A 3 20.11 -7.12 -5.80
N GLY A 4 20.58 -7.31 -4.58
CA GLY A 4 20.07 -8.37 -3.73
C GLY A 4 20.74 -8.42 -2.37
N SER A 5 19.93 -8.42 -1.32
CA SER A 5 20.46 -8.45 0.04
C SER A 5 19.47 -9.13 1.00
N SER A 6 19.95 -10.14 1.71
CA SER A 6 19.11 -10.88 2.65
C SER A 6 18.65 -9.98 3.78
N GLY A 7 17.66 -10.45 4.54
CA GLY A 7 17.15 -9.66 5.66
C GLY A 7 15.96 -8.81 5.27
N GLU A 8 14.96 -9.43 4.66
CA GLU A 8 13.77 -8.70 4.23
C GLU A 8 12.71 -8.69 5.33
N PHE A 9 11.57 -8.09 5.05
CA PHE A 9 10.48 -8.00 6.01
C PHE A 9 10.92 -7.24 7.26
N ALA A 10 11.59 -6.11 7.04
CA ALA A 10 12.06 -5.28 8.14
C ALA A 10 11.54 -3.85 8.02
N ILE A 11 11.07 -3.30 9.14
CA ILE A 11 10.53 -1.95 9.15
C ILE A 11 11.46 -1.01 9.92
N ASP A 12 12.08 -0.08 9.20
CA ASP A 12 12.99 0.88 9.82
C ASP A 12 12.23 2.11 10.32
N PRO A 13 12.60 2.59 11.51
CA PRO A 13 11.96 3.76 12.12
C PRO A 13 12.30 5.06 11.38
N ASN A 14 13.26 4.98 10.46
CA ASN A 14 13.67 6.14 9.68
C ASN A 14 12.59 6.54 8.68
N GLU A 15 12.14 5.56 7.89
CA GLU A 15 11.11 5.81 6.90
C GLU A 15 9.75 5.30 7.37
N PRO A 16 8.69 6.09 7.11
CA PRO A 16 7.33 5.74 7.50
C PRO A 16 6.78 4.57 6.70
N THR A 17 5.55 4.15 7.05
CA THR A 17 4.91 3.04 6.36
C THR A 17 3.46 3.36 6.02
N TYR A 18 2.99 2.84 4.89
CA TYR A 18 1.63 3.07 4.44
C TYR A 18 0.90 1.76 4.20
N CYS A 19 1.37 1.00 3.21
CA CYS A 19 0.77 -0.28 2.87
C CYS A 19 0.39 -1.05 4.13
N LEU A 20 -0.47 -2.06 3.95
CA LEU A 20 -0.92 -2.87 5.08
C LEU A 20 0.26 -3.56 5.76
N CYS A 21 1.20 -4.05 4.95
CA CYS A 21 2.38 -4.73 5.47
C CYS A 21 3.25 -3.76 6.27
N ASN A 22 2.87 -2.48 6.27
CA ASN A 22 3.62 -1.46 6.99
C ASN A 22 5.08 -1.42 6.52
N GLN A 23 5.27 -1.25 5.21
CA GLN A 23 6.60 -1.19 4.64
C GLN A 23 6.80 0.09 3.84
N VAL A 24 8.05 0.49 3.67
CA VAL A 24 8.37 1.71 2.92
C VAL A 24 7.96 1.58 1.46
N SER A 25 7.25 2.59 0.96
CA SER A 25 6.80 2.60 -0.42
C SER A 25 7.87 2.03 -1.35
N TYR A 26 7.44 1.28 -2.35
CA TYR A 26 8.35 0.68 -3.32
C TYR A 26 7.60 0.13 -4.53
N GLY A 27 8.34 -0.16 -5.59
CA GLY A 27 7.73 -0.68 -6.80
C GLY A 27 6.55 0.16 -7.26
N GLU A 28 5.42 -0.50 -7.51
CA GLU A 28 4.22 0.19 -7.96
C GLU A 28 3.24 0.40 -6.81
N MET A 29 2.65 1.59 -6.75
CA MET A 29 1.71 1.92 -5.70
C MET A 29 0.57 2.78 -6.24
N ILE A 30 -0.62 2.59 -5.69
CA ILE A 30 -1.79 3.35 -6.12
C ILE A 30 -2.40 4.14 -4.96
N GLY A 31 -3.18 5.16 -5.27
CA GLY A 31 -3.81 5.96 -4.24
C GLY A 31 -5.29 5.65 -4.09
N CYS A 32 -5.63 4.97 -2.99
CA CYS A 32 -7.02 4.61 -2.73
C CYS A 32 -7.96 5.75 -3.07
N ASP A 33 -8.86 5.52 -4.01
CA ASP A 33 -9.82 6.53 -4.43
C ASP A 33 -10.33 7.32 -3.22
N ASN A 34 -10.53 6.63 -2.11
CA ASN A 34 -11.01 7.26 -0.89
C ASN A 34 -9.97 8.21 -0.32
N GLU A 35 -10.17 9.50 -0.54
CA GLU A 35 -9.24 10.52 -0.05
C GLU A 35 -9.06 10.39 1.46
N GLN A 36 -10.17 10.50 2.20
CA GLN A 36 -10.12 10.40 3.65
C GLN A 36 -9.07 9.39 4.10
N CYS A 37 -9.00 8.27 3.39
CA CYS A 37 -8.03 7.23 3.72
C CYS A 37 -6.71 7.83 4.18
N PRO A 38 -6.33 7.53 5.43
CA PRO A 38 -5.09 8.04 6.02
C PRO A 38 -3.85 7.41 5.40
N ILE A 39 -4.06 6.35 4.62
CA ILE A 39 -2.97 5.65 3.95
C ILE A 39 -2.87 6.04 2.48
N GLU A 40 -3.98 5.93 1.78
CA GLU A 40 -4.03 6.27 0.35
C GLU A 40 -2.74 5.86 -0.34
N TRP A 41 -2.19 4.72 0.07
CA TRP A 41 -0.95 4.21 -0.51
C TRP A 41 -0.78 2.72 -0.22
N PHE A 42 -0.78 1.91 -1.28
CA PHE A 42 -0.62 0.46 -1.12
C PHE A 42 0.17 -0.13 -2.29
N HIS A 43 0.90 -1.19 -2.01
CA HIS A 43 1.71 -1.85 -3.04
C HIS A 43 0.84 -2.71 -3.95
N PHE A 44 1.35 -3.01 -5.14
CA PHE A 44 0.61 -3.83 -6.10
C PHE A 44 0.62 -5.30 -5.69
N SER A 45 1.79 -5.92 -5.73
CA SER A 45 1.92 -7.32 -5.36
C SER A 45 1.07 -7.65 -4.13
N CYS A 46 1.10 -6.75 -3.15
CA CYS A 46 0.34 -6.94 -1.92
C CYS A 46 -1.16 -6.99 -2.21
N VAL A 47 -1.65 -6.00 -2.94
CA VAL A 47 -3.07 -5.94 -3.30
C VAL A 47 -3.36 -6.76 -4.55
N SER A 48 -2.56 -7.79 -4.77
CA SER A 48 -2.72 -8.65 -5.93
C SER A 48 -3.00 -7.83 -7.19
N LEU A 49 -2.11 -6.88 -7.48
CA LEU A 49 -2.26 -6.02 -8.65
C LEU A 49 -1.08 -6.19 -9.59
N THR A 50 -1.38 -6.28 -10.88
CA THR A 50 -0.35 -6.44 -11.90
C THR A 50 0.03 -5.11 -12.52
N TYR A 51 -0.96 -4.24 -12.71
CA TYR A 51 -0.72 -2.92 -13.29
C TYR A 51 -1.83 -1.95 -12.91
N LYS A 52 -1.51 -0.66 -12.93
CA LYS A 52 -2.48 0.37 -12.58
C LYS A 52 -3.81 0.12 -13.26
N PRO A 53 -4.85 -0.16 -12.45
CA PRO A 53 -6.19 -0.42 -12.96
C PRO A 53 -6.86 0.83 -13.52
N LYS A 54 -7.53 0.67 -14.66
CA LYS A 54 -8.21 1.80 -15.31
C LYS A 54 -9.57 2.04 -14.67
N GLY A 55 -9.66 1.85 -13.36
CA GLY A 55 -10.92 2.06 -12.66
C GLY A 55 -10.72 2.38 -11.19
N LYS A 56 -11.72 3.00 -10.59
CA LYS A 56 -11.66 3.36 -9.17
C LYS A 56 -11.15 2.19 -8.34
N TRP A 57 -10.08 2.45 -7.56
CA TRP A 57 -9.50 1.42 -6.72
C TRP A 57 -9.59 1.82 -5.25
N TYR A 58 -10.34 1.03 -4.47
CA TYR A 58 -10.50 1.31 -3.05
C TYR A 58 -9.79 0.26 -2.20
N CYS A 59 -8.82 0.71 -1.42
CA CYS A 59 -8.05 -0.19 -0.56
C CYS A 59 -8.96 -1.21 0.12
N PRO A 60 -8.38 -2.37 0.47
CA PRO A 60 -9.13 -3.46 1.13
C PRO A 60 -9.53 -3.09 2.56
N LYS A 61 -9.16 -1.89 2.98
CA LYS A 61 -9.48 -1.43 4.33
C LYS A 61 -10.71 -0.55 4.33
N CYS A 62 -11.01 0.06 3.18
CA CYS A 62 -12.17 0.92 3.04
C CYS A 62 -13.37 0.15 2.53
N ARG A 63 -13.17 -0.59 1.44
CA ARG A 63 -14.24 -1.38 0.84
C ARG A 63 -14.83 -2.36 1.86
N GLY A 64 -14.01 -2.72 2.85
CA GLY A 64 -14.47 -3.65 3.87
C GLY A 64 -14.59 -2.99 5.24
N ASP A 65 -15.70 -2.32 5.48
CA ASP A 65 -15.93 -1.65 6.75
C ASP A 65 -17.17 -2.21 7.44
N SER A 66 -18.26 -2.35 6.69
CA SER A 66 -19.51 -2.86 7.23
C SER A 66 -19.27 -4.13 8.04
N GLY A 67 -19.79 -4.14 9.27
CA GLY A 67 -19.61 -5.30 10.13
C GLY A 67 -18.81 -4.97 11.37
N PRO A 68 -19.49 -4.40 12.38
CA PRO A 68 -18.85 -4.03 13.65
C PRO A 68 -18.45 -5.25 14.48
N SER A 69 -17.42 -5.09 15.30
CA SER A 69 -16.93 -6.18 16.14
C SER A 69 -18.08 -6.82 16.92
N SER A 70 -18.76 -6.01 17.73
CA SER A 70 -19.87 -6.50 18.53
C SER A 70 -21.19 -6.32 17.79
N GLY A 71 -22.19 -7.12 18.16
CA GLY A 71 -23.48 -7.04 17.52
C GLY A 71 -24.50 -6.31 18.37
ZN ZN B . 2.72 -4.06 1.09
ZN ZN C . -8.74 3.38 1.51
N GLY A 1 18.74 -5.71 37.76
CA GLY A 1 19.22 -5.65 36.39
C GLY A 1 18.57 -4.53 35.60
N SER A 2 18.86 -4.49 34.30
CA SER A 2 18.30 -3.45 33.43
C SER A 2 18.37 -3.87 31.97
N SER A 3 17.31 -3.58 31.23
CA SER A 3 17.25 -3.94 29.82
C SER A 3 17.65 -2.75 28.94
N GLY A 4 17.12 -1.58 29.27
CA GLY A 4 17.44 -0.38 28.50
C GLY A 4 16.94 -0.46 27.08
N SER A 5 17.65 0.20 26.17
CA SER A 5 17.27 0.20 24.76
C SER A 5 17.53 -1.16 24.13
N SER A 6 16.44 -1.86 23.80
CA SER A 6 16.54 -3.18 23.19
C SER A 6 17.55 -3.18 22.04
N GLY A 7 18.17 -4.34 21.81
CA GLY A 7 19.15 -4.44 20.75
C GLY A 7 18.58 -4.08 19.38
N GLU A 8 19.45 -3.74 18.44
CA GLU A 8 19.02 -3.37 17.11
C GLU A 8 18.09 -4.42 16.53
N PHE A 9 16.83 -4.03 16.31
CA PHE A 9 15.83 -4.95 15.77
C PHE A 9 15.80 -4.86 14.24
N ALA A 10 15.82 -3.64 13.73
CA ALA A 10 15.78 -3.41 12.29
C ALA A 10 16.25 -2.01 11.94
N ILE A 11 17.45 -1.91 11.37
CA ILE A 11 18.01 -0.61 10.98
C ILE A 11 17.19 0.03 9.87
N ASP A 12 16.75 1.26 10.10
CA ASP A 12 15.95 1.98 9.11
C ASP A 12 16.30 3.48 9.14
N PRO A 13 16.13 4.13 7.98
CA PRO A 13 16.41 5.56 7.83
C PRO A 13 15.42 6.43 8.59
N ASN A 14 14.59 5.79 9.41
CA ASN A 14 13.58 6.51 10.19
C ASN A 14 12.45 7.01 9.30
N GLU A 15 12.05 6.17 8.34
CA GLU A 15 10.97 6.52 7.42
C GLU A 15 9.67 5.84 7.83
N PRO A 16 8.56 6.59 7.72
CA PRO A 16 7.23 6.09 8.08
C PRO A 16 6.73 5.03 7.10
N THR A 17 5.64 4.35 7.47
CA THR A 17 5.06 3.32 6.62
C THR A 17 3.62 3.66 6.25
N TYR A 18 3.19 3.19 5.08
CA TYR A 18 1.83 3.45 4.61
C TYR A 18 1.07 2.14 4.43
N CYS A 19 1.61 1.26 3.58
CA CYS A 19 0.99 -0.03 3.31
C CYS A 19 0.70 -0.78 4.61
N LEU A 20 -0.18 -1.77 4.53
CA LEU A 20 -0.54 -2.57 5.70
C LEU A 20 0.66 -3.35 6.22
N CYS A 21 1.48 -3.86 5.30
CA CYS A 21 2.66 -4.63 5.66
C CYS A 21 3.64 -3.76 6.46
N ASN A 22 3.36 -2.47 6.53
CA ASN A 22 4.22 -1.54 7.26
C ASN A 22 5.59 -1.46 6.61
N GLN A 23 5.63 -1.19 5.32
CA GLN A 23 6.88 -1.08 4.59
C GLN A 23 6.99 0.25 3.86
N VAL A 24 8.21 0.67 3.56
CA VAL A 24 8.44 1.93 2.86
C VAL A 24 7.89 1.88 1.44
N SER A 25 7.46 3.03 0.94
CA SER A 25 6.91 3.13 -0.41
C SER A 25 7.91 2.63 -1.45
N TYR A 26 7.52 1.60 -2.19
CA TYR A 26 8.38 1.03 -3.22
C TYR A 26 7.57 0.48 -4.38
N GLY A 27 8.26 0.03 -5.43
CA GLY A 27 7.58 -0.52 -6.58
C GLY A 27 6.35 0.28 -6.97
N GLU A 28 5.41 -0.38 -7.64
CA GLU A 28 4.18 0.28 -8.07
C GLU A 28 3.19 0.39 -6.91
N MET A 29 2.53 1.54 -6.82
CA MET A 29 1.56 1.78 -5.76
C MET A 29 0.35 2.55 -6.29
N ILE A 30 -0.80 2.37 -5.64
CA ILE A 30 -2.02 3.05 -6.05
C ILE A 30 -2.56 3.92 -4.92
N GLY A 31 -3.32 4.96 -5.29
CA GLY A 31 -3.89 5.85 -4.30
C GLY A 31 -5.36 5.57 -4.04
N CYS A 32 -5.69 5.15 -2.83
CA CYS A 32 -7.05 4.85 -2.46
C CYS A 32 -7.98 6.02 -2.79
N ASP A 33 -8.80 5.85 -3.82
CA ASP A 33 -9.73 6.89 -4.24
C ASP A 33 -10.25 7.67 -3.04
N ASN A 34 -10.47 6.98 -1.94
CA ASN A 34 -10.97 7.60 -0.71
C ASN A 34 -9.95 8.59 -0.16
N GLU A 35 -10.12 9.86 -0.49
CA GLU A 35 -9.21 10.91 -0.02
C GLU A 35 -8.99 10.79 1.48
N GLN A 36 -10.08 10.77 2.24
CA GLN A 36 -10.01 10.67 3.69
C GLN A 36 -8.90 9.72 4.11
N CYS A 37 -8.84 8.56 3.46
CA CYS A 37 -7.82 7.56 3.77
C CYS A 37 -6.49 8.22 4.09
N PRO A 38 -6.03 8.06 5.33
CA PRO A 38 -4.76 8.63 5.80
C PRO A 38 -3.55 7.94 5.16
N ILE A 39 -3.81 6.89 4.40
CA ILE A 39 -2.74 6.15 3.74
C ILE A 39 -2.71 6.46 2.25
N GLU A 40 -3.84 6.24 1.58
CA GLU A 40 -3.94 6.50 0.14
C GLU A 40 -2.67 6.05 -0.58
N TRP A 41 -2.09 4.96 -0.11
CA TRP A 41 -0.87 4.42 -0.72
C TRP A 41 -0.65 2.97 -0.30
N PHE A 42 -0.72 2.06 -1.28
CA PHE A 42 -0.54 0.65 -1.01
C PHE A 42 0.17 -0.03 -2.19
N HIS A 43 0.92 -1.09 -1.89
CA HIS A 43 1.64 -1.83 -2.92
C HIS A 43 0.69 -2.70 -3.73
N PHE A 44 1.15 -3.16 -4.90
CA PHE A 44 0.35 -4.00 -5.77
C PHE A 44 0.31 -5.44 -5.25
N SER A 45 1.47 -6.09 -5.26
CA SER A 45 1.58 -7.46 -4.80
C SER A 45 0.78 -7.68 -3.52
N CYS A 46 0.71 -6.64 -2.69
CA CYS A 46 -0.03 -6.71 -1.44
C CYS A 46 -1.54 -6.68 -1.69
N VAL A 47 -1.99 -5.71 -2.48
CA VAL A 47 -3.40 -5.58 -2.79
C VAL A 47 -3.79 -6.50 -3.94
N SER A 48 -2.98 -7.52 -4.18
CA SER A 48 -3.24 -8.47 -5.26
C SER A 48 -3.47 -7.75 -6.58
N LEU A 49 -2.51 -6.92 -6.97
CA LEU A 49 -2.61 -6.16 -8.21
C LEU A 49 -1.45 -6.49 -9.14
N THR A 50 -1.75 -6.65 -10.43
CA THR A 50 -0.73 -6.96 -11.42
C THR A 50 -0.37 -5.74 -12.25
N TYR A 51 -1.36 -4.90 -12.52
CA TYR A 51 -1.15 -3.68 -13.31
C TYR A 51 -2.01 -2.54 -12.79
N LYS A 52 -1.57 -1.31 -13.04
CA LYS A 52 -2.31 -0.13 -12.61
C LYS A 52 -3.68 -0.07 -13.27
N PRO A 53 -4.74 -0.19 -12.45
CA PRO A 53 -6.12 -0.14 -12.95
C PRO A 53 -6.52 1.25 -13.43
N LYS A 54 -7.06 1.32 -14.64
CA LYS A 54 -7.49 2.59 -15.22
C LYS A 54 -8.88 2.98 -14.70
N GLY A 55 -9.13 2.69 -13.43
CA GLY A 55 -10.42 3.03 -12.84
C GLY A 55 -10.34 3.17 -11.33
N LYS A 56 -11.34 3.81 -10.74
CA LYS A 56 -11.39 4.01 -9.30
C LYS A 56 -10.89 2.78 -8.56
N TRP A 57 -10.19 3.00 -7.46
CA TRP A 57 -9.65 1.90 -6.66
C TRP A 57 -9.65 2.27 -5.18
N TYR A 58 -10.33 1.45 -4.37
CA TYR A 58 -10.41 1.69 -2.94
C TYR A 58 -9.69 0.59 -2.16
N CYS A 59 -8.82 0.99 -1.26
CA CYS A 59 -8.06 0.04 -0.44
C CYS A 59 -8.99 -1.00 0.18
N PRO A 60 -8.44 -2.19 0.47
CA PRO A 60 -9.20 -3.28 1.08
C PRO A 60 -9.57 -3.00 2.53
N LYS A 61 -9.18 -1.82 3.01
CA LYS A 61 -9.47 -1.42 4.39
C LYS A 61 -10.70 -0.52 4.44
N CYS A 62 -10.99 0.15 3.34
CA CYS A 62 -12.14 1.04 3.26
C CYS A 62 -13.34 0.33 2.65
N ARG A 63 -13.10 -0.39 1.55
CA ARG A 63 -14.16 -1.12 0.87
C ARG A 63 -14.67 -2.27 1.75
N GLY A 64 -13.77 -2.86 2.52
CA GLY A 64 -14.15 -3.96 3.38
C GLY A 64 -15.27 -3.60 4.34
N ASP A 65 -15.63 -4.54 5.20
CA ASP A 65 -16.70 -4.31 6.17
C ASP A 65 -16.14 -3.83 7.50
N SER A 66 -15.85 -2.54 7.59
CA SER A 66 -15.30 -1.94 8.80
C SER A 66 -16.33 -1.08 9.51
N GLY A 67 -16.95 -0.18 8.76
CA GLY A 67 -17.96 0.71 9.33
C GLY A 67 -18.30 1.86 8.42
N PRO A 68 -18.78 1.56 7.22
CA PRO A 68 -19.15 2.58 6.23
C PRO A 68 -20.40 3.36 6.64
N SER A 69 -20.19 4.60 7.08
CA SER A 69 -21.29 5.45 7.50
C SER A 69 -20.97 6.92 7.27
N SER A 70 -21.98 7.77 7.35
CA SER A 70 -21.81 9.20 7.15
C SER A 70 -23.04 9.97 7.60
N GLY A 71 -22.93 11.30 7.64
CA GLY A 71 -24.03 12.13 8.07
C GLY A 71 -24.65 12.90 6.92
ZN ZN B . 2.72 -3.79 1.26
ZN ZN C . -8.59 3.56 1.83
N GLY A 1 34.96 -14.47 -12.71
CA GLY A 1 33.51 -14.61 -12.66
C GLY A 1 32.93 -14.20 -11.33
N SER A 2 31.98 -13.27 -11.36
CA SER A 2 31.34 -12.78 -10.15
C SER A 2 29.85 -12.52 -10.37
N SER A 3 29.06 -12.74 -9.32
CA SER A 3 27.63 -12.53 -9.42
C SER A 3 27.07 -12.00 -8.09
N GLY A 4 25.79 -11.64 -8.10
CA GLY A 4 25.16 -11.11 -6.90
C GLY A 4 25.32 -9.61 -6.77
N SER A 5 24.26 -8.94 -6.36
CA SER A 5 24.29 -7.48 -6.20
C SER A 5 23.70 -7.07 -4.85
N SER A 6 24.48 -6.32 -4.08
CA SER A 6 24.04 -5.86 -2.76
C SER A 6 22.89 -4.87 -2.89
N GLY A 7 23.06 -3.89 -3.76
CA GLY A 7 22.02 -2.89 -3.96
C GLY A 7 22.06 -1.79 -2.91
N GLU A 8 20.98 -1.02 -2.82
CA GLU A 8 20.90 0.07 -1.86
C GLU A 8 19.59 0.01 -1.09
N PHE A 9 18.53 -0.44 -1.75
CA PHE A 9 17.22 -0.55 -1.13
C PHE A 9 17.33 -1.10 0.29
N ALA A 10 17.18 -0.23 1.28
CA ALA A 10 17.25 -0.64 2.67
C ALA A 10 16.07 -0.11 3.47
N ILE A 11 15.72 -0.83 4.55
CA ILE A 11 14.60 -0.43 5.39
C ILE A 11 15.09 0.05 6.76
N ASP A 12 15.06 1.36 6.96
CA ASP A 12 15.49 1.94 8.22
C ASP A 12 14.29 2.35 9.08
N PRO A 13 14.47 2.32 10.40
CA PRO A 13 13.41 2.68 11.35
C PRO A 13 13.10 4.17 11.34
N ASN A 14 13.78 4.90 10.47
CA ASN A 14 13.56 6.34 10.34
C ASN A 14 12.74 6.66 9.10
N GLU A 15 11.73 5.84 8.84
CA GLU A 15 10.86 6.05 7.68
C GLU A 15 9.44 5.63 8.00
N PRO A 16 8.47 6.42 7.49
CA PRO A 16 7.04 6.15 7.70
C PRO A 16 6.56 4.90 6.96
N THR A 17 5.27 4.60 7.09
CA THR A 17 4.70 3.43 6.44
C THR A 17 3.32 3.75 5.86
N TYR A 18 2.98 3.10 4.75
CA TYR A 18 1.69 3.33 4.11
C TYR A 18 0.94 2.01 3.93
N CYS A 19 1.42 1.19 2.99
CA CYS A 19 0.79 -0.09 2.71
C CYS A 19 0.29 -0.75 3.99
N LEU A 20 -0.70 -1.62 3.86
CA LEU A 20 -1.26 -2.31 5.02
C LEU A 20 -0.18 -3.07 5.78
N CYS A 21 0.76 -3.65 5.05
CA CYS A 21 1.85 -4.41 5.66
C CYS A 21 2.70 -3.51 6.54
N ASN A 22 2.53 -2.20 6.38
CA ASN A 22 3.29 -1.23 7.16
C ASN A 22 4.73 -1.13 6.67
N GLN A 23 4.89 -1.04 5.36
CA GLN A 23 6.22 -0.95 4.76
C GLN A 23 6.37 0.35 3.98
N VAL A 24 7.56 0.58 3.44
CA VAL A 24 7.84 1.78 2.66
C VAL A 24 7.73 1.51 1.17
N SER A 25 7.25 2.51 0.42
CA SER A 25 7.09 2.38 -1.02
C SER A 25 8.37 1.86 -1.66
N TYR A 26 8.24 0.84 -2.50
CA TYR A 26 9.39 0.26 -3.18
C TYR A 26 9.11 0.08 -4.66
N GLY A 27 7.86 -0.24 -4.99
CA GLY A 27 7.49 -0.42 -6.38
C GLY A 27 6.19 0.28 -6.73
N GLU A 28 5.44 -0.29 -7.66
CA GLU A 28 4.16 0.28 -8.09
C GLU A 28 3.21 0.41 -6.91
N MET A 29 2.62 1.59 -6.75
CA MET A 29 1.68 1.85 -5.66
C MET A 29 0.44 2.56 -6.18
N ILE A 30 -0.68 2.34 -5.51
CA ILE A 30 -1.94 2.97 -5.90
C ILE A 30 -2.46 3.88 -4.79
N GLY A 31 -3.27 4.87 -5.18
CA GLY A 31 -3.83 5.79 -4.21
C GLY A 31 -5.30 5.53 -3.94
N CYS A 32 -5.60 5.00 -2.76
CA CYS A 32 -6.98 4.71 -2.39
C CYS A 32 -7.91 5.84 -2.81
N ASP A 33 -8.79 5.56 -3.76
CA ASP A 33 -9.73 6.56 -4.24
C ASP A 33 -10.30 7.37 -3.09
N ASN A 34 -10.61 6.70 -1.99
CA ASN A 34 -11.16 7.36 -0.82
C ASN A 34 -10.17 8.37 -0.24
N GLU A 35 -10.37 9.64 -0.58
CA GLU A 35 -9.49 10.70 -0.10
C GLU A 35 -9.25 10.57 1.41
N GLN A 36 -10.33 10.48 2.16
CA GLN A 36 -10.24 10.35 3.62
C GLN A 36 -9.08 9.45 4.01
N CYS A 37 -8.93 8.35 3.28
CA CYS A 37 -7.86 7.39 3.56
C CYS A 37 -6.55 8.12 3.86
N PRO A 38 -6.09 8.01 5.12
CA PRO A 38 -4.85 8.65 5.57
C PRO A 38 -3.62 7.99 4.97
N ILE A 39 -3.83 6.95 4.16
CA ILE A 39 -2.73 6.24 3.52
C ILE A 39 -2.69 6.54 2.04
N GLU A 40 -3.79 6.26 1.35
CA GLU A 40 -3.89 6.50 -0.09
C GLU A 40 -2.60 6.08 -0.78
N TRP A 41 -2.01 4.98 -0.31
CA TRP A 41 -0.76 4.47 -0.90
C TRP A 41 -0.51 3.04 -0.47
N PHE A 42 -0.59 2.12 -1.43
CA PHE A 42 -0.37 0.70 -1.16
C PHE A 42 0.29 0.02 -2.35
N HIS A 43 0.96 -1.10 -2.08
CA HIS A 43 1.64 -1.85 -3.13
C HIS A 43 0.64 -2.70 -3.91
N PHE A 44 1.09 -3.22 -5.06
CA PHE A 44 0.23 -4.05 -5.90
C PHE A 44 0.21 -5.50 -5.40
N SER A 45 1.37 -6.14 -5.42
CA SER A 45 1.49 -7.52 -4.97
C SER A 45 0.73 -7.74 -3.66
N CYS A 46 0.84 -6.77 -2.76
CA CYS A 46 0.17 -6.84 -1.47
C CYS A 46 -1.35 -6.84 -1.65
N VAL A 47 -1.85 -5.89 -2.43
CA VAL A 47 -3.28 -5.78 -2.67
C VAL A 47 -3.71 -6.70 -3.82
N SER A 48 -2.93 -7.74 -4.06
CA SER A 48 -3.22 -8.69 -5.13
C SER A 48 -3.52 -7.96 -6.43
N LEU A 49 -2.65 -7.03 -6.79
CA LEU A 49 -2.80 -6.26 -8.02
C LEU A 49 -1.67 -6.53 -8.99
N THR A 50 -1.99 -6.53 -10.30
CA THR A 50 -0.99 -6.78 -11.32
C THR A 50 -0.69 -5.51 -12.12
N TYR A 51 -1.69 -4.67 -12.28
CA TYR A 51 -1.54 -3.42 -13.02
C TYR A 51 -2.53 -2.37 -12.54
N LYS A 52 -2.19 -1.11 -12.75
CA LYS A 52 -3.06 -0.01 -12.34
C LYS A 52 -4.49 -0.22 -12.82
N PRO A 53 -5.41 -0.45 -11.87
CA PRO A 53 -6.83 -0.68 -12.17
C PRO A 53 -7.52 0.58 -12.69
N LYS A 54 -8.16 0.46 -13.84
CA LYS A 54 -8.86 1.59 -14.44
C LYS A 54 -9.93 2.13 -13.49
N GLY A 55 -10.46 3.31 -13.81
CA GLY A 55 -11.49 3.92 -12.98
C GLY A 55 -10.97 4.27 -11.61
N LYS A 56 -11.71 3.88 -10.57
CA LYS A 56 -11.33 4.16 -9.20
C LYS A 56 -10.94 2.89 -8.47
N TRP A 57 -10.03 3.00 -7.51
CA TRP A 57 -9.57 1.85 -6.74
C TRP A 57 -9.61 2.14 -5.24
N TYR A 58 -10.56 1.52 -4.56
CA TYR A 58 -10.71 1.72 -3.11
C TYR A 58 -9.98 0.63 -2.33
N CYS A 59 -9.07 1.04 -1.47
CA CYS A 59 -8.30 0.10 -0.66
C CYS A 59 -9.21 -0.91 0.02
N PRO A 60 -8.65 -2.07 0.38
CA PRO A 60 -9.40 -3.14 1.05
C PRO A 60 -9.78 -2.78 2.47
N LYS A 61 -9.13 -1.76 3.01
CA LYS A 61 -9.41 -1.30 4.37
C LYS A 61 -10.70 -0.50 4.43
N CYS A 62 -11.05 0.13 3.31
CA CYS A 62 -12.26 0.94 3.23
C CYS A 62 -13.42 0.12 2.66
N ARG A 63 -13.19 -0.50 1.50
CA ARG A 63 -14.21 -1.31 0.85
C ARG A 63 -14.72 -2.40 1.79
N GLY A 64 -13.84 -2.90 2.65
CA GLY A 64 -14.21 -3.94 3.59
C GLY A 64 -15.46 -3.58 4.38
N ASP A 65 -16.03 -4.57 5.06
CA ASP A 65 -17.23 -4.34 5.87
C ASP A 65 -16.94 -4.59 7.34
N SER A 66 -15.79 -4.14 7.80
CA SER A 66 -15.39 -4.32 9.20
C SER A 66 -16.28 -3.50 10.12
N GLY A 67 -16.43 -2.22 9.79
CA GLY A 67 -17.24 -1.34 10.61
C GLY A 67 -16.96 0.13 10.34
N PRO A 68 -17.25 0.58 9.11
CA PRO A 68 -17.03 1.97 8.69
C PRO A 68 -17.99 2.93 9.38
N SER A 69 -18.87 2.39 10.21
CA SER A 69 -19.85 3.20 10.92
C SER A 69 -19.56 3.22 12.42
N SER A 70 -18.29 3.38 12.77
CA SER A 70 -17.87 3.41 14.17
C SER A 70 -17.40 4.81 14.56
N GLY A 71 -16.57 5.40 13.71
CA GLY A 71 -16.06 6.74 13.99
C GLY A 71 -16.28 7.70 12.84
ZN ZN B . 2.89 -3.98 1.23
ZN ZN C . -8.78 3.43 1.91
N GLY A 1 42.44 -12.21 5.80
CA GLY A 1 42.11 -11.59 4.53
C GLY A 1 41.17 -12.44 3.69
N SER A 2 39.91 -12.52 4.11
CA SER A 2 38.92 -13.31 3.39
C SER A 2 37.54 -12.68 3.50
N SER A 3 36.65 -13.06 2.59
CA SER A 3 35.29 -12.52 2.59
C SER A 3 34.27 -13.65 2.40
N GLY A 4 32.99 -13.28 2.42
CA GLY A 4 31.93 -14.26 2.25
C GLY A 4 30.56 -13.63 2.16
N SER A 5 29.64 -14.31 1.50
CA SER A 5 28.28 -13.81 1.32
C SER A 5 27.50 -13.90 2.63
N SER A 6 27.12 -12.75 3.17
CA SER A 6 26.38 -12.69 4.43
C SER A 6 25.52 -11.42 4.49
N GLY A 7 24.20 -11.61 4.53
CA GLY A 7 23.30 -10.49 4.59
C GLY A 7 22.96 -10.10 6.02
N GLU A 8 23.30 -8.86 6.39
CA GLU A 8 23.03 -8.37 7.73
C GLU A 8 21.83 -7.43 7.74
N PHE A 9 21.40 -7.03 8.93
CA PHE A 9 20.26 -6.13 9.07
C PHE A 9 20.72 -4.67 9.04
N ALA A 10 20.41 -3.98 7.95
CA ALA A 10 20.79 -2.58 7.79
C ALA A 10 19.77 -1.67 8.46
N ILE A 11 20.22 -0.94 9.48
CA ILE A 11 19.34 -0.03 10.21
C ILE A 11 18.41 0.71 9.25
N ASP A 12 17.11 0.68 9.55
CA ASP A 12 16.12 1.35 8.72
C ASP A 12 16.62 2.73 8.29
N PRO A 13 16.31 3.10 7.04
CA PRO A 13 16.72 4.39 6.48
C PRO A 13 15.96 5.56 7.10
N ASN A 14 15.13 5.25 8.09
CA ASN A 14 14.35 6.28 8.78
C ASN A 14 13.23 6.81 7.88
N GLU A 15 12.64 5.90 7.09
CA GLU A 15 11.56 6.28 6.19
C GLU A 15 10.20 5.89 6.76
N PRO A 16 9.15 6.62 6.37
CA PRO A 16 7.79 6.37 6.83
C PRO A 16 7.21 5.07 6.26
N THR A 17 6.00 4.72 6.69
CA THR A 17 5.35 3.51 6.22
C THR A 17 3.88 3.77 5.91
N TYR A 18 3.45 3.36 4.71
CA TYR A 18 2.07 3.55 4.30
C TYR A 18 1.36 2.21 4.14
N CYS A 19 1.81 1.40 3.19
CA CYS A 19 1.22 0.09 2.96
C CYS A 19 0.86 -0.59 4.26
N LEU A 20 -0.04 -1.58 4.19
CA LEU A 20 -0.47 -2.31 5.38
C LEU A 20 0.69 -3.10 5.98
N CYS A 21 1.64 -3.48 5.14
CA CYS A 21 2.80 -4.25 5.59
C CYS A 21 3.82 -3.32 6.26
N ASN A 22 3.42 -2.08 6.51
CA ASN A 22 4.29 -1.11 7.15
C ASN A 22 5.67 -1.11 6.50
N GLN A 23 5.70 -0.93 5.19
CA GLN A 23 6.96 -0.91 4.45
C GLN A 23 7.10 0.39 3.65
N VAL A 24 8.34 0.71 3.28
CA VAL A 24 8.61 1.92 2.52
C VAL A 24 8.04 1.83 1.11
N SER A 25 7.68 2.98 0.55
CA SER A 25 7.11 3.03 -0.79
C SER A 25 8.09 2.46 -1.82
N TYR A 26 7.65 1.45 -2.54
CA TYR A 26 8.48 0.81 -3.57
C TYR A 26 7.63 0.29 -4.72
N GLY A 27 8.31 -0.22 -5.74
CA GLY A 27 7.60 -0.75 -6.90
C GLY A 27 6.39 0.08 -7.27
N GLU A 28 5.35 -0.58 -7.78
CA GLU A 28 4.14 0.11 -8.18
C GLU A 28 3.21 0.32 -6.99
N MET A 29 2.65 1.52 -6.88
CA MET A 29 1.75 1.85 -5.79
C MET A 29 0.56 2.68 -6.28
N ILE A 30 -0.61 2.45 -5.71
CA ILE A 30 -1.82 3.17 -6.08
C ILE A 30 -2.33 4.03 -4.94
N GLY A 31 -3.04 5.10 -5.28
CA GLY A 31 -3.57 5.99 -4.25
C GLY A 31 -5.05 5.72 -3.98
N CYS A 32 -5.33 5.05 -2.88
CA CYS A 32 -6.70 4.74 -2.50
C CYS A 32 -7.65 5.84 -2.96
N ASP A 33 -8.82 5.44 -3.45
CA ASP A 33 -9.82 6.39 -3.92
C ASP A 33 -10.46 7.13 -2.75
N ASN A 34 -10.56 6.45 -1.61
CA ASN A 34 -11.13 7.04 -0.41
C ASN A 34 -10.24 8.14 0.15
N GLU A 35 -10.61 9.39 -0.13
CA GLU A 35 -9.83 10.53 0.35
C GLU A 35 -9.45 10.35 1.82
N GLN A 36 -10.46 10.28 2.69
CA GLN A 36 -10.23 10.11 4.11
C GLN A 36 -9.00 9.25 4.38
N CYS A 37 -8.90 8.14 3.65
CA CYS A 37 -7.77 7.24 3.80
C CYS A 37 -6.47 8.00 4.02
N PRO A 38 -5.99 8.01 5.27
CA PRO A 38 -4.76 8.71 5.65
C PRO A 38 -3.52 8.04 5.07
N ILE A 39 -3.72 6.95 4.33
CA ILE A 39 -2.62 6.21 3.73
C ILE A 39 -2.52 6.52 2.24
N GLU A 40 -3.64 6.42 1.54
CA GLU A 40 -3.67 6.67 0.10
C GLU A 40 -2.38 6.21 -0.57
N TRP A 41 -1.87 5.07 -0.12
CA TRP A 41 -0.64 4.52 -0.67
C TRP A 41 -0.50 3.04 -0.31
N PHE A 42 -0.55 2.18 -1.32
CA PHE A 42 -0.43 0.74 -1.11
C PHE A 42 0.27 0.08 -2.29
N HIS A 43 0.88 -1.08 -2.03
CA HIS A 43 1.59 -1.81 -3.07
C HIS A 43 0.62 -2.61 -3.93
N PHE A 44 1.12 -3.14 -5.04
CA PHE A 44 0.29 -3.92 -5.96
C PHE A 44 0.18 -5.37 -5.49
N SER A 45 1.31 -6.06 -5.48
CA SER A 45 1.34 -7.46 -5.05
C SER A 45 0.54 -7.66 -3.75
N CYS A 46 0.75 -6.75 -2.81
CA CYS A 46 0.05 -6.81 -1.52
C CYS A 46 -1.46 -6.80 -1.73
N VAL A 47 -1.92 -5.92 -2.62
CA VAL A 47 -3.35 -5.80 -2.90
C VAL A 47 -3.75 -6.69 -4.07
N SER A 48 -2.95 -7.71 -4.34
CA SER A 48 -3.22 -8.64 -5.44
C SER A 48 -3.54 -7.88 -6.71
N LEU A 49 -2.71 -6.89 -7.02
CA LEU A 49 -2.90 -6.08 -8.22
C LEU A 49 -1.81 -6.36 -9.26
N THR A 50 -2.23 -6.58 -10.50
CA THR A 50 -1.29 -6.87 -11.58
C THR A 50 -0.87 -5.59 -12.30
N TYR A 51 -1.82 -4.67 -12.46
CA TYR A 51 -1.54 -3.40 -13.13
C TYR A 51 -2.50 -2.32 -12.65
N LYS A 52 -2.15 -1.07 -12.93
CA LYS A 52 -2.98 0.07 -12.54
C LYS A 52 -4.42 -0.12 -13.01
N PRO A 53 -5.34 -0.27 -12.04
CA PRO A 53 -6.76 -0.45 -12.33
C PRO A 53 -7.41 0.82 -12.89
N LYS A 54 -7.94 0.72 -14.10
CA LYS A 54 -8.58 1.85 -14.75
C LYS A 54 -9.98 2.08 -14.18
N GLY A 55 -10.24 3.31 -13.73
CA GLY A 55 -11.54 3.63 -13.16
C GLY A 55 -11.45 4.12 -11.73
N LYS A 56 -11.70 3.23 -10.78
CA LYS A 56 -11.63 3.58 -9.37
C LYS A 56 -11.14 2.40 -8.54
N TRP A 57 -10.22 2.68 -7.61
CA TRP A 57 -9.66 1.65 -6.75
C TRP A 57 -9.76 2.05 -5.28
N TYR A 58 -10.18 1.12 -4.44
CA TYR A 58 -10.31 1.38 -3.01
C TYR A 58 -9.61 0.30 -2.19
N CYS A 59 -8.75 0.72 -1.27
CA CYS A 59 -8.03 -0.22 -0.43
C CYS A 59 -8.98 -1.23 0.22
N PRO A 60 -8.44 -2.40 0.57
CA PRO A 60 -9.23 -3.47 1.20
C PRO A 60 -9.64 -3.12 2.63
N LYS A 61 -9.18 -1.96 3.10
CA LYS A 61 -9.51 -1.51 4.45
C LYS A 61 -10.72 -0.59 4.44
N CYS A 62 -10.99 0.00 3.28
CA CYS A 62 -12.13 0.91 3.14
C CYS A 62 -13.34 0.17 2.59
N ARG A 63 -13.16 -0.51 1.45
CA ARG A 63 -14.24 -1.25 0.82
C ARG A 63 -14.83 -2.27 1.78
N GLY A 64 -14.00 -2.76 2.71
CA GLY A 64 -14.46 -3.74 3.68
C GLY A 64 -14.79 -3.12 5.02
N ASP A 65 -15.84 -3.61 5.67
CA ASP A 65 -16.25 -3.10 6.97
C ASP A 65 -15.54 -3.84 8.10
N SER A 66 -14.49 -3.23 8.64
CA SER A 66 -13.73 -3.84 9.73
C SER A 66 -13.66 -2.91 10.94
N GLY A 67 -13.65 -3.50 12.13
CA GLY A 67 -13.57 -2.71 13.34
C GLY A 67 -12.91 -3.45 14.48
N PRO A 68 -13.59 -4.49 14.98
CA PRO A 68 -13.07 -5.31 16.10
C PRO A 68 -11.88 -6.16 15.68
N SER A 69 -10.68 -5.59 15.80
CA SER A 69 -9.45 -6.30 15.44
C SER A 69 -8.77 -6.88 16.67
N SER A 70 -8.60 -8.19 16.69
CA SER A 70 -7.97 -8.87 17.82
C SER A 70 -6.56 -8.31 18.06
N GLY A 71 -5.82 -8.10 16.99
CA GLY A 71 -4.47 -7.58 17.11
C GLY A 71 -4.44 -6.06 17.13
ZN ZN B . 2.81 -3.96 1.11
ZN ZN C . -8.51 3.32 1.77
N GLY A 1 28.94 -5.25 -15.10
CA GLY A 1 28.57 -4.18 -14.20
C GLY A 1 29.35 -2.91 -14.46
N SER A 2 28.66 -1.78 -14.41
CA SER A 2 29.30 -0.48 -14.65
C SER A 2 29.86 0.09 -13.34
N SER A 3 29.02 0.14 -12.31
CA SER A 3 29.43 0.66 -11.02
C SER A 3 28.62 0.02 -9.90
N GLY A 4 29.30 -0.31 -8.79
CA GLY A 4 28.63 -0.92 -7.66
C GLY A 4 29.58 -1.21 -6.51
N SER A 5 29.03 -1.35 -5.32
CA SER A 5 29.84 -1.63 -4.14
C SER A 5 29.07 -2.49 -3.14
N SER A 6 29.77 -3.00 -2.14
CA SER A 6 29.15 -3.84 -1.12
C SER A 6 27.82 -3.26 -0.66
N GLY A 7 26.73 -3.93 -1.00
CA GLY A 7 25.41 -3.46 -0.61
C GLY A 7 24.74 -4.39 0.38
N GLU A 8 24.09 -3.81 1.38
CA GLU A 8 23.40 -4.59 2.40
C GLU A 8 21.90 -4.33 2.36
N PHE A 9 21.13 -5.24 2.95
CA PHE A 9 19.68 -5.11 2.98
C PHE A 9 19.15 -5.17 4.41
N ALA A 10 18.63 -4.05 4.88
CA ALA A 10 18.09 -3.97 6.24
C ALA A 10 16.89 -3.03 6.31
N ILE A 11 15.92 -3.37 7.15
CA ILE A 11 14.73 -2.55 7.30
C ILE A 11 14.95 -1.44 8.32
N ASP A 12 14.83 -0.20 7.85
CA ASP A 12 15.01 0.96 8.71
C ASP A 12 13.66 1.61 9.06
N PRO A 13 13.37 1.67 10.37
CA PRO A 13 12.12 2.26 10.86
C PRO A 13 12.06 3.77 10.65
N ASN A 14 13.23 4.39 10.46
CA ASN A 14 13.31 5.83 10.26
C ASN A 14 12.18 6.31 9.35
N GLU A 15 12.05 5.70 8.18
CA GLU A 15 11.01 6.06 7.23
C GLU A 15 9.65 5.53 7.68
N PRO A 16 8.59 6.31 7.40
CA PRO A 16 7.22 5.94 7.76
C PRO A 16 6.70 4.76 6.95
N THR A 17 5.46 4.37 7.22
CA THR A 17 4.84 3.25 6.51
C THR A 17 3.40 3.57 6.13
N TYR A 18 2.90 2.90 5.09
CA TYR A 18 1.55 3.12 4.63
C TYR A 18 0.83 1.78 4.40
N CYS A 19 1.35 1.01 3.45
CA CYS A 19 0.77 -0.29 3.13
C CYS A 19 0.39 -1.05 4.40
N LEU A 20 -0.40 -2.10 4.23
CA LEU A 20 -0.84 -2.92 5.37
C LEU A 20 0.33 -3.67 5.97
N CYS A 21 1.29 -4.06 5.13
CA CYS A 21 2.46 -4.79 5.59
C CYS A 21 3.42 -3.86 6.33
N ASN A 22 3.01 -2.60 6.50
CA ASN A 22 3.83 -1.62 7.20
C ASN A 22 5.24 -1.57 6.61
N GLN A 23 5.31 -1.37 5.30
CA GLN A 23 6.60 -1.30 4.61
C GLN A 23 6.73 -0.01 3.84
N VAL A 24 7.97 0.41 3.59
CA VAL A 24 8.24 1.65 2.87
C VAL A 24 7.79 1.55 1.42
N SER A 25 7.16 2.61 0.92
CA SER A 25 6.67 2.64 -0.45
C SER A 25 7.73 2.10 -1.41
N TYR A 26 7.29 1.29 -2.37
CA TYR A 26 8.19 0.71 -3.35
C TYR A 26 7.42 0.22 -4.57
N GLY A 27 8.15 -0.18 -5.60
CA GLY A 27 7.53 -0.68 -6.81
C GLY A 27 6.34 0.17 -7.23
N GLU A 28 5.26 -0.50 -7.62
CA GLU A 28 4.04 0.20 -8.05
C GLU A 28 3.07 0.35 -6.89
N MET A 29 2.59 1.58 -6.69
CA MET A 29 1.64 1.86 -5.62
C MET A 29 0.48 2.71 -6.12
N ILE A 30 -0.73 2.41 -5.65
CA ILE A 30 -1.91 3.15 -6.05
C ILE A 30 -2.40 4.06 -4.93
N GLY A 31 -3.19 5.07 -5.29
CA GLY A 31 -3.72 5.99 -4.31
C GLY A 31 -5.21 5.85 -4.11
N CYS A 32 -5.61 5.20 -3.03
CA CYS A 32 -7.02 4.99 -2.73
C CYS A 32 -7.84 6.23 -3.08
N ASP A 33 -9.04 6.01 -3.61
CA ASP A 33 -9.92 7.11 -3.99
C ASP A 33 -10.79 7.54 -2.81
N ASN A 34 -10.30 7.30 -1.60
CA ASN A 34 -11.04 7.66 -0.39
C ASN A 34 -10.24 8.65 0.45
N GLU A 35 -10.60 9.92 0.36
CA GLU A 35 -9.91 10.96 1.11
C GLU A 35 -9.64 10.50 2.54
N GLN A 36 -10.71 10.30 3.31
CA GLN A 36 -10.58 9.85 4.70
C GLN A 36 -9.38 8.93 4.86
N CYS A 37 -9.19 8.03 3.91
CA CYS A 37 -8.09 7.08 3.95
C CYS A 37 -6.80 7.78 4.38
N PRO A 38 -6.40 7.57 5.65
CA PRO A 38 -5.20 8.17 6.20
C PRO A 38 -3.92 7.56 5.61
N ILE A 39 -4.10 6.59 4.74
CA ILE A 39 -2.96 5.92 4.10
C ILE A 39 -2.88 6.28 2.61
N GLU A 40 -4.00 6.15 1.91
CA GLU A 40 -4.05 6.47 0.49
C GLU A 40 -2.77 6.02 -0.21
N TRP A 41 -2.26 4.86 0.19
CA TRP A 41 -1.04 4.32 -0.40
C TRP A 41 -0.88 2.84 -0.08
N PHE A 42 -0.92 2.01 -1.11
CA PHE A 42 -0.79 0.56 -0.94
C PHE A 42 -0.06 -0.05 -2.12
N HIS A 43 0.55 -1.22 -1.88
CA HIS A 43 1.28 -1.93 -2.93
C HIS A 43 0.33 -2.66 -3.86
N PHE A 44 0.88 -3.24 -4.92
CA PHE A 44 0.07 -3.97 -5.89
C PHE A 44 -0.05 -5.44 -5.49
N SER A 45 1.09 -6.13 -5.42
CA SER A 45 1.11 -7.54 -5.06
C SER A 45 0.30 -7.79 -3.80
N CYS A 46 0.45 -6.89 -2.82
CA CYS A 46 -0.27 -7.01 -1.56
C CYS A 46 -1.78 -6.99 -1.79
N VAL A 47 -2.22 -6.08 -2.64
CA VAL A 47 -3.65 -5.96 -2.94
C VAL A 47 -4.01 -6.76 -4.19
N SER A 48 -3.21 -7.78 -4.49
CA SER A 48 -3.46 -8.62 -5.65
C SER A 48 -3.69 -7.77 -6.90
N LEU A 49 -2.74 -6.88 -7.19
CA LEU A 49 -2.84 -6.01 -8.34
C LEU A 49 -1.66 -6.25 -9.30
N THR A 50 -1.94 -6.20 -10.60
CA THR A 50 -0.91 -6.39 -11.61
C THR A 50 -0.51 -5.08 -12.25
N TYR A 51 -1.47 -4.17 -12.39
CA TYR A 51 -1.21 -2.86 -12.98
C TYR A 51 -2.26 -1.85 -12.55
N LYS A 52 -1.90 -0.57 -12.61
CA LYS A 52 -2.81 0.50 -12.23
C LYS A 52 -4.17 0.32 -12.88
N PRO A 53 -5.19 0.03 -12.06
CA PRO A 53 -6.55 -0.17 -12.54
C PRO A 53 -7.20 1.12 -13.03
N LYS A 54 -7.61 1.13 -14.30
CA LYS A 54 -8.23 2.30 -14.89
C LYS A 54 -9.65 2.49 -14.35
N GLY A 55 -9.87 3.58 -13.62
CA GLY A 55 -11.17 3.86 -13.07
C GLY A 55 -11.12 4.26 -11.61
N LYS A 56 -11.65 3.42 -10.74
CA LYS A 56 -11.66 3.68 -9.30
C LYS A 56 -11.20 2.46 -8.52
N TRP A 57 -10.26 2.67 -7.61
CA TRP A 57 -9.74 1.57 -6.79
C TRP A 57 -9.82 1.92 -5.31
N TYR A 58 -10.62 1.15 -4.57
CA TYR A 58 -10.79 1.38 -3.14
C TYR A 58 -10.02 0.33 -2.33
N CYS A 59 -9.00 0.80 -1.60
CA CYS A 59 -8.18 -0.08 -0.79
C CYS A 59 -9.05 -1.10 -0.04
N PRO A 60 -8.45 -2.25 0.29
CA PRO A 60 -9.15 -3.32 1.01
C PRO A 60 -9.47 -2.95 2.46
N LYS A 61 -9.01 -1.77 2.87
CA LYS A 61 -9.24 -1.29 4.22
C LYS A 61 -10.51 -0.44 4.29
N CYS A 62 -10.88 0.14 3.15
CA CYS A 62 -12.07 0.98 3.08
C CYS A 62 -13.28 0.17 2.59
N ARG A 63 -13.12 -0.45 1.42
CA ARG A 63 -14.19 -1.26 0.85
C ARG A 63 -14.66 -2.34 1.82
N GLY A 64 -13.72 -2.83 2.63
CA GLY A 64 -14.05 -3.87 3.60
C GLY A 64 -15.27 -3.51 4.43
N ASP A 65 -15.34 -2.26 4.87
CA ASP A 65 -16.46 -1.80 5.68
C ASP A 65 -17.04 -0.52 5.11
N SER A 66 -18.25 -0.62 4.55
CA SER A 66 -18.92 0.54 3.96
C SER A 66 -20.11 0.95 4.82
N GLY A 67 -20.08 2.20 5.29
CA GLY A 67 -21.16 2.71 6.12
C GLY A 67 -21.02 4.19 6.42
N PRO A 68 -19.93 4.55 7.11
CA PRO A 68 -19.65 5.94 7.48
C PRO A 68 -19.28 6.79 6.27
N SER A 69 -19.21 6.16 5.11
CA SER A 69 -18.87 6.87 3.88
C SER A 69 -20.10 7.54 3.27
N SER A 70 -20.94 8.10 4.13
CA SER A 70 -22.15 8.78 3.68
C SER A 70 -21.83 10.04 2.91
N GLY A 71 -22.84 10.63 2.28
CA GLY A 71 -22.64 11.83 1.51
C GLY A 71 -23.53 11.91 0.28
ZN ZN B . 2.47 -4.22 1.18
ZN ZN C . -8.66 3.49 1.42
N GLY A 1 32.07 -13.74 -11.52
CA GLY A 1 31.56 -12.42 -11.18
C GLY A 1 31.54 -12.17 -9.69
N SER A 2 32.06 -11.03 -9.27
CA SER A 2 32.10 -10.67 -7.85
C SER A 2 31.13 -9.53 -7.55
N SER A 3 30.59 -9.52 -6.34
CA SER A 3 29.66 -8.49 -5.92
C SER A 3 30.11 -7.83 -4.63
N GLY A 4 29.68 -6.59 -4.43
CA GLY A 4 30.06 -5.86 -3.23
C GLY A 4 28.88 -5.64 -2.30
N SER A 5 28.98 -4.62 -1.44
CA SER A 5 27.93 -4.31 -0.49
C SER A 5 27.50 -2.85 -0.61
N SER A 6 27.37 -2.38 -1.85
CA SER A 6 26.97 -1.00 -2.10
C SER A 6 25.46 -0.89 -2.30
N GLY A 7 24.72 -1.60 -1.45
CA GLY A 7 23.27 -1.58 -1.55
C GLY A 7 22.71 -0.17 -1.48
N GLU A 8 22.19 0.31 -2.61
CA GLU A 8 21.62 1.65 -2.67
C GLU A 8 20.12 1.61 -2.37
N PHE A 9 19.64 2.65 -1.69
CA PHE A 9 18.23 2.73 -1.34
C PHE A 9 17.79 1.53 -0.51
N ALA A 10 18.63 1.14 0.44
CA ALA A 10 18.32 -0.01 1.30
C ALA A 10 17.29 0.36 2.35
N ILE A 11 16.39 -0.57 2.63
CA ILE A 11 15.34 -0.35 3.62
C ILE A 11 15.88 0.37 4.84
N ASP A 12 15.25 1.48 5.21
CA ASP A 12 15.68 2.26 6.36
C ASP A 12 14.50 2.54 7.29
N PRO A 13 14.75 2.45 8.60
CA PRO A 13 13.71 2.69 9.62
C PRO A 13 13.30 4.15 9.70
N ASN A 14 13.99 5.00 8.94
CA ASN A 14 13.69 6.43 8.92
C ASN A 14 12.46 6.71 8.08
N GLU A 15 12.50 6.31 6.81
CA GLU A 15 11.39 6.52 5.90
C GLU A 15 10.08 6.05 6.52
N PRO A 16 8.99 6.79 6.26
CA PRO A 16 7.66 6.47 6.78
C PRO A 16 7.08 5.21 6.15
N THR A 17 5.86 4.86 6.55
CA THR A 17 5.19 3.68 6.02
C THR A 17 3.73 3.97 5.70
N TYR A 18 3.21 3.33 4.67
CA TYR A 18 1.82 3.51 4.25
C TYR A 18 1.14 2.17 4.01
N CYS A 19 1.66 1.40 3.07
CA CYS A 19 1.10 0.10 2.74
C CYS A 19 0.69 -0.65 4.02
N LEU A 20 -0.15 -1.67 3.85
CA LEU A 20 -0.61 -2.47 4.97
C LEU A 20 0.55 -3.14 5.68
N CYS A 21 1.54 -3.59 4.91
CA CYS A 21 2.71 -4.26 5.46
C CYS A 21 3.61 -3.26 6.18
N ASN A 22 3.20 -2.00 6.17
CA ASN A 22 3.97 -0.94 6.82
C ASN A 22 5.40 -0.90 6.27
N GLN A 23 5.51 -0.77 4.95
CA GLN A 23 6.82 -0.72 4.30
C GLN A 23 6.97 0.57 3.49
N VAL A 24 8.21 0.91 3.15
CA VAL A 24 8.49 2.10 2.38
C VAL A 24 8.08 1.93 0.92
N SER A 25 7.35 2.91 0.39
CA SER A 25 6.90 2.87 -0.99
C SER A 25 8.00 2.36 -1.91
N TYR A 26 7.63 1.52 -2.87
CA TYR A 26 8.59 0.96 -3.82
C TYR A 26 7.88 0.38 -5.04
N GLY A 27 8.50 0.52 -6.20
CA GLY A 27 7.92 0.00 -7.42
C GLY A 27 6.65 0.73 -7.81
N GLU A 28 5.54 0.00 -7.86
CA GLU A 28 4.26 0.59 -8.23
C GLU A 28 3.31 0.61 -7.03
N MET A 29 2.59 1.72 -6.88
CA MET A 29 1.65 1.87 -5.78
C MET A 29 0.40 2.63 -6.22
N ILE A 30 -0.73 2.33 -5.59
CA ILE A 30 -1.99 2.98 -5.93
C ILE A 30 -2.46 3.88 -4.79
N GLY A 31 -3.36 4.81 -5.12
CA GLY A 31 -3.87 5.72 -4.12
C GLY A 31 -5.36 5.54 -3.88
N CYS A 32 -5.73 5.08 -2.69
CA CYS A 32 -7.13 4.88 -2.35
C CYS A 32 -7.96 6.11 -2.67
N ASP A 33 -8.80 6.01 -3.70
CA ASP A 33 -9.65 7.12 -4.11
C ASP A 33 -10.16 7.89 -2.89
N ASN A 34 -10.34 7.18 -1.78
CA ASN A 34 -10.83 7.80 -0.55
C ASN A 34 -9.75 8.70 0.06
N GLU A 35 -9.91 10.00 -0.12
CA GLU A 35 -8.95 10.97 0.42
C GLU A 35 -8.79 10.78 1.93
N GLN A 36 -9.90 10.73 2.64
CA GLN A 36 -9.88 10.56 4.09
C GLN A 36 -8.82 9.54 4.50
N CYS A 37 -8.62 8.53 3.65
CA CYS A 37 -7.64 7.49 3.93
C CYS A 37 -6.31 8.09 4.36
N PRO A 38 -5.89 7.80 5.60
CA PRO A 38 -4.63 8.31 6.15
C PRO A 38 -3.41 7.67 5.48
N ILE A 39 -3.65 6.72 4.59
CA ILE A 39 -2.58 6.04 3.90
C ILE A 39 -2.58 6.40 2.41
N GLU A 40 -3.70 6.16 1.75
CA GLU A 40 -3.83 6.46 0.32
C GLU A 40 -2.59 6.02 -0.44
N TRP A 41 -1.97 4.93 0.01
CA TRP A 41 -0.78 4.40 -0.63
C TRP A 41 -0.56 2.94 -0.26
N PHE A 42 -0.65 2.07 -1.25
CA PHE A 42 -0.45 0.63 -1.04
C PHE A 42 0.20 -0.02 -2.24
N HIS A 43 0.88 -1.14 -2.00
CA HIS A 43 1.56 -1.87 -3.08
C HIS A 43 0.57 -2.67 -3.90
N PHE A 44 1.04 -3.24 -5.00
CA PHE A 44 0.19 -4.04 -5.88
C PHE A 44 0.14 -5.49 -5.42
N SER A 45 1.29 -6.17 -5.44
CA SER A 45 1.37 -7.56 -5.02
C SER A 45 0.67 -7.77 -3.69
N CYS A 46 0.84 -6.82 -2.78
CA CYS A 46 0.22 -6.90 -1.46
C CYS A 46 -1.30 -6.93 -1.58
N VAL A 47 -1.85 -6.05 -2.40
CA VAL A 47 -3.29 -5.97 -2.60
C VAL A 47 -3.73 -6.88 -3.73
N SER A 48 -2.89 -7.86 -4.07
CA SER A 48 -3.19 -8.80 -5.14
C SER A 48 -3.48 -8.06 -6.45
N LEU A 49 -2.60 -7.14 -6.81
CA LEU A 49 -2.77 -6.37 -8.04
C LEU A 49 -1.65 -6.67 -9.02
N THR A 50 -1.93 -6.46 -10.31
CA THR A 50 -0.94 -6.71 -11.36
C THR A 50 -0.66 -5.44 -12.16
N TYR A 51 -1.68 -4.63 -12.34
CA TYR A 51 -1.55 -3.38 -13.10
C TYR A 51 -2.47 -2.30 -12.54
N LYS A 52 -2.10 -1.04 -12.76
CA LYS A 52 -2.90 0.08 -12.29
C LYS A 52 -4.33 0.00 -12.81
N PRO A 53 -5.28 -0.25 -11.90
CA PRO A 53 -6.70 -0.36 -12.24
C PRO A 53 -7.30 0.99 -12.63
N LYS A 54 -7.94 1.03 -13.81
CA LYS A 54 -8.56 2.25 -14.30
C LYS A 54 -9.83 2.57 -13.52
N GLY A 55 -10.27 3.81 -13.59
CA GLY A 55 -11.47 4.23 -12.89
C GLY A 55 -11.20 4.65 -11.47
N LYS A 56 -11.63 3.84 -10.51
CA LYS A 56 -11.43 4.15 -9.10
C LYS A 56 -11.06 2.89 -8.32
N TRP A 57 -9.99 2.96 -7.54
CA TRP A 57 -9.54 1.84 -6.74
C TRP A 57 -9.53 2.18 -5.26
N TYR A 58 -10.30 1.42 -4.48
CA TYR A 58 -10.37 1.65 -3.04
C TYR A 58 -9.65 0.56 -2.27
N CYS A 59 -8.86 0.97 -1.28
CA CYS A 59 -8.10 0.01 -0.46
C CYS A 59 -9.03 -1.01 0.18
N PRO A 60 -8.49 -2.19 0.50
CA PRO A 60 -9.25 -3.28 1.12
C PRO A 60 -9.63 -2.96 2.56
N LYS A 61 -9.27 -1.77 3.02
CA LYS A 61 -9.57 -1.34 4.38
C LYS A 61 -10.84 -0.50 4.41
N CYS A 62 -11.07 0.27 3.35
CA CYS A 62 -12.24 1.12 3.26
C CYS A 62 -13.39 0.40 2.56
N ARG A 63 -13.04 -0.46 1.60
CA ARG A 63 -14.04 -1.22 0.85
C ARG A 63 -14.57 -2.38 1.69
N GLY A 64 -13.72 -2.90 2.58
CA GLY A 64 -14.12 -4.01 3.43
C GLY A 64 -14.67 -3.56 4.77
N ASP A 65 -14.08 -4.05 5.85
CA ASP A 65 -14.51 -3.69 7.19
C ASP A 65 -13.33 -3.73 8.17
N SER A 66 -13.02 -2.58 8.76
CA SER A 66 -11.92 -2.48 9.71
C SER A 66 -12.38 -2.87 11.11
N GLY A 67 -11.78 -3.91 11.66
CA GLY A 67 -12.14 -4.36 12.99
C GLY A 67 -12.20 -5.87 13.09
N PRO A 68 -11.03 -6.52 13.05
CA PRO A 68 -10.93 -7.99 13.13
C PRO A 68 -11.28 -8.51 14.53
N SER A 69 -11.32 -7.61 15.50
CA SER A 69 -11.65 -7.98 16.87
C SER A 69 -13.13 -8.28 17.01
N SER A 70 -13.50 -9.55 16.86
CA SER A 70 -14.89 -9.96 16.97
C SER A 70 -15.19 -10.48 18.37
N GLY A 71 -14.64 -9.80 19.37
CA GLY A 71 -14.86 -10.21 20.75
C GLY A 71 -14.63 -11.70 20.96
ZN ZN B . 3.04 -3.93 1.05
ZN ZN C . -8.71 3.71 1.93
N GLY A 1 10.17 -19.82 -22.98
CA GLY A 1 11.34 -19.63 -22.15
C GLY A 1 11.02 -18.88 -20.87
N SER A 2 12.06 -18.62 -20.08
CA SER A 2 11.89 -17.90 -18.81
C SER A 2 13.18 -17.18 -18.42
N SER A 3 13.03 -16.13 -17.62
CA SER A 3 14.18 -15.35 -17.17
C SER A 3 13.85 -14.59 -15.89
N GLY A 4 14.88 -14.36 -15.07
CA GLY A 4 14.68 -13.64 -13.83
C GLY A 4 15.89 -13.71 -12.93
N SER A 5 16.25 -12.56 -12.34
CA SER A 5 17.41 -12.49 -11.45
C SER A 5 17.02 -11.86 -10.12
N SER A 6 17.69 -12.29 -9.06
CA SER A 6 17.42 -11.77 -7.72
C SER A 6 18.26 -10.52 -7.44
N GLY A 7 17.97 -9.86 -6.33
CA GLY A 7 18.70 -8.66 -5.96
C GLY A 7 18.62 -8.35 -4.48
N GLU A 8 18.29 -7.10 -4.17
CA GLU A 8 18.17 -6.68 -2.78
C GLU A 8 17.33 -5.40 -2.67
N PHE A 9 16.67 -5.23 -1.53
CA PHE A 9 15.83 -4.06 -1.30
C PHE A 9 16.28 -3.31 -0.05
N ALA A 10 16.81 -2.11 -0.25
CA ALA A 10 17.28 -1.29 0.87
C ALA A 10 16.13 -0.97 1.82
N ILE A 11 15.99 -1.79 2.86
CA ILE A 11 14.93 -1.58 3.85
C ILE A 11 15.26 -0.41 4.76
N ASP A 12 14.46 0.65 4.67
CA ASP A 12 14.66 1.84 5.49
C ASP A 12 13.74 1.81 6.71
N PRO A 13 14.34 1.67 7.90
CA PRO A 13 13.59 1.63 9.16
C PRO A 13 12.98 2.99 9.51
N ASN A 14 13.80 4.03 9.45
CA ASN A 14 13.33 5.38 9.77
C ASN A 14 12.08 5.73 8.98
N GLU A 15 12.19 5.68 7.65
CA GLU A 15 11.06 5.98 6.78
C GLU A 15 9.78 5.33 7.31
N PRO A 16 8.66 6.06 7.19
CA PRO A 16 7.35 5.57 7.63
C PRO A 16 6.82 4.44 6.77
N THR A 17 5.65 3.92 7.13
CA THR A 17 5.03 2.83 6.38
C THR A 17 3.55 3.08 6.18
N TYR A 18 3.08 2.88 4.94
CA TYR A 18 1.68 3.08 4.62
C TYR A 18 0.96 1.75 4.44
N CYS A 19 1.38 0.98 3.44
CA CYS A 19 0.78 -0.32 3.17
C CYS A 19 0.50 -1.07 4.47
N LEU A 20 -0.40 -2.05 4.40
CA LEU A 20 -0.76 -2.84 5.57
C LEU A 20 0.45 -3.60 6.11
N CYS A 21 1.30 -4.06 5.20
CA CYS A 21 2.50 -4.79 5.58
C CYS A 21 3.46 -3.91 6.35
N ASN A 22 3.13 -2.63 6.45
CA ASN A 22 3.96 -1.67 7.17
C ASN A 22 5.38 -1.64 6.59
N GLN A 23 5.47 -1.43 5.28
CA GLN A 23 6.76 -1.38 4.61
C GLN A 23 6.93 -0.06 3.85
N VAL A 24 8.18 0.31 3.60
CA VAL A 24 8.48 1.55 2.89
C VAL A 24 8.05 1.45 1.43
N SER A 25 7.37 2.48 0.94
CA SER A 25 6.90 2.51 -0.44
C SER A 25 7.95 1.93 -1.38
N TYR A 26 7.49 1.24 -2.42
CA TYR A 26 8.39 0.63 -3.39
C TYR A 26 7.61 0.04 -4.56
N GLY A 27 8.28 -0.09 -5.70
CA GLY A 27 7.63 -0.63 -6.88
C GLY A 27 6.45 0.19 -7.33
N GLU A 28 5.30 -0.45 -7.49
CA GLU A 28 4.08 0.23 -7.92
C GLU A 28 3.11 0.39 -6.75
N MET A 29 2.51 1.57 -6.65
CA MET A 29 1.56 1.86 -5.58
C MET A 29 0.38 2.67 -6.11
N ILE A 30 -0.79 2.45 -5.54
CA ILE A 30 -1.99 3.16 -5.95
C ILE A 30 -2.52 4.05 -4.82
N GLY A 31 -3.22 5.12 -5.19
CA GLY A 31 -3.77 6.02 -4.19
C GLY A 31 -5.27 5.84 -4.00
N CYS A 32 -5.64 5.13 -2.94
CA CYS A 32 -7.05 4.88 -2.65
C CYS A 32 -7.90 6.09 -3.01
N ASP A 33 -8.90 5.87 -3.86
CA ASP A 33 -9.79 6.94 -4.29
C ASP A 33 -10.30 7.74 -3.09
N ASN A 34 -10.58 7.04 -2.01
CA ASN A 34 -11.08 7.67 -0.79
C ASN A 34 -10.02 8.58 -0.18
N GLU A 35 -10.20 9.89 -0.35
CA GLU A 35 -9.25 10.87 0.18
C GLU A 35 -9.06 10.68 1.68
N GLN A 36 -10.16 10.75 2.42
CA GLN A 36 -10.12 10.59 3.88
C GLN A 36 -9.07 9.56 4.28
N CYS A 37 -9.00 8.46 3.52
CA CYS A 37 -8.05 7.40 3.80
C CYS A 37 -6.72 7.98 4.30
N PRO A 38 -6.37 7.65 5.55
CA PRO A 38 -5.13 8.13 6.17
C PRO A 38 -3.89 7.49 5.56
N ILE A 39 -4.10 6.47 4.75
CA ILE A 39 -3.00 5.77 4.08
C ILE A 39 -2.91 6.15 2.61
N GLU A 40 -4.03 6.00 1.90
CA GLU A 40 -4.08 6.33 0.48
C GLU A 40 -2.80 5.91 -0.22
N TRP A 41 -2.25 4.77 0.19
CA TRP A 41 -1.03 4.25 -0.40
C TRP A 41 -0.85 2.76 -0.08
N PHE A 42 -0.88 1.93 -1.12
CA PHE A 42 -0.73 0.49 -0.95
C PHE A 42 0.01 -0.13 -2.13
N HIS A 43 0.62 -1.28 -1.90
CA HIS A 43 1.36 -1.98 -2.96
C HIS A 43 0.42 -2.82 -3.82
N PHE A 44 0.91 -3.25 -4.97
CA PHE A 44 0.11 -4.05 -5.88
C PHE A 44 0.09 -5.51 -5.43
N SER A 45 1.26 -6.15 -5.45
CA SER A 45 1.38 -7.54 -5.05
C SER A 45 0.56 -7.82 -3.78
N CYS A 46 0.62 -6.88 -2.84
CA CYS A 46 -0.11 -7.02 -1.59
C CYS A 46 -1.63 -7.03 -1.83
N VAL A 47 -2.10 -6.03 -2.56
CA VAL A 47 -3.52 -5.92 -2.87
C VAL A 47 -3.88 -6.75 -4.11
N SER A 48 -3.12 -7.82 -4.33
CA SER A 48 -3.37 -8.70 -5.47
C SER A 48 -3.67 -7.88 -6.73
N LEU A 49 -2.78 -6.96 -7.05
CA LEU A 49 -2.95 -6.12 -8.23
C LEU A 49 -1.84 -6.37 -9.25
N THR A 50 -2.20 -6.29 -10.53
CA THR A 50 -1.24 -6.51 -11.60
C THR A 50 -0.81 -5.20 -12.23
N TYR A 51 -1.75 -4.27 -12.37
CA TYR A 51 -1.46 -2.97 -12.96
C TYR A 51 -2.49 -1.93 -12.51
N LYS A 52 -2.11 -0.66 -12.59
CA LYS A 52 -3.00 0.43 -12.20
C LYS A 52 -4.39 0.24 -12.80
N PRO A 53 -5.38 -0.01 -11.92
CA PRO A 53 -6.77 -0.21 -12.33
C PRO A 53 -7.41 1.07 -12.85
N LYS A 54 -7.89 1.04 -14.09
CA LYS A 54 -8.53 2.19 -14.70
C LYS A 54 -9.86 2.50 -14.01
N GLY A 55 -10.00 3.74 -13.55
CA GLY A 55 -11.22 4.14 -12.88
C GLY A 55 -11.00 4.53 -11.44
N LYS A 56 -11.72 3.88 -10.52
CA LYS A 56 -11.59 4.16 -9.10
C LYS A 56 -11.19 2.90 -8.33
N TRP A 57 -10.15 3.02 -7.52
CA TRP A 57 -9.67 1.90 -6.73
C TRP A 57 -9.76 2.19 -5.24
N TYR A 58 -10.54 1.39 -4.53
CA TYR A 58 -10.72 1.57 -3.09
C TYR A 58 -9.94 0.52 -2.31
N CYS A 59 -8.94 0.97 -1.56
CA CYS A 59 -8.11 0.07 -0.76
C CYS A 59 -8.98 -0.98 -0.07
N PRO A 60 -8.36 -2.13 0.25
CA PRO A 60 -9.06 -3.24 0.92
C PRO A 60 -9.39 -2.91 2.37
N LYS A 61 -9.05 -1.70 2.80
CA LYS A 61 -9.33 -1.26 4.16
C LYS A 61 -10.61 -0.44 4.22
N CYS A 62 -10.93 0.22 3.12
CA CYS A 62 -12.14 1.04 3.04
C CYS A 62 -13.32 0.23 2.54
N ARG A 63 -13.11 -0.51 1.45
CA ARG A 63 -14.16 -1.33 0.86
C ARG A 63 -14.60 -2.42 1.83
N GLY A 64 -13.69 -2.83 2.71
CA GLY A 64 -14.01 -3.87 3.68
C GLY A 64 -13.33 -5.18 3.35
N ASP A 65 -13.42 -6.13 4.27
CA ASP A 65 -12.80 -7.44 4.08
C ASP A 65 -13.86 -8.54 4.10
N SER A 66 -14.81 -8.43 5.02
CA SER A 66 -15.87 -9.42 5.14
C SER A 66 -17.11 -8.98 4.36
N GLY A 67 -17.24 -9.51 3.14
CA GLY A 67 -18.37 -9.16 2.31
C GLY A 67 -18.67 -10.21 1.26
N PRO A 68 -17.75 -10.36 0.29
CA PRO A 68 -17.88 -11.34 -0.79
C PRO A 68 -17.74 -12.77 -0.30
N SER A 69 -18.85 -13.37 0.10
CA SER A 69 -18.85 -14.75 0.59
C SER A 69 -18.89 -15.75 -0.57
N SER A 70 -18.07 -15.49 -1.58
CA SER A 70 -18.02 -16.36 -2.75
C SER A 70 -16.97 -17.46 -2.57
N GLY A 71 -17.36 -18.51 -1.86
CA GLY A 71 -16.44 -19.61 -1.63
C GLY A 71 -17.08 -20.73 -0.81
ZN ZN B . 2.48 -4.10 1.14
ZN ZN C . -8.81 3.64 1.54
N GLY A 1 35.34 -7.44 -8.73
CA GLY A 1 34.86 -7.38 -10.10
C GLY A 1 33.53 -6.66 -10.21
N SER A 2 32.76 -7.01 -11.23
CA SER A 2 31.45 -6.40 -11.46
C SER A 2 30.39 -7.05 -10.57
N SER A 3 29.87 -6.28 -9.63
CA SER A 3 28.84 -6.77 -8.71
C SER A 3 27.52 -6.06 -8.95
N GLY A 4 26.45 -6.85 -9.09
CA GLY A 4 25.14 -6.29 -9.31
C GLY A 4 24.85 -5.10 -8.42
N SER A 5 25.12 -5.26 -7.12
CA SER A 5 24.88 -4.19 -6.16
C SER A 5 25.60 -4.49 -4.84
N SER A 6 25.55 -3.53 -3.92
CA SER A 6 26.19 -3.69 -2.63
C SER A 6 25.17 -4.02 -1.54
N GLY A 7 25.65 -4.30 -0.34
CA GLY A 7 24.76 -4.63 0.76
C GLY A 7 24.92 -3.69 1.93
N GLU A 8 24.93 -2.39 1.65
CA GLU A 8 25.07 -1.38 2.70
C GLU A 8 23.73 -0.71 3.00
N PHE A 9 22.97 -1.30 3.92
CA PHE A 9 21.68 -0.76 4.29
C PHE A 9 21.33 -1.14 5.73
N ALA A 10 20.45 -0.37 6.35
CA ALA A 10 20.03 -0.62 7.72
C ALA A 10 18.70 0.07 8.02
N ILE A 11 17.97 -0.46 9.00
CA ILE A 11 16.68 0.10 9.38
C ILE A 11 16.82 1.56 9.78
N ASP A 12 16.38 2.45 8.91
CA ASP A 12 16.44 3.89 9.18
C ASP A 12 15.57 4.27 10.37
N PRO A 13 16.01 5.30 11.11
CA PRO A 13 15.29 5.78 12.29
C PRO A 13 13.97 6.46 11.93
N ASN A 14 13.96 7.18 10.81
CA ASN A 14 12.77 7.88 10.35
C ASN A 14 12.20 7.22 9.10
N GLU A 15 11.73 5.99 9.25
CA GLU A 15 11.16 5.24 8.13
C GLU A 15 9.64 5.16 8.24
N PRO A 16 8.94 5.98 7.45
CA PRO A 16 7.47 6.02 7.45
C PRO A 16 6.87 4.75 6.86
N THR A 17 5.55 4.59 7.03
CA THR A 17 4.85 3.43 6.51
C THR A 17 3.42 3.78 6.12
N TYR A 18 2.98 3.26 4.98
CA TYR A 18 1.63 3.52 4.49
C TYR A 18 0.87 2.22 4.25
N CYS A 19 1.40 1.39 3.35
CA CYS A 19 0.78 0.11 3.03
C CYS A 19 0.30 -0.59 4.30
N LEU A 20 -0.54 -1.60 4.13
CA LEU A 20 -1.08 -2.36 5.25
C LEU A 20 0.03 -3.14 5.95
N CYS A 21 0.99 -3.63 5.18
CA CYS A 21 2.11 -4.38 5.72
C CYS A 21 3.05 -3.49 6.53
N ASN A 22 2.72 -2.20 6.57
CA ASN A 22 3.53 -1.23 7.31
C ASN A 22 4.97 -1.22 6.79
N GLN A 23 5.10 -1.04 5.49
CA GLN A 23 6.42 -1.00 4.85
C GLN A 23 6.61 0.28 4.05
N VAL A 24 7.85 0.60 3.72
CA VAL A 24 8.16 1.80 2.94
C VAL A 24 7.55 1.72 1.54
N SER A 25 6.92 2.80 1.12
CA SER A 25 6.30 2.86 -0.20
C SER A 25 7.31 2.55 -1.29
N TYR A 26 7.18 1.37 -1.90
CA TYR A 26 8.08 0.94 -2.96
C TYR A 26 7.30 0.36 -4.13
N GLY A 27 8.01 0.04 -5.21
CA GLY A 27 7.37 -0.53 -6.38
C GLY A 27 6.08 0.18 -6.74
N GLU A 28 5.30 -0.43 -7.62
CA GLU A 28 4.03 0.14 -8.06
C GLU A 28 3.10 0.33 -6.87
N MET A 29 2.47 1.50 -6.79
CA MET A 29 1.55 1.81 -5.71
C MET A 29 0.36 2.63 -6.21
N ILE A 30 -0.79 2.44 -5.58
CA ILE A 30 -2.00 3.16 -5.97
C ILE A 30 -2.54 3.99 -4.81
N GLY A 31 -3.30 5.03 -5.14
CA GLY A 31 -3.85 5.89 -4.11
C GLY A 31 -5.34 5.66 -3.91
N CYS A 32 -5.69 5.03 -2.79
CA CYS A 32 -7.09 4.74 -2.49
C CYS A 32 -7.98 5.92 -2.85
N ASP A 33 -8.78 5.74 -3.90
CA ASP A 33 -9.69 6.78 -4.35
C ASP A 33 -10.30 7.53 -3.17
N ASN A 34 -10.53 6.80 -2.07
CA ASN A 34 -11.11 7.39 -0.87
C ASN A 34 -10.16 8.42 -0.26
N GLU A 35 -10.44 9.70 -0.52
CA GLU A 35 -9.61 10.78 0.00
C GLU A 35 -9.37 10.60 1.50
N GLN A 36 -10.46 10.51 2.26
CA GLN A 36 -10.36 10.34 3.71
C GLN A 36 -9.19 9.44 4.07
N CYS A 37 -9.01 8.37 3.31
CA CYS A 37 -7.92 7.43 3.56
C CYS A 37 -6.62 8.17 3.86
N PRO A 38 -6.18 8.11 5.13
CA PRO A 38 -4.96 8.76 5.57
C PRO A 38 -3.71 8.09 5.01
N ILE A 39 -3.90 7.01 4.26
CA ILE A 39 -2.79 6.28 3.66
C ILE A 39 -2.70 6.56 2.17
N GLU A 40 -3.81 6.35 1.46
CA GLU A 40 -3.85 6.57 0.02
C GLU A 40 -2.55 6.11 -0.64
N TRP A 41 -2.00 5.01 -0.15
CA TRP A 41 -0.76 4.48 -0.69
C TRP A 41 -0.57 3.02 -0.29
N PHE A 42 -0.73 2.12 -1.26
CA PHE A 42 -0.58 0.69 -1.00
C PHE A 42 0.12 0.00 -2.17
N HIS A 43 0.79 -1.11 -1.87
CA HIS A 43 1.50 -1.86 -2.89
C HIS A 43 0.55 -2.70 -3.73
N PHE A 44 1.02 -3.16 -4.88
CA PHE A 44 0.20 -3.96 -5.78
C PHE A 44 0.14 -5.42 -5.30
N SER A 45 1.29 -6.08 -5.32
CA SER A 45 1.37 -7.47 -4.90
C SER A 45 0.61 -7.69 -3.60
N CYS A 46 0.57 -6.66 -2.75
CA CYS A 46 -0.13 -6.73 -1.48
C CYS A 46 -1.64 -6.78 -1.68
N VAL A 47 -2.15 -5.82 -2.44
CA VAL A 47 -3.58 -5.75 -2.72
C VAL A 47 -3.96 -6.64 -3.91
N SER A 48 -3.07 -7.58 -4.23
CA SER A 48 -3.31 -8.50 -5.33
C SER A 48 -3.60 -7.73 -6.63
N LEU A 49 -2.68 -6.84 -6.99
CA LEU A 49 -2.83 -6.04 -8.19
C LEU A 49 -1.76 -6.40 -9.22
N THR A 50 -2.16 -6.42 -10.50
CA THR A 50 -1.24 -6.75 -11.57
C THR A 50 -0.82 -5.50 -12.34
N TYR A 51 -1.67 -4.48 -12.30
CA TYR A 51 -1.39 -3.23 -13.00
C TYR A 51 -2.42 -2.17 -12.64
N LYS A 52 -2.08 -0.91 -12.90
CA LYS A 52 -2.98 0.21 -12.61
C LYS A 52 -4.38 -0.07 -13.13
N PRO A 53 -5.33 -0.31 -12.20
CA PRO A 53 -6.72 -0.59 -12.54
C PRO A 53 -7.43 0.63 -13.10
N LYS A 54 -7.98 0.49 -14.30
CA LYS A 54 -8.70 1.58 -14.96
C LYS A 54 -9.97 1.93 -14.20
N GLY A 55 -10.26 3.23 -14.09
CA GLY A 55 -11.44 3.66 -13.38
C GLY A 55 -11.15 4.12 -11.96
N LYS A 56 -11.57 3.32 -10.99
CA LYS A 56 -11.35 3.64 -9.58
C LYS A 56 -10.77 2.45 -8.84
N TRP A 57 -10.34 2.67 -7.60
CA TRP A 57 -9.77 1.61 -6.78
C TRP A 57 -9.75 2.00 -5.31
N TYR A 58 -10.46 1.24 -4.48
CA TYR A 58 -10.52 1.52 -3.05
C TYR A 58 -9.83 0.42 -2.26
N CYS A 59 -8.79 0.80 -1.52
CA CYS A 59 -8.04 -0.15 -0.70
C CYS A 59 -8.98 -1.15 -0.03
N PRO A 60 -8.45 -2.34 0.29
CA PRO A 60 -9.22 -3.41 0.94
C PRO A 60 -9.56 -3.07 2.38
N LYS A 61 -9.08 -1.91 2.84
CA LYS A 61 -9.34 -1.47 4.20
C LYS A 61 -10.58 -0.57 4.27
N CYS A 62 -10.87 0.09 3.16
CA CYS A 62 -12.01 0.99 3.08
C CYS A 62 -13.22 0.27 2.47
N ARG A 63 -12.95 -0.58 1.48
CA ARG A 63 -14.01 -1.33 0.81
C ARG A 63 -14.41 -2.56 1.62
N GLY A 64 -14.03 -2.56 2.90
CA GLY A 64 -14.36 -3.69 3.76
C GLY A 64 -15.83 -4.01 3.75
N ASP A 65 -16.16 -5.30 3.77
CA ASP A 65 -17.54 -5.74 3.76
C ASP A 65 -18.17 -5.58 5.14
N SER A 66 -17.47 -6.04 6.17
CA SER A 66 -17.97 -5.94 7.54
C SER A 66 -17.22 -4.86 8.31
N GLY A 67 -17.77 -3.66 8.31
CA GLY A 67 -17.15 -2.55 9.02
C GLY A 67 -16.53 -1.54 8.07
N PRO A 68 -17.38 -0.69 7.47
CA PRO A 68 -16.93 0.34 6.52
C PRO A 68 -16.16 1.46 7.22
N SER A 69 -16.67 1.90 8.37
CA SER A 69 -16.03 2.96 9.13
C SER A 69 -15.55 2.45 10.49
N SER A 70 -14.34 2.84 10.87
CA SER A 70 -13.77 2.43 12.15
C SER A 70 -12.96 3.56 12.78
N GLY A 71 -12.72 3.45 14.07
CA GLY A 71 -11.96 4.47 14.78
C GLY A 71 -12.85 5.51 15.44
ZN ZN B . 2.61 -3.85 1.31
ZN ZN C . -8.64 3.44 1.77
N GLY A 1 22.50 -9.86 -21.52
CA GLY A 1 21.36 -8.98 -21.35
C GLY A 1 21.66 -7.82 -20.41
N SER A 2 20.74 -6.86 -20.36
CA SER A 2 20.91 -5.70 -19.51
C SER A 2 19.83 -5.65 -18.42
N SER A 3 20.03 -6.44 -17.38
CA SER A 3 19.07 -6.50 -16.28
C SER A 3 19.76 -6.90 -14.97
N GLY A 4 19.00 -6.88 -13.88
CA GLY A 4 19.55 -7.23 -12.59
C GLY A 4 19.04 -6.34 -11.47
N SER A 5 18.20 -6.90 -10.62
CA SER A 5 17.62 -6.15 -9.51
C SER A 5 18.57 -6.16 -8.30
N SER A 6 19.83 -5.83 -8.55
CA SER A 6 20.84 -5.80 -7.49
C SER A 6 21.09 -4.38 -7.04
N GLY A 7 20.71 -4.08 -5.79
CA GLY A 7 20.91 -2.75 -5.25
C GLY A 7 21.24 -2.77 -3.77
N GLU A 8 21.07 -1.63 -3.12
CA GLU A 8 21.35 -1.51 -1.69
C GLU A 8 20.36 -0.57 -1.01
N PHE A 9 19.91 -0.96 0.19
CA PHE A 9 18.96 -0.15 0.94
C PHE A 9 19.21 -0.29 2.44
N ALA A 10 18.68 0.67 3.21
CA ALA A 10 18.85 0.66 4.65
C ALA A 10 17.49 0.72 5.36
N ILE A 11 17.09 -0.39 5.98
CA ILE A 11 15.82 -0.46 6.68
C ILE A 11 15.89 0.27 8.02
N ASP A 12 15.09 1.32 8.15
CA ASP A 12 15.07 2.11 9.38
C ASP A 12 13.67 2.64 9.65
N PRO A 13 13.33 2.79 10.94
CA PRO A 13 12.01 3.28 11.37
C PRO A 13 11.81 4.76 11.04
N ASN A 14 12.93 5.47 10.85
CA ASN A 14 12.87 6.89 10.53
C ASN A 14 11.73 7.19 9.56
N GLU A 15 11.73 6.51 8.42
CA GLU A 15 10.70 6.71 7.42
C GLU A 15 9.42 5.96 7.79
N PRO A 16 8.28 6.66 7.72
CA PRO A 16 6.97 6.09 8.05
C PRO A 16 6.51 5.06 7.03
N THR A 17 5.48 4.30 7.38
CA THR A 17 4.94 3.28 6.49
C THR A 17 3.50 3.57 6.12
N TYR A 18 3.03 2.97 5.04
CA TYR A 18 1.66 3.16 4.58
C TYR A 18 0.97 1.83 4.35
N CYS A 19 1.46 1.06 3.39
CA CYS A 19 0.89 -0.24 3.08
C CYS A 19 0.59 -1.03 4.35
N LEU A 20 -0.18 -2.10 4.21
CA LEU A 20 -0.54 -2.94 5.35
C LEU A 20 0.68 -3.69 5.87
N CYS A 21 1.55 -4.10 4.95
CA CYS A 21 2.76 -4.82 5.32
C CYS A 21 3.69 -3.95 6.16
N ASN A 22 3.32 -2.68 6.31
CA ASN A 22 4.12 -1.75 7.08
C ASN A 22 5.50 -1.57 6.47
N GLN A 23 5.54 -1.24 5.18
CA GLN A 23 6.79 -1.04 4.47
C GLN A 23 6.84 0.33 3.81
N VAL A 24 8.04 0.80 3.50
CA VAL A 24 8.21 2.10 2.86
C VAL A 24 7.72 2.07 1.41
N SER A 25 7.27 3.23 0.93
CA SER A 25 6.76 3.34 -0.43
C SER A 25 7.87 3.06 -1.45
N TYR A 26 7.58 2.20 -2.41
CA TYR A 26 8.55 1.84 -3.44
C TYR A 26 7.85 1.17 -4.62
N GLY A 27 8.62 0.95 -5.70
CA GLY A 27 8.06 0.31 -6.87
C GLY A 27 6.78 0.97 -7.34
N GLU A 28 5.75 0.16 -7.60
CA GLU A 28 4.47 0.68 -8.05
C GLU A 28 3.44 0.66 -6.93
N MET A 29 2.70 1.75 -6.79
CA MET A 29 1.69 1.87 -5.75
C MET A 29 0.46 2.62 -6.27
N ILE A 30 -0.62 2.55 -5.51
CA ILE A 30 -1.86 3.24 -5.88
C ILE A 30 -2.42 4.05 -4.72
N GLY A 31 -3.22 5.06 -5.05
CA GLY A 31 -3.81 5.90 -4.02
C GLY A 31 -5.30 5.65 -3.85
N CYS A 32 -5.67 5.02 -2.73
CA CYS A 32 -7.06 4.72 -2.46
C CYS A 32 -7.96 5.92 -2.78
N ASP A 33 -8.84 5.75 -3.76
CA ASP A 33 -9.74 6.82 -4.17
C ASP A 33 -10.17 7.66 -2.97
N ASN A 34 -10.34 7.00 -1.82
CA ASN A 34 -10.74 7.70 -0.60
C ASN A 34 -9.66 8.67 -0.14
N GLU A 35 -9.98 9.95 -0.14
CA GLU A 35 -9.04 10.98 0.27
C GLU A 35 -8.72 10.87 1.76
N GLN A 36 -9.77 10.84 2.58
CA GLN A 36 -9.62 10.73 4.02
C GLN A 36 -8.66 9.60 4.38
N CYS A 37 -8.58 8.60 3.52
CA CYS A 37 -7.69 7.46 3.74
C CYS A 37 -6.36 7.91 4.32
N PRO A 38 -6.05 7.47 5.55
CA PRO A 38 -4.81 7.82 6.24
C PRO A 38 -3.59 7.17 5.60
N ILE A 39 -3.84 6.31 4.61
CA ILE A 39 -2.76 5.61 3.92
C ILE A 39 -2.71 6.00 2.45
N GLU A 40 -3.85 5.87 1.77
CA GLU A 40 -3.94 6.22 0.35
C GLU A 40 -2.66 5.82 -0.38
N TRP A 41 -2.05 4.72 0.05
CA TRP A 41 -0.82 4.24 -0.56
C TRP A 41 -0.60 2.76 -0.26
N PHE A 42 -0.68 1.93 -1.31
CA PHE A 42 -0.50 0.50 -1.16
C PHE A 42 0.21 -0.09 -2.36
N HIS A 43 1.00 -1.15 -2.14
CA HIS A 43 1.73 -1.80 -3.21
C HIS A 43 0.81 -2.66 -4.06
N PHE A 44 1.25 -2.97 -5.28
CA PHE A 44 0.45 -3.79 -6.18
C PHE A 44 0.45 -5.25 -5.74
N SER A 45 1.63 -5.87 -5.79
CA SER A 45 1.78 -7.28 -5.39
C SER A 45 0.97 -7.56 -4.13
N CYS A 46 1.07 -6.67 -3.15
CA CYS A 46 0.36 -6.83 -1.90
C CYS A 46 -1.15 -6.89 -2.12
N VAL A 47 -1.68 -5.92 -2.85
CA VAL A 47 -3.11 -5.87 -3.15
C VAL A 47 -3.45 -6.73 -4.35
N SER A 48 -2.61 -7.73 -4.61
CA SER A 48 -2.81 -8.63 -5.73
C SER A 48 -3.10 -7.86 -7.01
N LEU A 49 -2.21 -6.92 -7.34
CA LEU A 49 -2.36 -6.11 -8.54
C LEU A 49 -1.21 -6.34 -9.51
N THR A 50 -1.50 -6.20 -10.80
CA THR A 50 -0.48 -6.40 -11.83
C THR A 50 -0.20 -5.10 -12.58
N TYR A 51 -1.23 -4.27 -12.72
CA TYR A 51 -1.09 -2.99 -13.41
C TYR A 51 -2.21 -2.03 -13.01
N LYS A 52 -1.91 -0.74 -13.07
CA LYS A 52 -2.89 0.28 -12.72
C LYS A 52 -4.29 -0.12 -13.15
N PRO A 53 -5.17 -0.35 -12.16
CA PRO A 53 -6.56 -0.76 -12.42
C PRO A 53 -7.39 0.37 -13.03
N LYS A 54 -7.71 0.24 -14.31
CA LYS A 54 -8.50 1.25 -15.00
C LYS A 54 -9.77 1.58 -14.22
N GLY A 55 -9.86 2.82 -13.74
CA GLY A 55 -11.02 3.24 -12.98
C GLY A 55 -10.68 3.63 -11.56
N LYS A 56 -11.64 3.45 -10.65
CA LYS A 56 -11.43 3.79 -9.25
C LYS A 56 -10.98 2.57 -8.45
N TRP A 57 -10.10 2.79 -7.48
CA TRP A 57 -9.60 1.70 -6.65
C TRP A 57 -9.67 2.07 -5.18
N TYR A 58 -10.33 1.24 -4.38
CA TYR A 58 -10.48 1.48 -2.96
C TYR A 58 -9.74 0.42 -2.15
N CYS A 59 -8.82 0.87 -1.29
CA CYS A 59 -8.05 -0.03 -0.46
C CYS A 59 -8.95 -1.09 0.18
N PRO A 60 -8.34 -2.24 0.53
CA PRO A 60 -9.07 -3.35 1.16
C PRO A 60 -9.51 -3.03 2.58
N LYS A 61 -9.18 -1.82 3.03
CA LYS A 61 -9.54 -1.39 4.38
C LYS A 61 -10.80 -0.53 4.36
N CYS A 62 -11.06 0.12 3.24
CA CYS A 62 -12.23 0.97 3.08
C CYS A 62 -13.38 0.20 2.43
N ARG A 63 -13.03 -0.69 1.50
CA ARG A 63 -14.03 -1.48 0.79
C ARG A 63 -14.45 -2.69 1.63
N GLY A 64 -14.29 -2.58 2.94
CA GLY A 64 -14.66 -3.66 3.83
C GLY A 64 -16.17 -3.75 4.04
N ASP A 65 -16.74 -4.90 3.73
CA ASP A 65 -18.17 -5.11 3.88
C ASP A 65 -18.49 -6.59 4.05
N SER A 66 -19.64 -6.88 4.65
CA SER A 66 -20.06 -8.26 4.88
C SER A 66 -20.93 -8.76 3.73
N GLY A 67 -20.56 -9.92 3.18
CA GLY A 67 -21.31 -10.49 2.08
C GLY A 67 -20.73 -11.82 1.62
N PRO A 68 -19.46 -11.79 1.19
CA PRO A 68 -18.77 -13.00 0.71
C PRO A 68 -18.47 -13.99 1.83
N SER A 69 -18.54 -13.50 3.06
CA SER A 69 -18.27 -14.34 4.24
C SER A 69 -19.53 -15.08 4.67
N SER A 70 -19.42 -16.40 4.81
CA SER A 70 -20.55 -17.22 5.22
C SER A 70 -20.57 -17.41 6.74
N GLY A 71 -21.69 -17.91 7.26
CA GLY A 71 -21.82 -18.13 8.68
C GLY A 71 -21.57 -19.57 9.07
ZN ZN B . 2.89 -3.88 0.97
ZN ZN C . -8.76 3.53 1.77
N GLY A 1 9.22 8.94 -24.80
CA GLY A 1 9.17 7.77 -23.95
C GLY A 1 9.94 7.96 -22.66
N SER A 2 9.82 6.99 -21.76
CA SER A 2 10.51 7.06 -20.46
C SER A 2 11.27 5.76 -20.19
N SER A 3 12.25 5.83 -19.29
CA SER A 3 13.05 4.67 -18.94
C SER A 3 13.74 4.88 -17.59
N GLY A 4 13.84 3.80 -16.82
CA GLY A 4 14.48 3.88 -15.52
C GLY A 4 15.58 2.85 -15.35
N SER A 5 16.21 2.86 -14.18
CA SER A 5 17.30 1.92 -13.90
C SER A 5 16.89 0.93 -12.81
N SER A 6 16.18 -0.12 -13.22
CA SER A 6 15.71 -1.14 -12.28
C SER A 6 16.90 -1.89 -11.68
N GLY A 7 16.76 -2.29 -10.42
CA GLY A 7 17.82 -3.01 -9.75
C GLY A 7 17.53 -3.23 -8.28
N GLU A 8 17.97 -2.28 -7.44
CA GLU A 8 17.75 -2.37 -6.00
C GLU A 8 17.83 -0.99 -5.36
N PHE A 9 17.34 -0.89 -4.12
CA PHE A 9 17.36 0.37 -3.39
C PHE A 9 17.37 0.12 -1.89
N ALA A 10 18.45 0.56 -1.24
CA ALA A 10 18.59 0.39 0.20
C ALA A 10 17.38 0.93 0.94
N ILE A 11 16.97 0.22 1.98
CA ILE A 11 15.81 0.64 2.77
C ILE A 11 16.13 1.86 3.62
N ASP A 12 15.53 2.99 3.27
CA ASP A 12 15.76 4.23 4.00
C ASP A 12 14.89 4.29 5.26
N PRO A 13 15.54 4.63 6.39
CA PRO A 13 14.85 4.72 7.69
C PRO A 13 13.89 5.91 7.75
N ASN A 14 14.38 7.08 7.38
CA ASN A 14 13.57 8.29 7.40
C ASN A 14 12.22 8.04 6.73
N GLU A 15 12.25 7.58 5.49
CA GLU A 15 11.03 7.30 4.74
C GLU A 15 9.99 6.63 5.63
N PRO A 16 8.82 7.26 5.76
CA PRO A 16 7.73 6.74 6.58
C PRO A 16 7.09 5.49 5.97
N THR A 17 5.97 5.07 6.54
CA THR A 17 5.26 3.89 6.06
C THR A 17 3.80 4.19 5.80
N TYR A 18 3.26 3.65 4.72
CA TYR A 18 1.86 3.86 4.36
C TYR A 18 1.11 2.54 4.29
N CYS A 19 1.50 1.69 3.34
CA CYS A 19 0.87 0.39 3.16
C CYS A 19 0.60 -0.27 4.51
N LEU A 20 -0.25 -1.29 4.51
CA LEU A 20 -0.59 -2.01 5.72
C LEU A 20 0.61 -2.75 6.28
N CYS A 21 1.44 -3.28 5.37
CA CYS A 21 2.64 -4.01 5.76
C CYS A 21 3.61 -3.10 6.51
N ASN A 22 3.38 -1.80 6.41
CA ASN A 22 4.24 -0.81 7.07
C ASN A 22 5.62 -0.80 6.44
N GLN A 23 5.67 -0.74 5.11
CA GLN A 23 6.94 -0.72 4.39
C GLN A 23 7.09 0.58 3.60
N VAL A 24 8.35 0.97 3.36
CA VAL A 24 8.62 2.20 2.62
C VAL A 24 8.15 2.07 1.17
N SER A 25 7.55 3.15 0.66
CA SER A 25 7.05 3.17 -0.71
C SER A 25 8.04 2.48 -1.65
N TYR A 26 7.54 1.53 -2.43
CA TYR A 26 8.36 0.80 -3.37
C TYR A 26 7.50 0.10 -4.42
N GLY A 27 8.12 -0.23 -5.56
CA GLY A 27 7.40 -0.91 -6.62
C GLY A 27 6.18 -0.14 -7.07
N GLU A 28 5.16 -0.86 -7.53
CA GLU A 28 3.92 -0.23 -7.99
C GLU A 28 2.99 0.04 -6.82
N MET A 29 2.40 1.23 -6.81
CA MET A 29 1.47 1.62 -5.75
C MET A 29 0.27 2.37 -6.32
N ILE A 30 -0.78 2.49 -5.52
CA ILE A 30 -1.99 3.17 -5.94
C ILE A 30 -2.56 4.03 -4.82
N GLY A 31 -3.22 5.13 -5.19
CA GLY A 31 -3.80 6.02 -4.21
C GLY A 31 -5.27 5.74 -3.97
N CYS A 32 -5.60 5.32 -2.75
CA CYS A 32 -6.98 5.01 -2.39
C CYS A 32 -7.90 6.17 -2.74
N ASP A 33 -8.75 5.96 -3.74
CA ASP A 33 -9.70 6.99 -4.17
C ASP A 33 -10.29 7.72 -2.97
N ASN A 34 -10.57 6.98 -1.90
CA ASN A 34 -11.13 7.56 -0.69
C ASN A 34 -10.16 8.54 -0.05
N GLU A 35 -10.40 9.84 -0.28
CA GLU A 35 -9.55 10.88 0.28
C GLU A 35 -9.35 10.68 1.78
N GLN A 36 -10.45 10.52 2.50
CA GLN A 36 -10.39 10.33 3.94
C GLN A 36 -9.22 9.42 4.32
N CYS A 37 -9.00 8.39 3.52
CA CYS A 37 -7.91 7.44 3.77
C CYS A 37 -6.61 8.19 4.08
N PRO A 38 -6.16 8.10 5.34
CA PRO A 38 -4.93 8.77 5.79
C PRO A 38 -3.68 8.11 5.20
N ILE A 39 -3.88 7.06 4.41
CA ILE A 39 -2.77 6.36 3.78
C ILE A 39 -2.70 6.67 2.29
N GLU A 40 -3.79 6.41 1.59
CA GLU A 40 -3.86 6.67 0.15
C GLU A 40 -2.57 6.20 -0.53
N TRP A 41 -2.02 5.09 -0.07
CA TRP A 41 -0.80 4.54 -0.63
C TRP A 41 -0.61 3.09 -0.23
N PHE A 42 -0.72 2.19 -1.21
CA PHE A 42 -0.56 0.76 -0.94
C PHE A 42 0.11 0.06 -2.12
N HIS A 43 0.76 -1.07 -1.84
CA HIS A 43 1.45 -1.82 -2.88
C HIS A 43 0.46 -2.69 -3.66
N PHE A 44 0.85 -3.06 -4.88
CA PHE A 44 0.00 -3.89 -5.72
C PHE A 44 -0.11 -5.31 -5.17
N SER A 45 1.04 -5.99 -5.08
CA SER A 45 1.07 -7.35 -4.56
C SER A 45 0.30 -7.46 -3.26
N CYS A 46 0.40 -6.43 -2.43
CA CYS A 46 -0.30 -6.42 -1.15
C CYS A 46 -1.81 -6.34 -1.35
N VAL A 47 -2.25 -5.39 -2.16
CA VAL A 47 -3.67 -5.21 -2.44
C VAL A 47 -4.14 -6.17 -3.52
N SER A 48 -3.39 -7.24 -3.72
CA SER A 48 -3.73 -8.23 -4.74
C SER A 48 -4.03 -7.57 -6.07
N LEU A 49 -3.09 -6.77 -6.55
CA LEU A 49 -3.26 -6.07 -7.82
C LEU A 49 -2.20 -6.52 -8.83
N THR A 50 -2.61 -6.63 -10.09
CA THR A 50 -1.71 -7.06 -11.15
C THR A 50 -1.25 -5.86 -11.98
N TYR A 51 -2.14 -4.91 -12.21
CA TYR A 51 -1.82 -3.73 -12.98
C TYR A 51 -2.80 -2.59 -12.66
N LYS A 52 -2.33 -1.36 -12.86
CA LYS A 52 -3.15 -0.18 -12.59
C LYS A 52 -4.59 -0.41 -13.05
N PRO A 53 -5.50 -0.58 -12.08
CA PRO A 53 -6.92 -0.81 -12.36
C PRO A 53 -7.61 0.43 -12.92
N LYS A 54 -8.19 0.30 -14.11
CA LYS A 54 -8.89 1.41 -14.75
C LYS A 54 -9.82 2.10 -13.78
N GLY A 55 -10.15 3.36 -14.06
CA GLY A 55 -11.05 4.11 -13.19
C GLY A 55 -10.44 4.38 -11.83
N LYS A 56 -11.27 4.28 -10.79
CA LYS A 56 -10.81 4.52 -9.43
C LYS A 56 -10.48 3.20 -8.74
N TRP A 57 -9.95 3.30 -7.51
CA TRP A 57 -9.59 2.11 -6.74
C TRP A 57 -9.63 2.41 -5.25
N TYR A 58 -10.27 1.52 -4.50
CA TYR A 58 -10.39 1.68 -3.05
C TYR A 58 -9.62 0.58 -2.32
N CYS A 59 -8.79 0.98 -1.37
CA CYS A 59 -7.99 0.04 -0.59
C CYS A 59 -8.88 -1.03 0.04
N PRO A 60 -8.30 -2.20 0.31
CA PRO A 60 -9.02 -3.32 0.92
C PRO A 60 -9.39 -3.05 2.38
N LYS A 61 -9.04 -1.86 2.87
CA LYS A 61 -9.33 -1.47 4.24
C LYS A 61 -10.60 -0.63 4.31
N CYS A 62 -10.90 0.08 3.22
CA CYS A 62 -12.07 0.93 3.16
C CYS A 62 -13.27 0.16 2.59
N ARG A 63 -13.05 -0.48 1.44
CA ARG A 63 -14.11 -1.24 0.79
C ARG A 63 -14.68 -2.30 1.73
N GLY A 64 -13.86 -2.73 2.69
CA GLY A 64 -14.31 -3.73 3.64
C GLY A 64 -15.76 -3.56 4.04
N ASP A 65 -16.62 -4.44 3.54
CA ASP A 65 -18.04 -4.39 3.83
C ASP A 65 -18.31 -4.76 5.29
N SER A 66 -18.65 -3.75 6.10
CA SER A 66 -18.93 -3.97 7.51
C SER A 66 -20.26 -4.69 7.70
N GLY A 67 -20.53 -5.11 8.94
CA GLY A 67 -21.77 -5.80 9.23
C GLY A 67 -22.00 -5.96 10.72
N PRO A 68 -21.11 -6.70 11.39
CA PRO A 68 -21.21 -6.94 12.83
C PRO A 68 -20.93 -5.69 13.65
N SER A 69 -20.04 -4.84 13.14
CA SER A 69 -19.68 -3.61 13.83
C SER A 69 -20.69 -2.51 13.54
N SER A 70 -20.69 -1.48 14.37
CA SER A 70 -21.61 -0.36 14.20
C SER A 70 -21.60 0.14 12.77
N GLY A 71 -20.41 0.46 12.27
CA GLY A 71 -20.29 0.96 10.91
C GLY A 71 -20.79 2.38 10.76
ZN ZN B . 2.58 -3.51 1.29
ZN ZN C . -8.65 3.50 1.84
N GLY A 1 32.74 -0.09 31.81
CA GLY A 1 32.11 -0.20 30.51
C GLY A 1 30.74 -0.86 30.59
N SER A 2 29.84 -0.26 31.37
CA SER A 2 28.50 -0.80 31.53
C SER A 2 27.85 -1.06 30.18
N SER A 3 27.78 -2.32 29.79
CA SER A 3 27.19 -2.71 28.51
C SER A 3 26.06 -3.71 28.72
N GLY A 4 25.14 -3.76 27.76
CA GLY A 4 24.02 -4.69 27.85
C GLY A 4 23.80 -5.47 26.57
N SER A 5 22.71 -5.19 25.88
CA SER A 5 22.39 -5.88 24.64
C SER A 5 22.43 -4.92 23.46
N SER A 6 23.60 -4.78 22.85
CA SER A 6 23.78 -3.89 21.71
C SER A 6 24.50 -4.61 20.57
N GLY A 7 23.74 -5.39 19.81
CA GLY A 7 24.31 -6.11 18.69
C GLY A 7 24.49 -5.24 17.46
N GLU A 8 24.56 -5.88 16.30
CA GLU A 8 24.74 -5.15 15.04
C GLU A 8 23.71 -4.04 14.91
N PHE A 9 24.16 -2.86 14.49
CA PHE A 9 23.28 -1.71 14.33
C PHE A 9 22.54 -1.79 13.00
N ALA A 10 21.53 -0.94 12.84
CA ALA A 10 20.74 -0.90 11.62
C ALA A 10 20.48 0.53 11.17
N ILE A 11 20.88 0.85 9.95
CA ILE A 11 20.70 2.19 9.40
C ILE A 11 19.48 2.24 8.48
N ASP A 12 18.60 3.20 8.74
CA ASP A 12 17.39 3.36 7.93
C ASP A 12 17.17 4.83 7.58
N PRO A 13 16.58 5.07 6.39
CA PRO A 13 16.31 6.42 5.92
C PRO A 13 15.19 7.10 6.71
N ASN A 14 14.71 6.41 7.74
CA ASN A 14 13.63 6.95 8.58
C ASN A 14 12.36 7.16 7.77
N GLU A 15 12.15 6.31 6.77
CA GLU A 15 10.98 6.40 5.92
C GLU A 15 9.76 5.78 6.60
N PRO A 16 8.66 6.54 6.66
CA PRO A 16 7.41 6.09 7.29
C PRO A 16 6.72 4.98 6.48
N THR A 17 5.72 4.36 7.08
CA THR A 17 4.99 3.29 6.42
C THR A 17 3.55 3.69 6.14
N TYR A 18 2.95 3.09 5.12
CA TYR A 18 1.57 3.39 4.76
C TYR A 18 0.76 2.11 4.57
N CYS A 19 1.17 1.30 3.60
CA CYS A 19 0.49 0.05 3.32
C CYS A 19 0.11 -0.68 4.61
N LEU A 20 -0.77 -1.66 4.50
CA LEU A 20 -1.21 -2.43 5.66
C LEU A 20 -0.06 -3.20 6.28
N CYS A 21 0.92 -3.57 5.45
CA CYS A 21 2.08 -4.31 5.91
C CYS A 21 3.06 -3.39 6.64
N ASN A 22 2.64 -2.14 6.86
CA ASN A 22 3.48 -1.17 7.54
C ASN A 22 4.90 -1.18 6.98
N GLN A 23 5.01 -1.01 5.67
CA GLN A 23 6.32 -1.00 5.01
C GLN A 23 6.51 0.28 4.19
N VAL A 24 7.77 0.63 3.96
CA VAL A 24 8.08 1.83 3.19
C VAL A 24 7.53 1.73 1.76
N SER A 25 7.22 2.88 1.18
CA SER A 25 6.68 2.93 -0.18
C SER A 25 7.71 2.40 -1.19
N TYR A 26 7.28 1.48 -2.03
CA TYR A 26 8.16 0.89 -3.03
C TYR A 26 7.35 0.24 -4.15
N GLY A 27 8.05 -0.18 -5.20
CA GLY A 27 7.38 -0.81 -6.33
C GLY A 27 6.20 -0.01 -6.84
N GLU A 28 5.12 -0.70 -7.20
CA GLU A 28 3.93 -0.03 -7.70
C GLU A 28 2.93 0.23 -6.59
N MET A 29 2.39 1.45 -6.55
CA MET A 29 1.42 1.83 -5.53
C MET A 29 0.34 2.73 -6.11
N ILE A 30 -0.90 2.54 -5.65
CA ILE A 30 -2.01 3.35 -6.14
C ILE A 30 -2.62 4.17 -5.00
N GLY A 31 -3.20 5.31 -5.35
CA GLY A 31 -3.82 6.17 -4.35
C GLY A 31 -5.27 5.82 -4.11
N CYS A 32 -5.56 5.24 -2.95
CA CYS A 32 -6.92 4.87 -2.61
C CYS A 32 -7.90 6.00 -2.92
N ASP A 33 -8.70 5.81 -3.95
CA ASP A 33 -9.68 6.82 -4.36
C ASP A 33 -10.25 7.54 -3.14
N ASN A 34 -10.48 6.80 -2.07
CA ASN A 34 -11.03 7.36 -0.85
C ASN A 34 -10.06 8.38 -0.24
N GLU A 35 -10.40 9.65 -0.32
CA GLU A 35 -9.56 10.72 0.21
C GLU A 35 -9.35 10.52 1.71
N GLN A 36 -10.44 10.50 2.46
CA GLN A 36 -10.37 10.32 3.91
C GLN A 36 -9.24 9.37 4.29
N CYS A 37 -9.06 8.33 3.48
CA CYS A 37 -8.01 7.35 3.73
C CYS A 37 -6.68 8.04 4.06
N PRO A 38 -6.26 7.93 5.34
CA PRO A 38 -5.01 8.54 5.80
C PRO A 38 -3.78 7.83 5.22
N ILE A 39 -4.01 6.78 4.45
CA ILE A 39 -2.92 6.02 3.85
C ILE A 39 -2.77 6.37 2.38
N GLU A 40 -3.85 6.23 1.62
CA GLU A 40 -3.84 6.53 0.20
C GLU A 40 -2.57 5.99 -0.46
N TRP A 41 -2.08 4.87 0.05
CA TRP A 41 -0.87 4.26 -0.48
C TRP A 41 -0.81 2.77 -0.13
N PHE A 42 -0.88 1.92 -1.15
CA PHE A 42 -0.83 0.48 -0.94
C PHE A 42 -0.09 -0.21 -2.08
N HIS A 43 0.54 -1.34 -1.76
CA HIS A 43 1.30 -2.10 -2.76
C HIS A 43 0.35 -2.95 -3.61
N PHE A 44 0.80 -3.26 -4.83
CA PHE A 44 0.00 -4.06 -5.75
C PHE A 44 -0.10 -5.50 -5.26
N SER A 45 1.04 -6.16 -5.11
CA SER A 45 1.08 -7.55 -4.65
C SER A 45 0.23 -7.72 -3.39
N CYS A 46 0.27 -6.73 -2.51
CA CYS A 46 -0.50 -6.77 -1.27
C CYS A 46 -2.00 -6.78 -1.56
N VAL A 47 -2.43 -5.89 -2.46
CA VAL A 47 -3.84 -5.80 -2.82
C VAL A 47 -4.15 -6.67 -4.03
N SER A 48 -3.39 -7.76 -4.19
CA SER A 48 -3.58 -8.66 -5.31
C SER A 48 -3.86 -7.89 -6.60
N LEU A 49 -2.95 -6.97 -6.94
CA LEU A 49 -3.08 -6.17 -8.14
C LEU A 49 -1.99 -6.50 -9.15
N THR A 50 -2.40 -6.90 -10.35
CA THR A 50 -1.45 -7.25 -11.41
C THR A 50 -1.12 -6.03 -12.26
N TYR A 51 -2.05 -5.08 -12.33
CA TYR A 51 -1.84 -3.87 -13.12
C TYR A 51 -2.85 -2.79 -12.73
N LYS A 52 -2.41 -1.54 -12.79
CA LYS A 52 -3.28 -0.42 -12.44
C LYS A 52 -4.72 -0.69 -12.84
N PRO A 53 -5.64 -0.57 -11.87
CA PRO A 53 -7.07 -0.79 -12.10
C PRO A 53 -7.70 0.30 -12.96
N LYS A 54 -8.83 -0.03 -13.58
CA LYS A 54 -9.54 0.92 -14.43
C LYS A 54 -10.57 1.71 -13.62
N GLY A 55 -10.93 2.89 -14.13
CA GLY A 55 -11.89 3.73 -13.45
C GLY A 55 -11.39 4.22 -12.11
N LYS A 56 -11.86 3.59 -11.04
CA LYS A 56 -11.46 3.96 -9.69
C LYS A 56 -11.02 2.73 -8.89
N TRP A 57 -10.26 2.98 -7.83
CA TRP A 57 -9.77 1.89 -6.99
C TRP A 57 -9.82 2.28 -5.51
N TYR A 58 -10.38 1.40 -4.69
CA TYR A 58 -10.49 1.67 -3.26
C TYR A 58 -9.78 0.58 -2.45
N CYS A 59 -8.80 0.99 -1.65
CA CYS A 59 -8.04 0.06 -0.82
C CYS A 59 -8.98 -0.93 -0.12
N PRO A 60 -8.43 -2.09 0.26
CA PRO A 60 -9.19 -3.14 0.95
C PRO A 60 -9.58 -2.74 2.37
N LYS A 61 -8.88 -1.74 2.91
CA LYS A 61 -9.16 -1.26 4.26
C LYS A 61 -10.45 -0.45 4.29
N CYS A 62 -10.80 0.16 3.16
CA CYS A 62 -12.01 0.97 3.06
C CYS A 62 -13.16 0.14 2.50
N ARG A 63 -12.91 -0.54 1.38
CA ARG A 63 -13.94 -1.37 0.75
C ARG A 63 -14.49 -2.40 1.73
N GLY A 64 -13.63 -2.87 2.62
CA GLY A 64 -14.05 -3.85 3.60
C GLY A 64 -15.38 -3.51 4.24
N ASP A 65 -15.51 -2.28 4.70
CA ASP A 65 -16.73 -1.82 5.34
C ASP A 65 -17.24 -0.54 4.69
N SER A 66 -18.55 -0.35 4.71
CA SER A 66 -19.16 0.84 4.11
C SER A 66 -20.40 1.26 4.90
N GLY A 67 -20.59 2.57 5.05
CA GLY A 67 -21.74 3.07 5.78
C GLY A 67 -21.49 4.46 6.35
N PRO A 68 -21.47 5.47 5.47
CA PRO A 68 -21.24 6.87 5.87
C PRO A 68 -22.41 7.44 6.66
N SER A 69 -22.23 8.64 7.19
CA SER A 69 -23.28 9.30 7.97
C SER A 69 -23.88 10.46 7.19
N SER A 70 -24.10 10.25 5.90
CA SER A 70 -24.66 11.28 5.04
C SER A 70 -25.77 12.05 5.77
N GLY A 71 -26.72 11.32 6.31
CA GLY A 71 -27.81 11.96 7.04
C GLY A 71 -28.57 12.96 6.18
ZN ZN B . 2.15 -3.85 1.47
ZN ZN C . -8.64 3.39 1.68
N GLY A 1 32.16 -7.66 -1.06
CA GLY A 1 31.86 -9.05 -1.33
C GLY A 1 30.98 -9.67 -0.26
N SER A 2 29.89 -10.29 -0.69
CA SER A 2 28.96 -10.91 0.23
C SER A 2 28.18 -12.04 -0.45
N SER A 3 28.30 -13.25 0.10
CA SER A 3 27.61 -14.40 -0.46
C SER A 3 26.12 -14.33 -0.21
N GLY A 4 25.39 -13.75 -1.16
CA GLY A 4 23.95 -13.62 -1.03
C GLY A 4 23.56 -12.45 -0.14
N SER A 5 22.70 -11.58 -0.67
CA SER A 5 22.25 -10.41 0.07
C SER A 5 21.25 -10.81 1.15
N SER A 6 21.43 -10.25 2.34
CA SER A 6 20.54 -10.55 3.47
C SER A 6 19.41 -9.54 3.55
N GLY A 7 18.86 -9.17 2.39
CA GLY A 7 17.77 -8.21 2.36
C GLY A 7 18.01 -7.03 3.28
N GLU A 8 17.01 -6.70 4.07
CA GLU A 8 17.11 -5.58 5.01
C GLU A 8 17.42 -6.08 6.42
N PHE A 9 18.03 -5.21 7.21
CA PHE A 9 18.39 -5.55 8.59
C PHE A 9 18.38 -4.31 9.48
N ALA A 10 17.66 -4.39 10.59
CA ALA A 10 17.56 -3.29 11.53
C ALA A 10 16.92 -2.07 10.88
N ILE A 11 15.82 -2.30 10.16
CA ILE A 11 15.12 -1.22 9.49
C ILE A 11 14.78 -0.10 10.47
N ASP A 12 15.23 1.11 10.14
CA ASP A 12 14.97 2.27 10.99
C ASP A 12 13.47 2.56 11.07
N PRO A 13 12.96 2.70 12.30
CA PRO A 13 11.54 2.99 12.54
C PRO A 13 11.16 4.40 12.11
N ASN A 14 12.16 5.22 11.84
CA ASN A 14 11.92 6.60 11.42
C ASN A 14 11.05 6.64 10.17
N GLU A 15 11.36 5.78 9.21
CA GLU A 15 10.60 5.72 7.97
C GLU A 15 9.14 5.37 8.23
N PRO A 16 8.23 6.15 7.65
CA PRO A 16 6.78 5.95 7.81
C PRO A 16 6.30 4.70 7.09
N THR A 17 5.01 4.39 7.23
CA THR A 17 4.43 3.23 6.60
C THR A 17 3.05 3.55 6.02
N TYR A 18 2.75 2.96 4.86
CA TYR A 18 1.48 3.19 4.20
C TYR A 18 0.79 1.87 3.87
N CYS A 19 1.41 1.09 2.99
CA CYS A 19 0.86 -0.20 2.59
C CYS A 19 0.26 -0.93 3.79
N LEU A 20 -0.59 -1.92 3.50
CA LEU A 20 -1.23 -2.69 4.57
C LEU A 20 -0.19 -3.43 5.40
N CYS A 21 0.84 -3.94 4.74
CA CYS A 21 1.91 -4.67 5.42
C CYS A 21 2.73 -3.74 6.30
N ASN A 22 2.38 -2.44 6.27
CA ASN A 22 3.09 -1.45 7.09
C ASN A 22 4.55 -1.35 6.66
N GLN A 23 4.77 -1.10 5.37
CA GLN A 23 6.12 -0.97 4.84
C GLN A 23 6.28 0.33 4.06
N VAL A 24 7.52 0.67 3.73
CA VAL A 24 7.81 1.89 2.99
C VAL A 24 7.69 1.66 1.49
N SER A 25 7.22 2.68 0.77
CA SER A 25 7.05 2.59 -0.67
C SER A 25 8.33 2.13 -1.35
N TYR A 26 8.22 1.12 -2.21
CA TYR A 26 9.38 0.59 -2.92
C TYR A 26 9.07 0.43 -4.40
N GLY A 27 7.82 0.12 -4.71
CA GLY A 27 7.42 -0.06 -6.10
C GLY A 27 6.16 0.72 -6.44
N GLU A 28 5.50 0.31 -7.51
CA GLU A 28 4.27 0.98 -7.95
C GLU A 28 3.18 0.87 -6.88
N MET A 29 2.54 1.99 -6.58
CA MET A 29 1.47 2.01 -5.59
C MET A 29 0.28 2.83 -6.09
N ILE A 30 -0.92 2.46 -5.64
CA ILE A 30 -2.13 3.16 -6.04
C ILE A 30 -2.65 4.04 -4.92
N GLY A 31 -3.34 5.12 -5.30
CA GLY A 31 -3.88 6.04 -4.30
C GLY A 31 -5.34 5.77 -4.01
N CYS A 32 -5.61 5.02 -2.94
CA CYS A 32 -6.97 4.69 -2.55
C CYS A 32 -7.92 5.84 -2.88
N ASP A 33 -8.93 5.55 -3.70
CA ASP A 33 -9.91 6.56 -4.08
C ASP A 33 -10.38 7.36 -2.87
N ASN A 34 -10.60 6.66 -1.76
CA ASN A 34 -11.04 7.30 -0.52
C ASN A 34 -10.02 8.33 -0.05
N GLU A 35 -10.30 9.61 -0.34
CA GLU A 35 -9.41 10.70 0.05
C GLU A 35 -9.23 10.72 1.56
N GLN A 36 -10.26 10.29 2.29
CA GLN A 36 -10.22 10.27 3.74
C GLN A 36 -9.21 9.23 4.24
N CYS A 37 -8.66 8.46 3.32
CA CYS A 37 -7.69 7.43 3.67
C CYS A 37 -6.35 8.05 4.02
N PRO A 38 -5.91 7.84 5.28
CA PRO A 38 -4.64 8.38 5.78
C PRO A 38 -3.43 7.69 5.14
N ILE A 39 -3.70 6.71 4.28
CA ILE A 39 -2.64 5.97 3.61
C ILE A 39 -2.58 6.34 2.12
N GLU A 40 -3.65 6.02 1.39
CA GLU A 40 -3.71 6.31 -0.03
C GLU A 40 -2.43 5.89 -0.73
N TRP A 41 -1.83 4.81 -0.27
CA TRP A 41 -0.59 4.30 -0.85
C TRP A 41 -0.33 2.85 -0.44
N PHE A 42 -0.40 1.95 -1.41
CA PHE A 42 -0.18 0.52 -1.15
C PHE A 42 0.55 -0.13 -2.31
N HIS A 43 1.25 -1.22 -2.03
CA HIS A 43 1.99 -1.96 -3.06
C HIS A 43 1.04 -2.79 -3.91
N PHE A 44 1.34 -2.88 -5.19
CA PHE A 44 0.52 -3.65 -6.12
C PHE A 44 0.49 -5.12 -5.72
N SER A 45 1.66 -5.74 -5.65
CA SER A 45 1.76 -7.15 -5.28
C SER A 45 0.94 -7.45 -4.03
N CYS A 46 1.08 -6.60 -3.03
CA CYS A 46 0.36 -6.77 -1.77
C CYS A 46 -1.16 -6.77 -2.02
N VAL A 47 -1.63 -5.81 -2.80
CA VAL A 47 -3.05 -5.71 -3.11
C VAL A 47 -3.41 -6.58 -4.32
N SER A 48 -2.56 -7.54 -4.63
CA SER A 48 -2.78 -8.44 -5.75
C SER A 48 -3.13 -7.64 -7.01
N LEU A 49 -2.27 -6.69 -7.36
CA LEU A 49 -2.50 -5.86 -8.55
C LEU A 49 -1.36 -6.05 -9.55
N THR A 50 -1.70 -5.96 -10.83
CA THR A 50 -0.72 -6.12 -11.90
C THR A 50 -0.44 -4.78 -12.58
N TYR A 51 -1.49 -4.00 -12.79
CA TYR A 51 -1.34 -2.69 -13.44
C TYR A 51 -2.49 -1.76 -13.02
N LYS A 52 -2.20 -0.46 -12.99
CA LYS A 52 -3.19 0.54 -12.62
C LYS A 52 -4.57 0.13 -13.11
N PRO A 53 -5.43 -0.31 -12.18
CA PRO A 53 -6.80 -0.73 -12.50
C PRO A 53 -7.68 0.44 -12.90
N LYS A 54 -7.98 0.54 -14.20
CA LYS A 54 -8.82 1.62 -14.71
C LYS A 54 -10.06 1.80 -13.84
N GLY A 55 -10.69 2.96 -13.97
CA GLY A 55 -11.88 3.25 -13.18
C GLY A 55 -11.54 3.75 -11.79
N LYS A 56 -12.09 3.07 -10.78
CA LYS A 56 -11.85 3.46 -9.40
C LYS A 56 -11.32 2.28 -8.58
N TRP A 57 -10.42 2.57 -7.65
CA TRP A 57 -9.83 1.53 -6.81
C TRP A 57 -9.89 1.93 -5.34
N TYR A 58 -10.53 1.10 -4.53
CA TYR A 58 -10.64 1.36 -3.10
C TYR A 58 -9.90 0.32 -2.28
N CYS A 59 -8.96 0.76 -1.46
CA CYS A 59 -8.18 -0.13 -0.63
C CYS A 59 -9.07 -1.15 0.06
N PRO A 60 -8.49 -2.32 0.39
CA PRO A 60 -9.21 -3.41 1.05
C PRO A 60 -9.57 -3.07 2.49
N LYS A 61 -9.17 -1.88 2.93
CA LYS A 61 -9.45 -1.44 4.29
C LYS A 61 -10.70 -0.56 4.33
N CYS A 62 -11.02 0.05 3.20
CA CYS A 62 -12.19 0.91 3.10
C CYS A 62 -13.39 0.15 2.56
N ARG A 63 -13.18 -0.54 1.44
CA ARG A 63 -14.24 -1.32 0.80
C ARG A 63 -14.84 -2.32 1.79
N GLY A 64 -14.07 -2.66 2.82
CA GLY A 64 -14.54 -3.61 3.81
C GLY A 64 -15.70 -3.07 4.63
N ASP A 65 -16.84 -3.74 4.54
CA ASP A 65 -18.02 -3.33 5.28
C ASP A 65 -18.44 -4.41 6.28
N SER A 66 -17.83 -4.40 7.45
CA SER A 66 -18.15 -5.37 8.49
C SER A 66 -18.96 -4.73 9.61
N GLY A 67 -18.53 -3.55 10.04
CA GLY A 67 -19.22 -2.86 11.10
C GLY A 67 -18.66 -1.47 11.36
N PRO A 68 -18.71 -0.61 10.34
CA PRO A 68 -18.21 0.76 10.44
C PRO A 68 -19.06 1.63 11.36
N SER A 69 -18.59 1.83 12.58
CA SER A 69 -19.31 2.65 13.55
C SER A 69 -19.33 4.11 13.13
N SER A 70 -18.14 4.70 13.02
CA SER A 70 -18.01 6.10 12.62
C SER A 70 -18.39 6.29 11.15
N GLY A 71 -18.78 7.51 10.80
CA GLY A 71 -19.17 7.79 9.43
C GLY A 71 -18.75 9.19 9.00
ZN ZN B . 3.14 -4.04 1.14
ZN ZN C . -8.69 3.49 1.83
N GLY A 1 11.83 -31.14 12.29
CA GLY A 1 11.15 -29.96 11.78
C GLY A 1 10.77 -29.00 12.89
N SER A 2 11.14 -27.73 12.73
CA SER A 2 10.83 -26.71 13.72
C SER A 2 9.72 -25.79 13.23
N SER A 3 8.98 -25.20 14.17
CA SER A 3 7.89 -24.30 13.83
C SER A 3 8.10 -22.93 14.46
N GLY A 4 7.81 -21.88 13.68
CA GLY A 4 7.98 -20.53 14.19
C GLY A 4 8.58 -19.60 13.16
N SER A 5 8.29 -18.31 13.28
CA SER A 5 8.81 -17.31 12.34
C SER A 5 10.11 -16.70 12.86
N SER A 6 10.93 -16.21 11.93
CA SER A 6 12.20 -15.60 12.30
C SER A 6 12.68 -14.64 11.20
N GLY A 7 12.98 -13.40 11.60
CA GLY A 7 13.44 -12.42 10.65
C GLY A 7 13.52 -11.02 11.26
N GLU A 8 14.60 -10.75 11.97
CA GLU A 8 14.79 -9.46 12.61
C GLU A 8 14.37 -8.33 11.68
N PHE A 9 13.55 -7.41 12.19
CA PHE A 9 13.08 -6.28 11.41
C PHE A 9 13.63 -4.97 11.94
N ALA A 10 14.33 -4.24 11.08
CA ALA A 10 14.92 -2.96 11.46
C ALA A 10 14.31 -1.82 10.67
N ILE A 11 13.02 -1.94 10.35
CA ILE A 11 12.33 -0.91 9.59
C ILE A 11 12.74 0.49 10.04
N ASP A 12 13.55 1.14 9.22
CA ASP A 12 14.02 2.49 9.54
C ASP A 12 12.91 3.33 10.13
N PRO A 13 13.17 3.95 11.30
CA PRO A 13 12.20 4.80 11.99
C PRO A 13 11.93 6.10 11.24
N ASN A 14 12.99 6.78 10.83
CA ASN A 14 12.86 8.05 10.12
C ASN A 14 11.76 7.95 9.06
N GLU A 15 11.96 7.08 8.08
CA GLU A 15 10.98 6.90 7.01
C GLU A 15 9.70 6.26 7.55
N PRO A 16 8.57 6.97 7.39
CA PRO A 16 7.26 6.47 7.84
C PRO A 16 6.76 5.30 7.02
N THR A 17 5.54 4.86 7.31
CA THR A 17 4.94 3.74 6.59
C THR A 17 3.53 4.08 6.12
N TYR A 18 3.09 3.40 5.07
CA TYR A 18 1.76 3.63 4.51
C TYR A 18 1.01 2.32 4.35
N CYS A 19 1.50 1.47 3.45
CA CYS A 19 0.88 0.18 3.18
C CYS A 19 0.54 -0.53 4.49
N LEU A 20 -0.27 -1.59 4.40
CA LEU A 20 -0.67 -2.36 5.57
C LEU A 20 0.52 -3.09 6.17
N CYS A 21 1.41 -3.58 5.31
CA CYS A 21 2.59 -4.29 5.76
C CYS A 21 3.51 -3.39 6.57
N ASN A 22 3.16 -2.11 6.62
CA ASN A 22 3.95 -1.13 7.36
C ASN A 22 5.38 -1.05 6.82
N GLN A 23 5.50 -0.88 5.51
CA GLN A 23 6.80 -0.79 4.86
C GLN A 23 6.93 0.51 4.09
N VAL A 24 8.17 0.90 3.80
CA VAL A 24 8.44 2.13 3.06
C VAL A 24 7.85 2.07 1.66
N SER A 25 7.05 3.07 1.32
CA SER A 25 6.42 3.14 0.00
C SER A 25 7.46 2.98 -1.10
N TYR A 26 7.23 2.03 -2.00
CA TYR A 26 8.14 1.78 -3.10
C TYR A 26 7.42 1.07 -4.25
N GLY A 27 8.15 0.85 -5.35
CA GLY A 27 7.57 0.19 -6.49
C GLY A 27 6.21 0.76 -6.88
N GLU A 28 5.45 -0.01 -7.64
CA GLU A 28 4.13 0.43 -8.08
C GLU A 28 3.16 0.50 -6.91
N MET A 29 2.53 1.67 -6.74
CA MET A 29 1.58 1.86 -5.64
C MET A 29 0.36 2.65 -6.13
N ILE A 30 -0.82 2.20 -5.73
CA ILE A 30 -2.07 2.85 -6.12
C ILE A 30 -2.65 3.65 -4.96
N GLY A 31 -3.58 4.55 -5.27
CA GLY A 31 -4.20 5.37 -4.25
C GLY A 31 -5.61 4.90 -3.93
N CYS A 32 -5.99 5.02 -2.66
CA CYS A 32 -7.32 4.61 -2.22
C CYS A 32 -8.38 5.59 -2.70
N ASP A 33 -7.98 6.52 -3.57
CA ASP A 33 -8.89 7.52 -4.11
C ASP A 33 -9.89 7.97 -3.05
N ASN A 34 -9.49 7.88 -1.78
CA ASN A 34 -10.34 8.28 -0.68
C ASN A 34 -9.74 9.45 0.09
N GLU A 35 -10.58 10.21 0.77
CA GLU A 35 -10.13 11.36 1.55
C GLU A 35 -9.84 10.96 2.99
N GLN A 36 -10.73 10.15 3.56
CA GLN A 36 -10.56 9.69 4.94
C GLN A 36 -9.31 8.84 5.08
N CYS A 37 -9.06 7.99 4.09
CA CYS A 37 -7.90 7.12 4.11
C CYS A 37 -6.63 7.90 4.47
N PRO A 38 -6.15 7.70 5.71
CA PRO A 38 -4.94 8.39 6.20
C PRO A 38 -3.67 7.87 5.52
N ILE A 39 -3.83 6.89 4.65
CA ILE A 39 -2.69 6.32 3.92
C ILE A 39 -2.77 6.65 2.43
N GLU A 40 -3.92 6.37 1.83
CA GLU A 40 -4.11 6.64 0.41
C GLU A 40 -2.90 6.19 -0.41
N TRP A 41 -2.29 5.09 0.02
CA TRP A 41 -1.11 4.56 -0.66
C TRP A 41 -0.86 3.11 -0.26
N PHE A 42 -0.89 2.21 -1.24
CA PHE A 42 -0.66 0.80 -0.98
C PHE A 42 0.09 0.15 -2.15
N HIS A 43 0.71 -1.00 -1.87
CA HIS A 43 1.46 -1.72 -2.90
C HIS A 43 0.52 -2.58 -3.75
N PHE A 44 1.08 -3.23 -4.76
CA PHE A 44 0.30 -4.08 -5.65
C PHE A 44 0.23 -5.51 -5.11
N SER A 45 1.38 -6.19 -5.11
CA SER A 45 1.45 -7.56 -4.63
C SER A 45 0.65 -7.73 -3.34
N CYS A 46 0.76 -6.76 -2.45
CA CYS A 46 0.04 -6.79 -1.18
C CYS A 46 -1.47 -6.82 -1.41
N VAL A 47 -1.96 -5.93 -2.26
CA VAL A 47 -3.37 -5.86 -2.56
C VAL A 47 -3.74 -6.79 -3.72
N SER A 48 -2.96 -7.86 -3.88
CA SER A 48 -3.20 -8.82 -4.94
C SER A 48 -3.45 -8.12 -6.26
N LEU A 49 -2.56 -7.19 -6.62
CA LEU A 49 -2.68 -6.45 -7.86
C LEU A 49 -1.51 -6.74 -8.80
N THR A 50 -1.79 -6.76 -10.09
CA THR A 50 -0.75 -7.03 -11.09
C THR A 50 -0.46 -5.79 -11.92
N TYR A 51 -1.46 -4.95 -12.10
CA TYR A 51 -1.31 -3.73 -12.87
C TYR A 51 -2.29 -2.65 -12.40
N LYS A 52 -1.91 -1.39 -12.60
CA LYS A 52 -2.75 -0.27 -12.20
C LYS A 52 -4.15 -0.40 -12.77
N PRO A 53 -5.13 -0.67 -11.89
CA PRO A 53 -6.53 -0.84 -12.28
C PRO A 53 -7.16 0.48 -12.72
N LYS A 54 -7.64 0.52 -13.96
CA LYS A 54 -8.27 1.73 -14.50
C LYS A 54 -9.55 2.06 -13.74
N GLY A 55 -9.62 3.27 -13.21
CA GLY A 55 -10.79 3.69 -12.46
C GLY A 55 -10.48 4.00 -11.01
N LYS A 56 -11.52 4.12 -10.19
CA LYS A 56 -11.36 4.42 -8.77
C LYS A 56 -10.96 3.16 -8.00
N TRP A 57 -9.88 3.26 -7.24
CA TRP A 57 -9.40 2.13 -6.45
C TRP A 57 -9.37 2.49 -4.97
N TYR A 58 -9.99 1.65 -4.16
CA TYR A 58 -10.05 1.87 -2.71
C TYR A 58 -9.40 0.71 -1.95
N CYS A 59 -8.42 1.04 -1.12
CA CYS A 59 -7.72 0.03 -0.34
C CYS A 59 -8.69 -1.02 0.19
N PRO A 60 -8.18 -2.24 0.43
CA PRO A 60 -8.99 -3.35 0.94
C PRO A 60 -9.41 -3.14 2.39
N LYS A 61 -9.01 -2.00 2.96
CA LYS A 61 -9.35 -1.68 4.35
C LYS A 61 -10.55 -0.75 4.41
N CYS A 62 -10.79 -0.03 3.32
CA CYS A 62 -11.92 0.89 3.25
C CYS A 62 -13.13 0.24 2.59
N ARG A 63 -12.88 -0.47 1.49
CA ARG A 63 -13.96 -1.15 0.78
C ARG A 63 -14.70 -2.11 1.69
N GLY A 64 -13.98 -2.68 2.65
CA GLY A 64 -14.59 -3.62 3.58
C GLY A 64 -15.31 -2.92 4.71
N ASP A 65 -16.48 -3.43 5.08
CA ASP A 65 -17.27 -2.85 6.15
C ASP A 65 -17.33 -3.79 7.35
N SER A 66 -16.98 -3.27 8.53
CA SER A 66 -16.99 -4.06 9.75
C SER A 66 -18.05 -3.56 10.71
N GLY A 67 -18.29 -4.32 11.78
CA GLY A 67 -19.28 -3.94 12.77
C GLY A 67 -18.99 -4.51 14.14
N PRO A 68 -19.11 -5.85 14.26
CA PRO A 68 -18.87 -6.55 15.52
C PRO A 68 -17.39 -6.56 15.91
N SER A 69 -16.52 -6.52 14.90
CA SER A 69 -15.09 -6.52 15.14
C SER A 69 -14.64 -5.23 15.81
N SER A 70 -13.51 -5.29 16.51
CA SER A 70 -12.98 -4.13 17.22
C SER A 70 -12.22 -3.22 16.26
N GLY A 71 -12.40 -1.91 16.43
CA GLY A 71 -11.73 -0.95 15.58
C GLY A 71 -10.49 -0.37 16.22
ZN ZN B . 2.66 -3.68 1.39
ZN ZN C . -8.51 3.36 2.13
N GLY A 1 31.17 -3.95 -25.19
CA GLY A 1 30.58 -5.18 -24.72
C GLY A 1 29.07 -5.10 -24.59
N SER A 2 28.42 -6.25 -24.45
CA SER A 2 26.98 -6.30 -24.31
C SER A 2 26.57 -6.61 -22.87
N SER A 3 26.50 -5.56 -22.05
CA SER A 3 26.13 -5.72 -20.66
C SER A 3 25.10 -4.67 -20.24
N GLY A 4 25.50 -3.40 -20.35
CA GLY A 4 24.60 -2.31 -19.97
C GLY A 4 25.18 -1.42 -18.90
N SER A 5 24.50 -0.32 -18.63
CA SER A 5 24.96 0.64 -17.61
C SER A 5 24.07 0.57 -16.37
N SER A 6 24.47 -0.24 -15.40
CA SER A 6 23.71 -0.39 -14.17
C SER A 6 23.49 0.97 -13.49
N GLY A 7 22.68 0.97 -12.44
CA GLY A 7 22.40 2.20 -11.72
C GLY A 7 22.42 2.02 -10.23
N GLU A 8 21.88 3.00 -9.50
CA GLU A 8 21.84 2.95 -8.05
C GLU A 8 20.48 3.39 -7.52
N PHE A 9 20.03 2.75 -6.46
CA PHE A 9 18.74 3.06 -5.85
C PHE A 9 18.91 4.05 -4.69
N ALA A 10 17.86 4.82 -4.42
CA ALA A 10 17.89 5.80 -3.35
C ALA A 10 17.45 5.17 -2.03
N ILE A 11 18.42 4.78 -1.21
CA ILE A 11 18.12 4.17 0.08
C ILE A 11 17.92 5.22 1.16
N ASP A 12 16.66 5.53 1.45
CA ASP A 12 16.34 6.52 2.46
C ASP A 12 15.63 5.88 3.65
N PRO A 13 16.31 5.87 4.82
CA PRO A 13 15.78 5.29 6.05
C PRO A 13 14.62 6.10 6.62
N ASN A 14 14.62 7.40 6.35
CA ASN A 14 13.58 8.29 6.84
C ASN A 14 12.35 8.23 5.93
N GLU A 15 11.96 7.01 5.55
CA GLU A 15 10.80 6.81 4.68
C GLU A 15 9.60 6.33 5.49
N PRO A 16 8.49 7.08 5.38
CA PRO A 16 7.24 6.75 6.08
C PRO A 16 6.58 5.50 5.54
N THR A 17 5.56 5.02 6.25
CA THR A 17 4.84 3.82 5.83
C THR A 17 3.40 4.15 5.46
N TYR A 18 2.90 3.54 4.40
CA TYR A 18 1.54 3.76 3.94
C TYR A 18 0.76 2.45 3.87
N CYS A 19 1.20 1.55 3.00
CA CYS A 19 0.55 0.26 2.83
C CYS A 19 0.14 -0.31 4.18
N LEU A 20 -0.87 -1.17 4.17
CA LEU A 20 -1.37 -1.79 5.40
C LEU A 20 -0.26 -2.56 6.10
N CYS A 21 0.61 -3.19 5.32
CA CYS A 21 1.73 -3.95 5.87
C CYS A 21 2.69 -3.05 6.63
N ASN A 22 2.45 -1.74 6.55
CA ASN A 22 3.29 -0.77 7.23
C ASN A 22 4.71 -0.79 6.66
N GLN A 23 4.82 -0.60 5.35
CA GLN A 23 6.11 -0.59 4.69
C GLN A 23 6.30 0.68 3.88
N VAL A 24 7.47 0.81 3.25
CA VAL A 24 7.78 1.98 2.44
C VAL A 24 7.67 1.67 0.95
N SER A 25 7.22 2.66 0.18
CA SER A 25 7.06 2.49 -1.26
C SER A 25 8.33 1.91 -1.88
N TYR A 26 8.16 0.84 -2.65
CA TYR A 26 9.29 0.19 -3.31
C TYR A 26 9.01 -0.03 -4.80
N GLY A 27 7.74 -0.24 -5.13
CA GLY A 27 7.37 -0.45 -6.52
C GLY A 27 6.04 0.19 -6.86
N GLU A 28 5.26 -0.48 -7.70
CA GLU A 28 3.95 0.04 -8.11
C GLU A 28 3.04 0.22 -6.91
N MET A 29 2.51 1.43 -6.74
CA MET A 29 1.62 1.73 -5.63
C MET A 29 0.38 2.48 -6.11
N ILE A 30 -0.75 2.23 -5.46
CA ILE A 30 -2.00 2.89 -5.83
C ILE A 30 -2.50 3.80 -4.72
N GLY A 31 -3.27 4.82 -5.08
CA GLY A 31 -3.79 5.75 -4.10
C GLY A 31 -5.28 5.57 -3.87
N CYS A 32 -5.64 5.00 -2.73
CA CYS A 32 -7.05 4.77 -2.39
C CYS A 32 -7.90 5.95 -2.84
N ASP A 33 -9.08 5.65 -3.36
CA ASP A 33 -10.01 6.69 -3.82
C ASP A 33 -10.88 7.18 -2.67
N ASN A 34 -10.35 7.10 -1.46
CA ASN A 34 -11.08 7.54 -0.28
C ASN A 34 -10.32 8.65 0.46
N GLU A 35 -10.77 9.88 0.29
CA GLU A 35 -10.12 11.02 0.94
C GLU A 35 -9.71 10.67 2.37
N GLN A 36 -10.70 10.35 3.20
CA GLN A 36 -10.43 10.00 4.59
C GLN A 36 -9.17 9.16 4.72
N CYS A 37 -9.09 8.09 3.92
CA CYS A 37 -7.93 7.21 3.93
C CYS A 37 -6.64 8.00 4.11
N PRO A 38 -6.11 8.00 5.34
CA PRO A 38 -4.88 8.72 5.67
C PRO A 38 -3.64 8.08 5.03
N ILE A 39 -3.87 7.01 4.28
CA ILE A 39 -2.78 6.30 3.62
C ILE A 39 -2.77 6.58 2.11
N GLU A 40 -3.94 6.44 1.49
CA GLU A 40 -4.07 6.68 0.06
C GLU A 40 -2.82 6.25 -0.68
N TRP A 41 -2.22 5.16 -0.24
CA TRP A 41 -1.00 4.64 -0.85
C TRP A 41 -0.72 3.21 -0.40
N PHE A 42 -0.78 2.27 -1.34
CA PHE A 42 -0.52 0.86 -1.03
C PHE A 42 0.15 0.17 -2.20
N HIS A 43 0.67 -1.04 -1.95
CA HIS A 43 1.34 -1.81 -2.99
C HIS A 43 0.34 -2.65 -3.78
N PHE A 44 0.83 -3.34 -4.80
CA PHE A 44 -0.02 -4.17 -5.63
C PHE A 44 -0.07 -5.60 -5.10
N SER A 45 1.09 -6.26 -5.04
CA SER A 45 1.18 -7.63 -4.56
C SER A 45 0.39 -7.80 -3.26
N CYS A 46 0.48 -6.79 -2.39
CA CYS A 46 -0.22 -6.83 -1.11
C CYS A 46 -1.74 -6.84 -1.32
N VAL A 47 -2.22 -5.90 -2.13
CA VAL A 47 -3.64 -5.79 -2.42
C VAL A 47 -4.04 -6.69 -3.58
N SER A 48 -3.33 -7.81 -3.72
CA SER A 48 -3.61 -8.76 -4.79
C SER A 48 -3.90 -8.03 -6.11
N LEU A 49 -3.01 -7.11 -6.46
CA LEU A 49 -3.17 -6.35 -7.70
C LEU A 49 -2.04 -6.66 -8.69
N THR A 50 -2.38 -6.69 -9.97
CA THR A 50 -1.41 -6.98 -11.01
C THR A 50 -1.02 -5.71 -11.76
N TYR A 51 -2.00 -4.85 -12.01
CA TYR A 51 -1.76 -3.60 -12.72
C TYR A 51 -2.73 -2.51 -12.26
N LYS A 52 -2.39 -1.26 -12.55
CA LYS A 52 -3.23 -0.13 -12.18
C LYS A 52 -4.65 -0.31 -12.71
N PRO A 53 -5.60 -0.54 -11.80
CA PRO A 53 -7.01 -0.73 -12.16
C PRO A 53 -7.67 0.56 -12.65
N LYS A 54 -8.11 0.54 -13.90
CA LYS A 54 -8.76 1.70 -14.49
C LYS A 54 -9.87 2.24 -13.59
N GLY A 55 -10.16 3.53 -13.71
CA GLY A 55 -11.20 4.14 -12.90
C GLY A 55 -10.74 4.39 -11.47
N LYS A 56 -11.68 4.34 -10.54
CA LYS A 56 -11.37 4.57 -9.14
C LYS A 56 -11.08 3.25 -8.42
N TRP A 57 -10.11 3.28 -7.51
CA TRP A 57 -9.74 2.08 -6.77
C TRP A 57 -9.76 2.36 -5.26
N TYR A 58 -10.60 1.63 -4.54
CA TYR A 58 -10.72 1.79 -3.10
C TYR A 58 -9.99 0.68 -2.37
N CYS A 59 -8.99 1.07 -1.57
CA CYS A 59 -8.20 0.10 -0.81
C CYS A 59 -9.11 -0.92 -0.12
N PRO A 60 -8.54 -2.10 0.18
CA PRO A 60 -9.29 -3.18 0.84
C PRO A 60 -9.62 -2.85 2.29
N LYS A 61 -8.99 -1.80 2.82
CA LYS A 61 -9.22 -1.38 4.20
C LYS A 61 -10.50 -0.56 4.31
N CYS A 62 -10.86 0.10 3.21
CA CYS A 62 -12.07 0.93 3.19
C CYS A 62 -13.26 0.15 2.62
N ARG A 63 -13.03 -0.52 1.49
CA ARG A 63 -14.07 -1.30 0.84
C ARG A 63 -14.66 -2.33 1.80
N GLY A 64 -13.80 -2.85 2.69
CA GLY A 64 -14.25 -3.84 3.64
C GLY A 64 -13.70 -3.59 5.04
N ASP A 65 -14.57 -3.69 6.04
CA ASP A 65 -14.17 -3.47 7.43
C ASP A 65 -14.16 -4.78 8.21
N SER A 66 -13.02 -5.46 8.21
CA SER A 66 -12.89 -6.73 8.92
C SER A 66 -11.42 -7.16 8.98
N GLY A 67 -11.11 -8.02 9.94
CA GLY A 67 -9.75 -8.50 10.08
C GLY A 67 -9.64 -9.69 11.03
N PRO A 68 -10.28 -10.79 10.66
CA PRO A 68 -10.29 -12.02 11.47
C PRO A 68 -8.92 -12.69 11.50
N SER A 69 -8.43 -13.01 12.69
CA SER A 69 -7.14 -13.66 12.85
C SER A 69 -7.29 -15.00 13.56
N SER A 70 -6.54 -16.00 13.10
CA SER A 70 -6.60 -17.33 13.68
C SER A 70 -5.26 -18.05 13.51
N GLY A 71 -4.85 -18.77 14.56
CA GLY A 71 -3.59 -19.49 14.51
C GLY A 71 -2.88 -19.48 15.85
ZN ZN B . 2.48 -3.75 1.37
ZN ZN C . -8.77 3.39 1.80
N GLY A 1 16.61 -22.68 -5.74
CA GLY A 1 16.75 -21.42 -6.46
C GLY A 1 18.16 -20.88 -6.41
N SER A 2 18.32 -19.76 -5.71
CA SER A 2 19.63 -19.12 -5.59
C SER A 2 19.84 -18.56 -4.19
N SER A 3 21.04 -18.05 -3.93
CA SER A 3 21.38 -17.50 -2.63
C SER A 3 20.42 -16.36 -2.27
N GLY A 4 20.00 -16.34 -1.01
CA GLY A 4 19.09 -15.30 -0.55
C GLY A 4 19.67 -14.46 0.55
N SER A 5 20.74 -13.72 0.23
CA SER A 5 21.40 -12.87 1.21
C SER A 5 20.48 -11.74 1.67
N SER A 6 20.13 -10.85 0.75
CA SER A 6 19.26 -9.73 1.04
C SER A 6 17.84 -10.20 1.34
N GLY A 7 17.24 -9.65 2.38
CA GLY A 7 15.89 -10.02 2.75
C GLY A 7 15.45 -9.39 4.06
N GLU A 8 16.36 -9.31 5.01
CA GLU A 8 16.06 -8.72 6.31
C GLU A 8 15.21 -7.46 6.16
N PHE A 9 14.20 -7.32 7.01
CA PHE A 9 13.32 -6.17 6.97
C PHE A 9 14.10 -4.88 7.20
N ALA A 10 14.12 -4.02 6.19
CA ALA A 10 14.82 -2.75 6.28
C ALA A 10 14.23 -1.87 7.37
N ILE A 11 14.88 -1.85 8.53
CA ILE A 11 14.40 -1.04 9.65
C ILE A 11 14.92 0.39 9.55
N ASP A 12 14.15 1.25 8.89
CA ASP A 12 14.53 2.64 8.73
C ASP A 12 13.36 3.57 9.07
N PRO A 13 13.49 4.27 10.21
CA PRO A 13 12.46 5.20 10.68
C PRO A 13 12.34 6.44 9.80
N ASN A 14 13.42 6.76 9.09
CA ASN A 14 13.44 7.91 8.21
C ASN A 14 12.18 7.97 7.35
N GLU A 15 11.86 6.85 6.72
CA GLU A 15 10.68 6.77 5.86
C GLU A 15 9.54 6.05 6.56
N PRO A 16 8.36 6.68 6.61
CA PRO A 16 7.18 6.11 7.25
C PRO A 16 6.62 4.92 6.48
N THR A 17 5.52 4.36 6.99
CA THR A 17 4.89 3.21 6.35
C THR A 17 3.50 3.57 5.84
N TYR A 18 3.08 2.90 4.77
CA TYR A 18 1.76 3.16 4.18
C TYR A 18 1.04 1.84 3.91
N CYS A 19 1.60 1.04 3.01
CA CYS A 19 1.01 -0.24 2.64
C CYS A 19 0.45 -0.94 3.88
N LEU A 20 -0.43 -1.92 3.66
CA LEU A 20 -1.04 -2.67 4.75
C LEU A 20 0.02 -3.44 5.53
N CYS A 21 1.10 -3.82 4.85
CA CYS A 21 2.19 -4.55 5.49
C CYS A 21 3.09 -3.61 6.29
N ASN A 22 2.64 -2.37 6.46
CA ASN A 22 3.40 -1.37 7.20
C ASN A 22 4.85 -1.33 6.73
N GLN A 23 5.04 -1.14 5.43
CA GLN A 23 6.37 -1.08 4.85
C GLN A 23 6.60 0.24 4.12
N VAL A 24 7.85 0.53 3.81
CA VAL A 24 8.20 1.77 3.10
C VAL A 24 8.09 1.59 1.60
N SER A 25 7.51 2.58 0.93
CA SER A 25 7.33 2.54 -0.52
C SER A 25 8.59 2.00 -1.20
N TYR A 26 8.41 1.01 -2.07
CA TYR A 26 9.52 0.41 -2.79
C TYR A 26 9.20 0.25 -4.26
N GLY A 27 7.93 -0.08 -4.55
CA GLY A 27 7.51 -0.25 -5.93
C GLY A 27 6.29 0.57 -6.27
N GLU A 28 5.69 0.28 -7.42
CA GLU A 28 4.51 1.01 -7.87
C GLU A 28 3.38 0.89 -6.84
N MET A 29 2.68 2.00 -6.62
CA MET A 29 1.57 2.03 -5.66
C MET A 29 0.37 2.79 -6.24
N ILE A 30 -0.77 2.68 -5.57
CA ILE A 30 -1.98 3.34 -6.01
C ILE A 30 -2.59 4.17 -4.89
N GLY A 31 -3.42 5.15 -5.25
CA GLY A 31 -4.05 6.00 -4.26
C GLY A 31 -5.52 5.68 -4.10
N CYS A 32 -5.85 4.88 -3.09
CA CYS A 32 -7.23 4.50 -2.83
C CYS A 32 -8.18 5.65 -3.16
N ASP A 33 -9.08 5.41 -4.11
CA ASP A 33 -10.04 6.42 -4.52
C ASP A 33 -10.45 7.29 -3.33
N ASN A 34 -10.63 6.66 -2.18
CA ASN A 34 -11.03 7.38 -0.97
C ASN A 34 -9.91 8.30 -0.50
N GLU A 35 -10.06 9.59 -0.79
CA GLU A 35 -9.07 10.59 -0.40
C GLU A 35 -8.79 10.51 1.10
N GLN A 36 -9.84 10.64 1.90
CA GLN A 36 -9.71 10.59 3.35
C GLN A 36 -8.68 9.55 3.77
N CYS A 37 -8.68 8.41 3.08
CA CYS A 37 -7.75 7.33 3.37
C CYS A 37 -6.37 7.89 3.74
N PRO A 38 -5.95 7.61 4.99
CA PRO A 38 -4.65 8.08 5.50
C PRO A 38 -3.48 7.37 4.83
N ILE A 39 -3.77 6.27 4.14
CA ILE A 39 -2.75 5.50 3.45
C ILE A 39 -2.64 5.89 1.99
N GLU A 40 -3.76 5.84 1.28
CA GLU A 40 -3.80 6.20 -0.13
C GLU A 40 -2.50 5.80 -0.82
N TRP A 41 -1.90 4.71 -0.35
CA TRP A 41 -0.66 4.22 -0.93
C TRP A 41 -0.40 2.77 -0.53
N PHE A 42 -0.38 1.88 -1.51
CA PHE A 42 -0.15 0.46 -1.26
C PHE A 42 0.63 -0.18 -2.41
N HIS A 43 1.33 -1.26 -2.11
CA HIS A 43 2.12 -1.97 -3.12
C HIS A 43 1.22 -2.84 -3.99
N PHE A 44 1.44 -2.79 -5.30
CA PHE A 44 0.66 -3.58 -6.24
C PHE A 44 0.66 -5.05 -5.86
N SER A 45 1.86 -5.63 -5.82
CA SER A 45 2.01 -7.04 -5.47
C SER A 45 1.19 -7.39 -4.23
N CYS A 46 1.29 -6.55 -3.21
CA CYS A 46 0.57 -6.76 -1.96
C CYS A 46 -0.93 -6.79 -2.20
N VAL A 47 -1.44 -5.81 -2.92
CA VAL A 47 -2.86 -5.71 -3.23
C VAL A 47 -3.21 -6.56 -4.45
N SER A 48 -2.36 -7.54 -4.74
CA SER A 48 -2.58 -8.43 -5.88
C SER A 48 -2.90 -7.61 -7.14
N LEU A 49 -2.02 -6.68 -7.48
CA LEU A 49 -2.21 -5.84 -8.65
C LEU A 49 -1.05 -5.99 -9.63
N THR A 50 -1.36 -5.97 -10.92
CA THR A 50 -0.34 -6.11 -11.96
C THR A 50 -0.11 -4.79 -12.68
N TYR A 51 -1.19 -4.05 -12.90
CA TYR A 51 -1.10 -2.76 -13.58
C TYR A 51 -2.20 -1.82 -13.10
N LYS A 52 -1.90 -0.52 -13.09
CA LYS A 52 -2.87 0.48 -12.66
C LYS A 52 -4.25 0.16 -13.19
N PRO A 53 -5.17 -0.21 -12.28
CA PRO A 53 -6.55 -0.53 -12.62
C PRO A 53 -7.35 0.67 -13.08
N LYS A 54 -7.99 0.56 -14.23
CA LYS A 54 -8.79 1.66 -14.79
C LYS A 54 -10.01 1.93 -13.90
N GLY A 55 -10.52 3.15 -13.99
CA GLY A 55 -11.68 3.52 -13.19
C GLY A 55 -11.30 4.00 -11.80
N LYS A 56 -11.52 3.16 -10.81
CA LYS A 56 -11.20 3.50 -9.43
C LYS A 56 -10.82 2.25 -8.62
N TRP A 57 -9.97 2.43 -7.62
CA TRP A 57 -9.54 1.32 -6.78
C TRP A 57 -9.71 1.66 -5.31
N TYR A 58 -10.52 0.87 -4.61
CA TYR A 58 -10.76 1.09 -3.18
C TYR A 58 -10.01 0.08 -2.34
N CYS A 59 -9.06 0.57 -1.55
CA CYS A 59 -8.26 -0.31 -0.69
C CYS A 59 -9.15 -1.30 0.06
N PRO A 60 -8.57 -2.45 0.42
CA PRO A 60 -9.29 -3.50 1.15
C PRO A 60 -9.62 -3.09 2.58
N LYS A 61 -9.26 -1.88 2.95
CA LYS A 61 -9.52 -1.37 4.29
C LYS A 61 -10.78 -0.50 4.31
N CYS A 62 -11.10 0.09 3.17
CA CYS A 62 -12.27 0.94 3.05
C CYS A 62 -13.46 0.15 2.51
N ARG A 63 -13.23 -0.63 1.46
CA ARG A 63 -14.29 -1.44 0.86
C ARG A 63 -14.93 -2.35 1.90
N GLY A 64 -14.16 -2.74 2.90
CA GLY A 64 -14.67 -3.60 3.95
C GLY A 64 -14.80 -2.90 5.29
N ASP A 65 -15.68 -3.39 6.13
CA ASP A 65 -15.90 -2.80 7.45
C ASP A 65 -15.23 -3.65 8.53
N SER A 66 -14.03 -4.12 8.26
CA SER A 66 -13.29 -4.94 9.21
C SER A 66 -12.49 -4.08 10.17
N GLY A 67 -13.08 -3.77 11.32
CA GLY A 67 -12.40 -2.95 12.31
C GLY A 67 -13.01 -3.09 13.69
N PRO A 68 -14.25 -2.63 13.84
CA PRO A 68 -14.98 -2.69 15.12
C PRO A 68 -15.36 -4.12 15.50
N SER A 69 -15.00 -4.51 16.72
CA SER A 69 -15.31 -5.86 17.21
C SER A 69 -15.94 -5.80 18.59
N SER A 70 -17.22 -6.14 18.65
CA SER A 70 -17.96 -6.13 19.91
C SER A 70 -18.52 -7.51 20.23
N GLY A 71 -17.90 -8.19 21.19
CA GLY A 71 -18.35 -9.52 21.57
C GLY A 71 -18.21 -10.52 20.44
ZN ZN B . 3.12 -4.07 1.12
ZN ZN C . -8.83 3.45 1.48
N GLY A 1 8.40 14.65 -27.39
CA GLY A 1 8.54 13.20 -27.29
C GLY A 1 9.82 12.79 -26.58
N SER A 2 9.82 12.85 -25.26
CA SER A 2 10.98 12.48 -24.47
C SER A 2 10.66 12.47 -22.98
N SER A 3 11.28 11.55 -22.26
CA SER A 3 11.05 11.41 -20.83
C SER A 3 12.14 10.56 -20.18
N GLY A 4 12.14 10.52 -18.85
CA GLY A 4 13.13 9.74 -18.12
C GLY A 4 14.12 10.61 -17.38
N SER A 5 14.35 10.29 -16.11
CA SER A 5 15.27 11.06 -15.29
C SER A 5 16.06 10.14 -14.35
N SER A 6 17.06 10.71 -13.69
CA SER A 6 17.89 9.94 -12.76
C SER A 6 17.03 9.15 -11.78
N GLY A 7 17.68 8.33 -10.96
CA GLY A 7 16.97 7.54 -9.98
C GLY A 7 17.78 6.37 -9.46
N GLU A 8 18.48 6.58 -8.35
CA GLU A 8 19.30 5.52 -7.76
C GLU A 8 18.81 5.17 -6.36
N PHE A 9 19.28 4.04 -5.85
CA PHE A 9 18.89 3.58 -4.52
C PHE A 9 18.85 4.75 -3.53
N ALA A 10 17.65 5.24 -3.26
CA ALA A 10 17.47 6.35 -2.34
C ALA A 10 16.58 5.96 -1.16
N ILE A 11 16.68 4.69 -0.76
CA ILE A 11 15.88 4.19 0.36
C ILE A 11 16.35 4.76 1.69
N ASP A 12 15.66 5.79 2.17
CA ASP A 12 16.02 6.43 3.43
C ASP A 12 15.21 5.85 4.58
N PRO A 13 15.85 5.72 5.75
CA PRO A 13 15.20 5.17 6.95
C PRO A 13 14.13 6.11 7.52
N ASN A 14 14.27 7.40 7.20
CA ASN A 14 13.32 8.40 7.69
C ASN A 14 12.07 8.43 6.81
N GLU A 15 11.57 7.24 6.46
CA GLU A 15 10.39 7.13 5.63
C GLU A 15 9.25 6.45 6.38
N PRO A 16 8.07 7.07 6.38
CA PRO A 16 6.89 6.55 7.05
C PRO A 16 6.33 5.29 6.37
N THR A 17 5.21 4.80 6.88
CA THR A 17 4.58 3.62 6.33
C THR A 17 3.14 3.89 5.90
N TYR A 18 2.82 3.55 4.66
CA TYR A 18 1.48 3.77 4.13
C TYR A 18 0.73 2.45 3.98
N CYS A 19 1.25 1.56 3.14
CA CYS A 19 0.63 0.27 2.90
C CYS A 19 0.17 -0.36 4.22
N LEU A 20 -0.73 -1.33 4.13
CA LEU A 20 -1.24 -2.01 5.31
C LEU A 20 -0.14 -2.82 5.99
N CYS A 21 0.76 -3.39 5.20
CA CYS A 21 1.86 -4.18 5.73
C CYS A 21 2.81 -3.31 6.55
N ASN A 22 2.55 -2.01 6.56
CA ASN A 22 3.38 -1.07 7.31
C ASN A 22 4.78 -1.00 6.72
N GLN A 23 4.86 -0.72 5.42
CA GLN A 23 6.14 -0.63 4.73
C GLN A 23 6.25 0.67 3.95
N VAL A 24 7.48 1.10 3.67
CA VAL A 24 7.71 2.34 2.93
C VAL A 24 7.29 2.19 1.48
N SER A 25 7.26 3.31 0.76
CA SER A 25 6.86 3.31 -0.65
C SER A 25 8.07 3.06 -1.55
N TYR A 26 8.04 1.94 -2.26
CA TYR A 26 9.12 1.58 -3.17
C TYR A 26 8.59 1.11 -4.52
N GLY A 27 7.88 -0.02 -4.50
CA GLY A 27 7.32 -0.56 -5.72
C GLY A 27 6.07 0.18 -6.17
N GLU A 28 5.38 -0.37 -7.16
CA GLU A 28 4.16 0.24 -7.67
C GLU A 28 3.12 0.40 -6.57
N MET A 29 2.52 1.59 -6.48
CA MET A 29 1.51 1.85 -5.48
C MET A 29 0.34 2.63 -6.09
N ILE A 30 -0.86 2.38 -5.55
CA ILE A 30 -2.06 3.05 -6.04
C ILE A 30 -2.67 3.92 -4.96
N GLY A 31 -3.39 4.96 -5.38
CA GLY A 31 -4.03 5.86 -4.43
C GLY A 31 -5.48 5.49 -4.15
N CYS A 32 -5.74 5.06 -2.92
CA CYS A 32 -7.09 4.68 -2.53
C CYS A 32 -8.10 5.77 -2.87
N ASP A 33 -9.00 5.47 -3.80
CA ASP A 33 -10.02 6.44 -4.22
C ASP A 33 -10.55 7.22 -3.01
N ASN A 34 -10.79 6.51 -1.92
CA ASN A 34 -11.31 7.13 -0.70
C ASN A 34 -10.30 8.12 -0.13
N GLU A 35 -10.50 9.41 -0.43
CA GLU A 35 -9.61 10.45 0.05
C GLU A 35 -9.43 10.36 1.56
N GLN A 36 -10.55 10.28 2.28
CA GLN A 36 -10.52 10.19 3.74
C GLN A 36 -9.39 9.29 4.20
N CYS A 37 -9.05 8.30 3.38
CA CYS A 37 -7.99 7.36 3.71
C CYS A 37 -6.67 8.09 3.97
N PRO A 38 -6.19 8.00 5.21
CA PRO A 38 -4.94 8.66 5.62
C PRO A 38 -3.71 7.99 5.00
N ILE A 39 -3.95 6.99 4.16
CA ILE A 39 -2.86 6.27 3.49
C ILE A 39 -2.85 6.57 2.00
N GLU A 40 -3.92 6.19 1.31
CA GLU A 40 -4.03 6.42 -0.12
C GLU A 40 -2.76 5.97 -0.84
N TRP A 41 -2.16 4.89 -0.37
CA TRP A 41 -0.94 4.36 -0.97
C TRP A 41 -0.69 2.93 -0.50
N PHE A 42 -0.76 1.99 -1.44
CA PHE A 42 -0.53 0.58 -1.14
C PHE A 42 0.13 -0.13 -2.31
N HIS A 43 0.98 -1.10 -2.00
CA HIS A 43 1.69 -1.86 -3.03
C HIS A 43 0.72 -2.74 -3.81
N PHE A 44 1.13 -3.13 -5.02
CA PHE A 44 0.30 -3.98 -5.86
C PHE A 44 0.24 -5.41 -5.33
N SER A 45 1.39 -6.09 -5.37
CA SER A 45 1.47 -7.46 -4.89
C SER A 45 0.67 -7.65 -3.62
N CYS A 46 0.68 -6.63 -2.76
CA CYS A 46 -0.05 -6.68 -1.50
C CYS A 46 -1.55 -6.76 -1.75
N VAL A 47 -2.07 -5.84 -2.55
CA VAL A 47 -3.49 -5.81 -2.88
C VAL A 47 -3.79 -6.67 -4.09
N SER A 48 -3.01 -7.72 -4.28
CA SER A 48 -3.19 -8.61 -5.42
C SER A 48 -3.49 -7.83 -6.69
N LEU A 49 -2.61 -6.88 -7.00
CA LEU A 49 -2.77 -6.04 -8.19
C LEU A 49 -1.69 -6.36 -9.21
N THR A 50 -2.09 -6.46 -10.48
CA THR A 50 -1.15 -6.76 -11.56
C THR A 50 -0.75 -5.49 -12.29
N TYR A 51 -1.67 -4.54 -12.37
CA TYR A 51 -1.40 -3.27 -13.05
C TYR A 51 -2.45 -2.22 -12.68
N LYS A 52 -2.04 -0.96 -12.72
CA LYS A 52 -2.94 0.14 -12.38
C LYS A 52 -4.37 -0.16 -12.84
N PRO A 53 -5.31 -0.20 -11.88
CA PRO A 53 -6.72 -0.47 -12.15
C PRO A 53 -7.39 0.67 -12.90
N LYS A 54 -8.12 0.33 -13.97
CA LYS A 54 -8.81 1.33 -14.76
C LYS A 54 -10.05 1.85 -14.03
N GLY A 55 -10.15 3.16 -13.92
CA GLY A 55 -11.29 3.76 -13.24
C GLY A 55 -10.96 4.21 -11.83
N LYS A 56 -11.45 3.44 -10.85
CA LYS A 56 -11.20 3.76 -9.45
C LYS A 56 -10.80 2.51 -8.68
N TRP A 57 -10.08 2.70 -7.58
CA TRP A 57 -9.64 1.59 -6.75
C TRP A 57 -9.74 1.94 -5.27
N TYR A 58 -10.54 1.17 -4.54
CA TYR A 58 -10.74 1.40 -3.11
C TYR A 58 -10.03 0.33 -2.29
N CYS A 59 -8.99 0.74 -1.55
CA CYS A 59 -8.24 -0.19 -0.73
C CYS A 59 -9.16 -1.15 0.02
N PRO A 60 -8.62 -2.31 0.40
CA PRO A 60 -9.38 -3.34 1.12
C PRO A 60 -9.72 -2.92 2.55
N LYS A 61 -9.09 -1.83 3.00
CA LYS A 61 -9.33 -1.32 4.35
C LYS A 61 -10.60 -0.47 4.39
N CYS A 62 -10.94 0.13 3.26
CA CYS A 62 -12.13 0.97 3.17
C CYS A 62 -13.30 0.19 2.62
N ARG A 63 -13.13 -0.40 1.44
CA ARG A 63 -14.19 -1.18 0.80
C ARG A 63 -14.64 -2.32 1.71
N GLY A 64 -13.73 -2.78 2.57
CA GLY A 64 -14.07 -3.86 3.48
C GLY A 64 -14.99 -3.42 4.59
N ASP A 65 -14.92 -4.10 5.73
CA ASP A 65 -15.77 -3.77 6.87
C ASP A 65 -17.23 -3.68 6.46
N SER A 66 -17.65 -4.62 5.62
CA SER A 66 -19.03 -4.64 5.14
C SER A 66 -19.98 -5.12 6.24
N GLY A 67 -19.63 -6.24 6.88
CA GLY A 67 -20.46 -6.76 7.94
C GLY A 67 -20.39 -8.28 8.03
N PRO A 68 -19.27 -8.80 8.53
CA PRO A 68 -19.06 -10.24 8.67
C PRO A 68 -19.95 -10.85 9.75
N SER A 69 -20.21 -10.09 10.81
CA SER A 69 -21.03 -10.57 11.91
C SER A 69 -22.34 -11.15 11.39
N SER A 70 -23.03 -10.40 10.53
CA SER A 70 -24.29 -10.84 9.97
C SER A 70 -24.10 -12.08 9.10
N GLY A 71 -24.75 -13.18 9.49
CA GLY A 71 -24.63 -14.42 8.74
C GLY A 71 -24.73 -14.21 7.25
ZN ZN B . 2.58 -3.64 1.30
ZN ZN C . -8.72 3.32 1.84
N GLY A 1 9.47 -23.62 25.71
CA GLY A 1 10.25 -22.57 26.34
C GLY A 1 11.39 -22.09 25.47
N SER A 2 11.07 -21.68 24.25
CA SER A 2 12.08 -21.19 23.31
C SER A 2 12.39 -19.72 23.56
N SER A 3 13.66 -19.44 23.85
CA SER A 3 14.10 -18.07 24.11
C SER A 3 15.56 -17.89 23.71
N GLY A 4 15.80 -16.90 22.85
CA GLY A 4 17.16 -16.63 22.40
C GLY A 4 17.19 -15.90 21.07
N SER A 5 16.37 -16.35 20.13
CA SER A 5 16.31 -15.75 18.81
C SER A 5 15.12 -14.79 18.70
N SER A 6 15.29 -13.72 17.94
CA SER A 6 14.24 -12.73 17.76
C SER A 6 14.52 -11.85 16.55
N GLY A 7 13.70 -11.98 15.51
CA GLY A 7 13.87 -11.19 14.31
C GLY A 7 14.36 -9.79 14.60
N GLU A 8 13.47 -8.95 15.10
CA GLU A 8 13.82 -7.56 15.43
C GLU A 8 14.42 -6.86 14.22
N PHE A 9 13.88 -7.16 13.03
CA PHE A 9 14.36 -6.56 11.80
C PHE A 9 14.48 -5.05 11.94
N ALA A 10 15.68 -4.53 11.73
CA ALA A 10 15.93 -3.10 11.84
C ALA A 10 15.11 -2.32 10.81
N ILE A 11 14.28 -1.40 11.29
CA ILE A 11 13.45 -0.59 10.40
C ILE A 11 13.85 0.88 10.45
N ASP A 12 14.55 1.32 9.42
CA ASP A 12 14.99 2.71 9.34
C ASP A 12 13.82 3.67 9.48
N PRO A 13 13.78 4.40 10.60
CA PRO A 13 12.72 5.36 10.89
C PRO A 13 12.78 6.59 9.98
N ASN A 14 13.92 6.77 9.33
CA ASN A 14 14.12 7.90 8.42
C ASN A 14 12.94 8.05 7.47
N GLU A 15 12.44 6.92 6.97
CA GLU A 15 11.32 6.92 6.05
C GLU A 15 10.10 6.27 6.68
N PRO A 16 8.96 6.97 6.63
CA PRO A 16 7.69 6.48 7.20
C PRO A 16 7.12 5.31 6.41
N THR A 17 6.00 4.77 6.88
CA THR A 17 5.35 3.65 6.20
C THR A 17 3.91 3.99 5.83
N TYR A 18 3.39 3.32 4.81
CA TYR A 18 2.03 3.55 4.35
C TYR A 18 1.30 2.23 4.14
N CYS A 19 1.89 1.36 3.32
CA CYS A 19 1.29 0.06 3.03
C CYS A 19 1.02 -0.71 4.31
N LEU A 20 0.24 -1.79 4.20
CA LEU A 20 -0.11 -2.62 5.35
C LEU A 20 1.14 -3.26 5.94
N CYS A 21 2.01 -3.76 5.08
CA CYS A 21 3.24 -4.39 5.52
C CYS A 21 4.13 -3.42 6.29
N ASN A 22 3.75 -2.14 6.26
CA ASN A 22 4.50 -1.10 6.95
C ASN A 22 5.90 -0.98 6.36
N GLN A 23 5.98 -0.81 5.06
CA GLN A 23 7.27 -0.67 4.38
C GLN A 23 7.32 0.62 3.57
N VAL A 24 8.54 1.09 3.31
CA VAL A 24 8.73 2.32 2.55
C VAL A 24 8.14 2.20 1.15
N SER A 25 7.59 3.31 0.64
CA SER A 25 7.00 3.32 -0.69
C SER A 25 8.00 2.88 -1.74
N TYR A 26 7.55 2.03 -2.66
CA TYR A 26 8.41 1.52 -3.73
C TYR A 26 7.59 0.85 -4.82
N GLY A 27 8.26 0.42 -5.89
CA GLY A 27 7.58 -0.23 -6.98
C GLY A 27 6.29 0.47 -7.36
N GLU A 28 5.30 -0.31 -7.77
CA GLU A 28 4.00 0.25 -8.17
C GLU A 28 3.09 0.41 -6.95
N MET A 29 2.49 1.58 -6.83
CA MET A 29 1.59 1.87 -5.72
C MET A 29 0.39 2.69 -6.19
N ILE A 30 -0.78 2.35 -5.66
CA ILE A 30 -2.02 3.06 -6.02
C ILE A 30 -2.50 3.95 -4.89
N GLY A 31 -3.31 4.94 -5.22
CA GLY A 31 -3.83 5.85 -4.21
C GLY A 31 -5.30 5.61 -3.92
N CYS A 32 -5.58 5.06 -2.74
CA CYS A 32 -6.95 4.77 -2.34
C CYS A 32 -7.86 5.96 -2.63
N ASP A 33 -8.78 5.79 -3.58
CA ASP A 33 -9.71 6.85 -3.94
C ASP A 33 -10.18 7.60 -2.71
N ASN A 34 -10.43 6.86 -1.63
CA ASN A 34 -10.89 7.47 -0.38
C ASN A 34 -9.84 8.41 0.19
N GLU A 35 -10.10 9.72 0.10
CA GLU A 35 -9.18 10.72 0.60
C GLU A 35 -8.91 10.51 2.10
N GLN A 36 -9.97 10.50 2.89
CA GLN A 36 -9.85 10.31 4.32
C GLN A 36 -8.71 9.34 4.65
N CYS A 37 -8.60 8.27 3.87
CA CYS A 37 -7.55 7.28 4.07
C CYS A 37 -6.23 7.95 4.41
N PRO A 38 -5.76 7.75 5.65
CA PRO A 38 -4.50 8.33 6.13
C PRO A 38 -3.29 7.68 5.46
N ILE A 39 -3.53 6.68 4.63
CA ILE A 39 -2.46 5.99 3.92
C ILE A 39 -2.49 6.29 2.43
N GLU A 40 -3.65 6.14 1.83
CA GLU A 40 -3.81 6.41 0.40
C GLU A 40 -2.56 6.00 -0.37
N TRP A 41 -1.95 4.89 0.05
CA TRP A 41 -0.74 4.39 -0.60
C TRP A 41 -0.51 2.92 -0.25
N PHE A 42 -0.55 2.07 -1.26
CA PHE A 42 -0.34 0.64 -1.07
C PHE A 42 0.38 0.02 -2.26
N HIS A 43 1.10 -1.07 -2.02
CA HIS A 43 1.84 -1.75 -3.07
C HIS A 43 0.92 -2.65 -3.89
N PHE A 44 1.40 -3.11 -5.04
CA PHE A 44 0.63 -3.97 -5.91
C PHE A 44 0.68 -5.42 -5.43
N SER A 45 1.89 -5.96 -5.36
CA SER A 45 2.09 -7.35 -4.92
C SER A 45 1.28 -7.63 -3.66
N CYS A 46 1.35 -6.70 -2.70
CA CYS A 46 0.63 -6.85 -1.44
C CYS A 46 -0.87 -6.97 -1.68
N VAL A 47 -1.42 -6.04 -2.46
CA VAL A 47 -2.84 -6.04 -2.76
C VAL A 47 -3.16 -6.97 -3.93
N SER A 48 -2.30 -7.98 -4.12
CA SER A 48 -2.49 -8.94 -5.20
C SER A 48 -2.89 -8.23 -6.50
N LEU A 49 -2.10 -7.23 -6.89
CA LEU A 49 -2.38 -6.48 -8.10
C LEU A 49 -1.28 -6.71 -9.15
N THR A 50 -1.67 -7.33 -10.26
CA THR A 50 -0.72 -7.62 -11.34
C THR A 50 -0.56 -6.41 -12.25
N TYR A 51 -1.62 -5.64 -12.40
CA TYR A 51 -1.60 -4.46 -13.26
C TYR A 51 -2.61 -3.42 -12.78
N LYS A 52 -2.31 -2.15 -13.04
CA LYS A 52 -3.19 -1.06 -12.64
C LYS A 52 -4.65 -1.44 -12.84
N PRO A 53 -5.43 -1.42 -11.74
CA PRO A 53 -6.85 -1.75 -11.76
C PRO A 53 -7.68 -0.71 -12.48
N LYS A 54 -8.99 -0.91 -12.52
CA LYS A 54 -9.91 0.01 -13.17
C LYS A 54 -9.73 1.43 -12.63
N GLY A 55 -10.51 2.36 -13.16
CA GLY A 55 -10.44 3.73 -12.71
C GLY A 55 -10.39 3.86 -11.19
N LYS A 56 -11.52 4.18 -10.59
CA LYS A 56 -11.61 4.34 -9.15
C LYS A 56 -11.16 3.05 -8.44
N TRP A 57 -10.27 3.19 -7.47
CA TRP A 57 -9.77 2.05 -6.72
C TRP A 57 -9.74 2.35 -5.23
N TYR A 58 -10.41 1.51 -4.45
CA TYR A 58 -10.46 1.68 -3.01
C TYR A 58 -9.70 0.56 -2.29
N CYS A 59 -8.92 0.94 -1.28
CA CYS A 59 -8.14 -0.02 -0.52
C CYS A 59 -9.04 -1.08 0.12
N PRO A 60 -8.46 -2.26 0.39
CA PRO A 60 -9.20 -3.38 1.00
C PRO A 60 -9.57 -3.10 2.45
N LYS A 61 -9.21 -1.92 2.94
CA LYS A 61 -9.50 -1.54 4.32
C LYS A 61 -10.73 -0.64 4.37
N CYS A 62 -11.00 0.06 3.28
CA CYS A 62 -12.16 0.96 3.21
C CYS A 62 -13.34 0.26 2.54
N ARG A 63 -13.04 -0.58 1.55
CA ARG A 63 -14.08 -1.31 0.83
C ARG A 63 -14.53 -2.54 1.63
N GLY A 64 -14.24 -2.54 2.92
CA GLY A 64 -14.62 -3.65 3.76
C GLY A 64 -15.68 -3.28 4.78
N ASP A 65 -15.54 -2.09 5.35
CA ASP A 65 -16.49 -1.60 6.36
C ASP A 65 -17.92 -1.91 5.94
N SER A 66 -18.58 -2.76 6.71
CA SER A 66 -19.96 -3.14 6.41
C SER A 66 -20.76 -1.95 5.91
N GLY A 67 -21.77 -2.22 5.10
CA GLY A 67 -22.61 -1.16 4.55
C GLY A 67 -22.25 -0.82 3.12
N PRO A 68 -22.48 -1.78 2.20
CA PRO A 68 -22.19 -1.59 0.78
C PRO A 68 -23.13 -0.58 0.12
N SER A 69 -22.64 0.64 -0.04
CA SER A 69 -23.44 1.70 -0.66
C SER A 69 -23.30 1.68 -2.18
N SER A 70 -24.41 1.47 -2.87
CA SER A 70 -24.41 1.42 -4.32
C SER A 70 -25.05 2.67 -4.92
N GLY A 71 -24.27 3.44 -5.66
CA GLY A 71 -24.78 4.65 -6.27
C GLY A 71 -23.69 5.67 -6.55
ZN ZN B . 3.15 -3.74 1.22
ZN ZN C . -8.53 3.48 2.00
N GLY A 1 15.97 -7.04 -24.31
CA GLY A 1 16.05 -8.18 -23.41
C GLY A 1 17.47 -8.44 -22.94
N SER A 2 18.09 -7.44 -22.32
CA SER A 2 19.45 -7.57 -21.83
C SER A 2 19.47 -7.69 -20.30
N SER A 3 20.36 -8.54 -19.79
CA SER A 3 20.48 -8.76 -18.36
C SER A 3 21.80 -8.19 -17.83
N GLY A 4 21.77 -6.93 -17.40
CA GLY A 4 22.96 -6.30 -16.87
C GLY A 4 22.81 -5.86 -15.44
N SER A 5 22.94 -4.56 -15.20
CA SER A 5 22.81 -4.01 -13.86
C SER A 5 21.75 -2.91 -13.81
N SER A 6 20.50 -3.32 -13.65
CA SER A 6 19.39 -2.38 -13.59
C SER A 6 18.47 -2.68 -12.42
N GLY A 7 18.80 -2.13 -11.26
CA GLY A 7 17.99 -2.35 -10.07
C GLY A 7 18.82 -2.36 -8.80
N GLU A 8 18.81 -1.23 -8.09
CA GLU A 8 19.57 -1.12 -6.85
C GLU A 8 18.68 -0.59 -5.73
N PHE A 9 18.02 -1.50 -5.03
CA PHE A 9 17.14 -1.14 -3.93
C PHE A 9 17.94 -0.75 -2.69
N ALA A 10 17.38 0.13 -1.87
CA ALA A 10 18.04 0.57 -0.65
C ALA A 10 17.03 0.88 0.45
N ILE A 11 16.96 -0.01 1.44
CA ILE A 11 16.04 0.16 2.55
C ILE A 11 16.51 1.25 3.50
N ASP A 12 15.81 2.37 3.51
CA ASP A 12 16.16 3.49 4.38
C ASP A 12 15.15 3.63 5.51
N PRO A 13 15.66 3.72 6.76
CA PRO A 13 14.82 3.86 7.95
C PRO A 13 14.15 5.22 8.02
N ASN A 14 14.39 6.05 7.01
CA ASN A 14 13.80 7.39 6.96
C ASN A 14 12.36 7.33 6.48
N GLU A 15 12.16 6.81 5.28
CA GLU A 15 10.83 6.71 4.70
C GLU A 15 9.90 5.90 5.61
N PRO A 16 8.73 6.47 5.92
CA PRO A 16 7.73 5.83 6.78
C PRO A 16 7.08 4.62 6.11
N THR A 17 6.02 4.11 6.73
CA THR A 17 5.30 2.96 6.20
C THR A 17 3.82 3.27 6.00
N TYR A 18 3.34 3.07 4.78
CA TYR A 18 1.94 3.32 4.46
C TYR A 18 1.16 2.02 4.33
N CYS A 19 1.61 1.16 3.43
CA CYS A 19 0.96 -0.13 3.21
C CYS A 19 0.62 -0.80 4.53
N LEU A 20 -0.17 -1.87 4.46
CA LEU A 20 -0.57 -2.60 5.65
C LEU A 20 0.61 -3.40 6.22
N CYS A 21 1.44 -3.92 5.34
CA CYS A 21 2.60 -4.71 5.75
C CYS A 21 3.56 -3.85 6.57
N ASN A 22 3.33 -2.55 6.58
CA ASN A 22 4.18 -1.62 7.32
C ASN A 22 5.57 -1.54 6.71
N GLN A 23 5.62 -1.35 5.39
CA GLN A 23 6.89 -1.26 4.68
C GLN A 23 7.01 0.08 3.95
N VAL A 24 8.24 0.50 3.69
CA VAL A 24 8.49 1.75 2.99
C VAL A 24 8.07 1.66 1.52
N SER A 25 7.44 2.72 1.02
CA SER A 25 6.99 2.76 -0.36
C SER A 25 8.05 2.19 -1.30
N TYR A 26 7.60 1.56 -2.37
CA TYR A 26 8.51 0.98 -3.34
C TYR A 26 7.75 0.49 -4.58
N GLY A 27 8.47 0.32 -5.68
CA GLY A 27 7.85 -0.14 -6.91
C GLY A 27 6.67 0.72 -7.32
N GLU A 28 5.53 0.09 -7.57
CA GLU A 28 4.33 0.81 -7.98
C GLU A 28 3.27 0.75 -6.89
N MET A 29 2.61 1.88 -6.65
CA MET A 29 1.56 1.95 -5.63
C MET A 29 0.36 2.74 -6.14
N ILE A 30 -0.82 2.39 -5.64
CA ILE A 30 -2.04 3.08 -6.04
C ILE A 30 -2.56 3.99 -4.94
N GLY A 31 -3.29 5.02 -5.32
CA GLY A 31 -3.84 5.95 -4.35
C GLY A 31 -5.31 5.70 -4.07
N CYS A 32 -5.60 5.15 -2.89
CA CYS A 32 -6.97 4.87 -2.50
C CYS A 32 -7.90 6.03 -2.85
N ASP A 33 -8.94 5.73 -3.62
CA ASP A 33 -9.90 6.75 -4.03
C ASP A 33 -10.42 7.52 -2.83
N ASN A 34 -10.66 6.81 -1.73
CA ASN A 34 -11.17 7.42 -0.51
C ASN A 34 -10.17 8.44 0.04
N GLU A 35 -10.60 9.69 0.15
CA GLU A 35 -9.75 10.76 0.66
C GLU A 35 -9.41 10.53 2.13
N GLN A 36 -10.44 10.45 2.96
CA GLN A 36 -10.25 10.24 4.39
C GLN A 36 -9.08 9.30 4.65
N CYS A 37 -8.97 8.26 3.83
CA CYS A 37 -7.89 7.28 3.97
C CYS A 37 -6.57 7.97 4.26
N PRO A 38 -6.11 7.87 5.51
CA PRO A 38 -4.84 8.48 5.94
C PRO A 38 -3.63 7.79 5.32
N ILE A 39 -3.87 6.73 4.56
CA ILE A 39 -2.80 5.98 3.92
C ILE A 39 -2.72 6.31 2.43
N GLU A 40 -3.84 6.22 1.74
CA GLU A 40 -3.89 6.50 0.31
C GLU A 40 -2.64 5.99 -0.39
N TRP A 41 -2.09 4.90 0.12
CA TRP A 41 -0.88 4.31 -0.46
C TRP A 41 -0.80 2.82 -0.15
N PHE A 42 -0.82 1.99 -1.19
CA PHE A 42 -0.74 0.54 -1.01
C PHE A 42 0.04 -0.10 -2.16
N HIS A 43 0.80 -1.14 -1.83
CA HIS A 43 1.60 -1.84 -2.83
C HIS A 43 0.71 -2.67 -3.75
N PHE A 44 1.26 -3.08 -4.89
CA PHE A 44 0.51 -3.87 -5.86
C PHE A 44 0.51 -5.35 -5.46
N SER A 45 1.70 -5.92 -5.30
CA SER A 45 1.84 -7.32 -4.93
C SER A 45 0.97 -7.65 -3.72
N CYS A 46 0.93 -6.73 -2.75
CA CYS A 46 0.14 -6.92 -1.54
C CYS A 46 -1.35 -6.93 -1.88
N VAL A 47 -1.79 -5.93 -2.63
CA VAL A 47 -3.18 -5.82 -3.02
C VAL A 47 -3.49 -6.67 -4.24
N SER A 48 -2.71 -7.72 -4.43
CA SER A 48 -2.89 -8.62 -5.57
C SER A 48 -3.21 -7.83 -6.84
N LEU A 49 -2.35 -6.87 -7.17
CA LEU A 49 -2.54 -6.05 -8.35
C LEU A 49 -1.42 -6.26 -9.36
N THR A 50 -1.78 -6.57 -10.59
CA THR A 50 -0.80 -6.80 -11.65
C THR A 50 -0.52 -5.52 -12.43
N TYR A 51 -1.56 -4.71 -12.61
CA TYR A 51 -1.43 -3.45 -13.34
C TYR A 51 -2.29 -2.36 -12.72
N LYS A 52 -1.88 -1.11 -12.89
CA LYS A 52 -2.62 0.01 -12.35
C LYS A 52 -4.03 0.07 -12.93
N PRO A 53 -5.04 -0.09 -12.06
CA PRO A 53 -6.45 -0.06 -12.47
C PRO A 53 -6.90 1.34 -12.87
N LYS A 54 -7.88 1.40 -13.78
CA LYS A 54 -8.40 2.68 -14.25
C LYS A 54 -9.78 2.95 -13.65
N GLY A 55 -10.09 4.23 -13.45
CA GLY A 55 -11.37 4.60 -12.89
C GLY A 55 -11.29 4.95 -11.42
N LYS A 56 -11.58 3.99 -10.56
CA LYS A 56 -11.54 4.21 -9.12
C LYS A 56 -11.09 2.94 -8.39
N TRP A 57 -10.19 3.10 -7.43
CA TRP A 57 -9.69 1.98 -6.66
C TRP A 57 -9.69 2.28 -5.17
N TYR A 58 -10.50 1.54 -4.41
CA TYR A 58 -10.60 1.74 -2.98
C TYR A 58 -9.88 0.63 -2.22
N CYS A 59 -8.82 0.99 -1.50
CA CYS A 59 -8.06 0.02 -0.73
C CYS A 59 -8.97 -1.02 -0.09
N PRO A 60 -8.41 -2.21 0.20
CA PRO A 60 -9.16 -3.31 0.81
C PRO A 60 -9.52 -3.01 2.27
N LYS A 61 -9.00 -1.91 2.79
CA LYS A 61 -9.27 -1.52 4.17
C LYS A 61 -10.50 -0.61 4.24
N CYS A 62 -10.81 0.06 3.13
CA CYS A 62 -11.95 0.95 3.08
C CYS A 62 -13.16 0.25 2.48
N ARG A 63 -12.93 -0.61 1.50
CA ARG A 63 -14.00 -1.35 0.85
C ARG A 63 -14.40 -2.57 1.67
N GLY A 64 -14.14 -2.51 2.98
CA GLY A 64 -14.48 -3.60 3.85
C GLY A 64 -13.65 -4.85 3.57
N ASP A 65 -14.31 -5.91 3.13
CA ASP A 65 -13.63 -7.17 2.83
C ASP A 65 -12.24 -6.91 2.27
N SER A 66 -11.25 -7.62 2.80
CA SER A 66 -9.87 -7.47 2.35
C SER A 66 -9.59 -8.31 1.11
N GLY A 67 -10.36 -9.38 0.95
CA GLY A 67 -10.18 -10.26 -0.19
C GLY A 67 -11.50 -10.72 -0.77
N PRO A 68 -12.19 -11.61 -0.04
CA PRO A 68 -13.49 -12.15 -0.48
C PRO A 68 -14.59 -11.10 -0.44
N SER A 69 -15.83 -11.55 -0.63
CA SER A 69 -16.98 -10.65 -0.63
C SER A 69 -17.95 -11.02 0.49
N SER A 70 -18.35 -12.29 0.52
CA SER A 70 -19.28 -12.79 1.53
C SER A 70 -18.86 -12.33 2.92
N GLY A 71 -19.83 -11.91 3.73
CA GLY A 71 -19.54 -11.44 5.07
C GLY A 71 -20.27 -10.15 5.41
ZN ZN B . 2.59 -4.03 1.32
ZN ZN C . -8.57 3.42 1.78
N GLY A 1 8.30 27.75 -9.52
CA GLY A 1 7.74 26.53 -10.08
C GLY A 1 8.78 25.65 -10.72
N SER A 2 8.49 24.35 -10.82
CA SER A 2 9.42 23.40 -11.41
C SER A 2 8.70 22.09 -11.75
N SER A 3 9.42 21.19 -12.43
CA SER A 3 8.86 19.91 -12.82
C SER A 3 9.91 18.81 -12.74
N GLY A 4 9.78 17.94 -11.74
CA GLY A 4 10.72 16.85 -11.59
C GLY A 4 10.78 16.35 -10.15
N SER A 5 10.26 15.14 -9.93
CA SER A 5 10.26 14.54 -8.59
C SER A 5 10.77 13.12 -8.64
N SER A 6 11.57 12.75 -7.64
CA SER A 6 12.14 11.41 -7.56
C SER A 6 12.82 11.18 -6.21
N GLY A 7 13.32 9.98 -6.01
CA GLY A 7 13.99 9.64 -4.76
C GLY A 7 15.06 8.59 -4.94
N GLU A 8 15.42 7.92 -3.84
CA GLU A 8 16.44 6.88 -3.88
C GLU A 8 15.96 5.62 -3.15
N PHE A 9 16.50 4.47 -3.55
CA PHE A 9 16.13 3.20 -2.95
C PHE A 9 17.04 2.88 -1.78
N ALA A 10 16.60 3.23 -0.57
CA ALA A 10 17.38 2.98 0.63
C ALA A 10 16.47 2.74 1.83
N ILE A 11 16.78 1.72 2.62
CA ILE A 11 16.00 1.39 3.81
C ILE A 11 16.27 2.37 4.94
N ASP A 12 15.29 3.20 5.25
CA ASP A 12 15.43 4.18 6.33
C ASP A 12 14.31 4.03 7.35
N PRO A 13 14.69 3.83 8.62
CA PRO A 13 13.73 3.67 9.72
C PRO A 13 12.99 4.96 10.04
N ASN A 14 13.20 5.98 9.20
CA ASN A 14 12.54 7.27 9.40
C ASN A 14 11.26 7.35 8.58
N GLU A 15 11.34 6.93 7.33
CA GLU A 15 10.18 6.96 6.44
C GLU A 15 8.99 6.24 7.08
N PRO A 16 7.81 6.88 7.02
CA PRO A 16 6.57 6.32 7.58
C PRO A 16 6.07 5.12 6.78
N THR A 17 5.09 4.41 7.35
CA THR A 17 4.53 3.24 6.69
C THR A 17 3.11 3.52 6.20
N TYR A 18 2.84 3.14 4.95
CA TYR A 18 1.53 3.35 4.36
C TYR A 18 0.82 2.02 4.12
N CYS A 19 1.38 1.20 3.25
CA CYS A 19 0.81 -0.09 2.93
C CYS A 19 0.36 -0.81 4.19
N LEU A 20 -0.60 -1.72 4.05
CA LEU A 20 -1.12 -2.48 5.17
C LEU A 20 0.01 -3.19 5.93
N CYS A 21 0.96 -3.73 5.17
CA CYS A 21 2.09 -4.43 5.76
C CYS A 21 2.90 -3.50 6.66
N ASN A 22 2.55 -2.22 6.63
CA ASN A 22 3.24 -1.22 7.45
C ASN A 22 4.71 -1.10 7.03
N GLN A 23 4.94 -0.93 5.73
CA GLN A 23 6.29 -0.80 5.20
C GLN A 23 6.41 0.46 4.35
N VAL A 24 7.64 0.94 4.19
CA VAL A 24 7.90 2.14 3.40
C VAL A 24 7.57 1.91 1.93
N SER A 25 7.32 3.00 1.21
CA SER A 25 6.99 2.91 -0.21
C SER A 25 8.25 2.76 -1.06
N TYR A 26 8.22 1.81 -1.98
CA TYR A 26 9.36 1.55 -2.85
C TYR A 26 8.92 1.37 -4.30
N GLY A 27 8.04 0.39 -4.53
CA GLY A 27 7.55 0.13 -5.86
C GLY A 27 6.34 0.97 -6.21
N GLU A 28 5.65 0.60 -7.27
CA GLU A 28 4.45 1.33 -7.71
C GLU A 28 3.30 1.11 -6.75
N MET A 29 2.66 2.20 -6.33
CA MET A 29 1.54 2.13 -5.41
C MET A 29 0.34 2.91 -5.94
N ILE A 30 -0.86 2.47 -5.56
CA ILE A 30 -2.08 3.14 -6.00
C ILE A 30 -2.69 3.97 -4.88
N GLY A 31 -3.40 5.03 -5.25
CA GLY A 31 -4.03 5.90 -4.26
C GLY A 31 -5.50 5.58 -4.08
N CYS A 32 -5.81 4.85 -3.01
CA CYS A 32 -7.20 4.48 -2.73
C CYS A 32 -8.15 5.60 -3.13
N ASP A 33 -9.07 5.29 -4.03
CA ASP A 33 -10.06 6.27 -4.49
C ASP A 33 -10.53 7.15 -3.34
N ASN A 34 -10.79 6.53 -2.20
CA ASN A 34 -11.26 7.25 -1.02
C ASN A 34 -10.19 8.21 -0.51
N GLU A 35 -10.32 9.48 -0.88
CA GLU A 35 -9.36 10.50 -0.46
C GLU A 35 -9.14 10.44 1.05
N GLN A 36 -10.22 10.58 1.81
CA GLN A 36 -10.14 10.54 3.26
C GLN A 36 -9.06 9.58 3.74
N CYS A 37 -8.96 8.43 3.08
CA CYS A 37 -7.96 7.44 3.42
C CYS A 37 -6.61 8.09 3.68
N PRO A 38 -6.15 8.02 4.94
CA PRO A 38 -4.87 8.61 5.35
C PRO A 38 -3.69 7.83 4.78
N ILE A 39 -3.97 6.81 3.98
CA ILE A 39 -2.93 6.00 3.38
C ILE A 39 -2.81 6.27 1.89
N GLU A 40 -3.90 6.04 1.16
CA GLU A 40 -3.92 6.26 -0.29
C GLU A 40 -2.59 5.84 -0.92
N TRP A 41 -2.05 4.73 -0.43
CA TRP A 41 -0.78 4.22 -0.96
C TRP A 41 -0.59 2.76 -0.56
N PHE A 42 -0.57 1.87 -1.55
CA PHE A 42 -0.39 0.45 -1.30
C PHE A 42 0.39 -0.21 -2.44
N HIS A 43 1.20 -1.21 -2.08
CA HIS A 43 2.01 -1.92 -3.08
C HIS A 43 1.13 -2.83 -3.93
N PHE A 44 1.49 -2.96 -5.20
CA PHE A 44 0.73 -3.81 -6.12
C PHE A 44 0.80 -5.27 -5.69
N SER A 45 2.01 -5.76 -5.47
CA SER A 45 2.21 -7.15 -5.06
C SER A 45 1.38 -7.47 -3.81
N CYS A 46 1.39 -6.55 -2.85
CA CYS A 46 0.65 -6.73 -1.61
C CYS A 46 -0.86 -6.79 -1.88
N VAL A 47 -1.35 -5.81 -2.64
CA VAL A 47 -2.77 -5.75 -2.97
C VAL A 47 -3.10 -6.65 -4.16
N SER A 48 -2.30 -7.70 -4.34
CA SER A 48 -2.50 -8.64 -5.43
C SER A 48 -3.04 -7.92 -6.67
N LEU A 49 -2.33 -6.87 -7.10
CA LEU A 49 -2.73 -6.10 -8.27
C LEU A 49 -1.86 -6.44 -9.48
N THR A 50 -0.55 -6.28 -9.32
CA THR A 50 0.38 -6.56 -10.40
C THR A 50 0.00 -5.84 -11.68
N TYR A 51 -0.72 -4.73 -11.52
CA TYR A 51 -1.15 -3.93 -12.67
C TYR A 51 -1.92 -2.70 -12.21
N LYS A 52 -1.91 -1.66 -13.04
CA LYS A 52 -2.61 -0.42 -12.73
C LYS A 52 -4.10 -0.55 -12.99
N PRO A 53 -4.91 -0.54 -11.91
CA PRO A 53 -6.36 -0.67 -12.01
C PRO A 53 -7.01 0.57 -12.62
N LYS A 54 -7.57 0.41 -13.82
CA LYS A 54 -8.22 1.51 -14.51
C LYS A 54 -9.57 1.83 -13.88
N GLY A 55 -9.84 3.11 -13.68
CA GLY A 55 -11.10 3.53 -13.09
C GLY A 55 -10.95 3.93 -11.63
N LYS A 56 -11.66 3.23 -10.75
CA LYS A 56 -11.60 3.52 -9.32
C LYS A 56 -11.14 2.28 -8.54
N TRP A 57 -10.21 2.49 -7.62
CA TRP A 57 -9.69 1.41 -6.80
C TRP A 57 -9.70 1.78 -5.32
N TYR A 58 -10.54 1.09 -4.55
CA TYR A 58 -10.65 1.36 -3.12
C TYR A 58 -9.94 0.27 -2.32
N CYS A 59 -8.88 0.68 -1.61
CA CYS A 59 -8.11 -0.25 -0.79
C CYS A 59 -9.02 -1.25 -0.09
N PRO A 60 -8.48 -2.42 0.24
CA PRO A 60 -9.23 -3.48 0.93
C PRO A 60 -9.56 -3.12 2.37
N LYS A 61 -9.17 -1.91 2.79
CA LYS A 61 -9.43 -1.45 4.14
C LYS A 61 -10.67 -0.56 4.18
N CYS A 62 -10.95 0.12 3.07
CA CYS A 62 -12.10 1.00 2.99
C CYS A 62 -13.31 0.25 2.41
N ARG A 63 -13.04 -0.69 1.52
CA ARG A 63 -14.09 -1.48 0.90
C ARG A 63 -14.53 -2.63 1.81
N GLY A 64 -14.33 -2.46 3.11
CA GLY A 64 -14.70 -3.48 4.07
C GLY A 64 -16.19 -3.80 4.02
N ASP A 65 -17.01 -2.80 4.33
CA ASP A 65 -18.46 -2.99 4.32
C ASP A 65 -18.99 -3.12 2.89
N SER A 66 -19.47 -4.31 2.56
CA SER A 66 -20.00 -4.57 1.23
C SER A 66 -21.19 -3.66 0.93
N GLY A 67 -21.09 -2.92 -0.18
CA GLY A 67 -22.17 -2.02 -0.56
C GLY A 67 -22.19 -1.75 -2.05
N PRO A 68 -21.18 -1.04 -2.55
CA PRO A 68 -21.06 -0.70 -3.97
C PRO A 68 -20.76 -1.92 -4.83
N SER A 69 -20.49 -3.05 -4.19
CA SER A 69 -20.18 -4.28 -4.90
C SER A 69 -21.31 -4.66 -5.85
N SER A 70 -22.53 -4.70 -5.33
CA SER A 70 -23.70 -5.04 -6.13
C SER A 70 -23.70 -4.27 -7.44
N GLY A 71 -24.31 -4.86 -8.47
CA GLY A 71 -24.37 -4.20 -9.77
C GLY A 71 -25.34 -4.89 -10.71
ZN ZN B . 3.01 -3.86 1.33
ZN ZN C . -8.81 3.38 1.57
N GLY A 1 22.46 14.58 22.57
CA GLY A 1 21.45 13.67 22.09
C GLY A 1 20.84 14.11 20.77
N SER A 2 21.36 13.55 19.68
CA SER A 2 20.87 13.89 18.35
C SER A 2 19.90 12.83 17.84
N SER A 3 19.02 13.23 16.94
CA SER A 3 18.04 12.32 16.36
C SER A 3 18.48 11.83 14.99
N GLY A 4 19.77 11.51 14.87
CA GLY A 4 20.29 11.04 13.59
C GLY A 4 20.37 12.14 12.56
N SER A 5 20.90 11.80 11.39
CA SER A 5 21.05 12.77 10.31
C SER A 5 19.69 13.07 9.67
N SER A 6 19.66 14.08 8.81
CA SER A 6 18.43 14.48 8.14
C SER A 6 17.79 13.29 7.43
N GLY A 7 18.59 12.57 6.64
CA GLY A 7 18.08 11.42 5.92
C GLY A 7 19.18 10.66 5.21
N GLU A 8 18.91 9.39 4.89
CA GLU A 8 19.89 8.56 4.21
C GLU A 8 19.22 7.34 3.58
N PHE A 9 19.80 6.84 2.49
CA PHE A 9 19.26 5.68 1.79
C PHE A 9 19.70 4.39 2.47
N ALA A 10 18.95 3.98 3.49
CA ALA A 10 19.25 2.76 4.22
C ALA A 10 18.07 2.33 5.10
N ILE A 11 18.19 1.17 5.72
CA ILE A 11 17.15 0.65 6.59
C ILE A 11 17.17 1.35 7.95
N ASP A 12 16.13 2.11 8.23
CA ASP A 12 16.01 2.83 9.50
C ASP A 12 14.56 2.97 9.93
N PRO A 13 14.33 3.07 11.24
CA PRO A 13 12.99 3.20 11.80
C PRO A 13 12.37 4.57 11.51
N ASN A 14 13.22 5.56 11.25
CA ASN A 14 12.76 6.91 10.94
C ASN A 14 11.72 6.88 9.82
N GLU A 15 12.06 6.21 8.72
CA GLU A 15 11.17 6.11 7.58
C GLU A 15 9.81 5.54 8.00
N PRO A 16 8.74 6.29 7.72
CA PRO A 16 7.38 5.88 8.06
C PRO A 16 6.90 4.71 7.21
N THR A 17 5.63 4.34 7.38
CA THR A 17 5.05 3.23 6.63
C THR A 17 3.64 3.57 6.15
N TYR A 18 3.25 2.98 5.02
CA TYR A 18 1.93 3.23 4.45
C TYR A 18 1.18 1.91 4.24
N CYS A 19 1.72 1.05 3.39
CA CYS A 19 1.10 -0.23 3.10
C CYS A 19 0.73 -0.96 4.39
N LEU A 20 -0.12 -1.96 4.27
CA LEU A 20 -0.56 -2.74 5.43
C LEU A 20 0.60 -3.52 6.03
N CYS A 21 1.49 -4.01 5.17
CA CYS A 21 2.65 -4.76 5.62
C CYS A 21 3.61 -3.89 6.41
N ASN A 22 3.29 -2.59 6.48
CA ASN A 22 4.13 -1.64 7.21
C ASN A 22 5.51 -1.55 6.60
N GLN A 23 5.57 -1.27 5.31
CA GLN A 23 6.84 -1.16 4.60
C GLN A 23 6.96 0.20 3.91
N VAL A 24 8.19 0.60 3.62
CA VAL A 24 8.45 1.88 2.96
C VAL A 24 7.96 1.86 1.52
N SER A 25 7.56 3.02 1.01
CA SER A 25 7.07 3.14 -0.36
C SER A 25 8.16 2.74 -1.35
N TYR A 26 7.76 2.00 -2.39
CA TYR A 26 8.70 1.57 -3.41
C TYR A 26 7.97 0.90 -4.57
N GLY A 27 8.61 0.91 -5.74
CA GLY A 27 8.00 0.31 -6.92
C GLY A 27 6.73 1.02 -7.35
N GLU A 28 5.72 0.24 -7.73
CA GLU A 28 4.45 0.81 -8.16
C GLU A 28 3.42 0.76 -7.04
N MET A 29 2.67 1.84 -6.88
CA MET A 29 1.65 1.92 -5.85
C MET A 29 0.42 2.70 -6.35
N ILE A 30 -0.65 2.63 -5.58
CA ILE A 30 -1.88 3.32 -5.94
C ILE A 30 -2.42 4.14 -4.77
N GLY A 31 -3.25 5.14 -5.07
CA GLY A 31 -3.81 5.98 -4.04
C GLY A 31 -5.30 5.75 -3.85
N CYS A 32 -5.66 5.10 -2.75
CA CYS A 32 -7.06 4.81 -2.46
C CYS A 32 -7.95 6.01 -2.78
N ASP A 33 -8.85 5.84 -3.74
CA ASP A 33 -9.75 6.91 -4.15
C ASP A 33 -10.26 7.67 -2.93
N ASN A 34 -10.50 6.95 -1.84
CA ASN A 34 -10.98 7.57 -0.61
C ASN A 34 -9.95 8.54 -0.04
N GLU A 35 -10.31 9.82 0.03
CA GLU A 35 -9.41 10.84 0.55
C GLU A 35 -9.22 10.67 2.06
N GLN A 36 -10.31 10.43 2.77
CA GLN A 36 -10.25 10.25 4.22
C GLN A 36 -9.18 9.23 4.59
N CYS A 37 -8.80 8.39 3.64
CA CYS A 37 -7.78 7.38 3.88
C CYS A 37 -6.44 8.02 4.17
N PRO A 38 -5.97 7.87 5.42
CA PRO A 38 -4.69 8.44 5.86
C PRO A 38 -3.50 7.72 5.22
N ILE A 39 -3.79 6.74 4.37
CA ILE A 39 -2.74 5.99 3.69
C ILE A 39 -2.64 6.37 2.23
N GLU A 40 -3.72 6.13 1.48
CA GLU A 40 -3.77 6.45 0.06
C GLU A 40 -2.49 5.98 -0.64
N TRP A 41 -1.98 4.83 -0.21
CA TRP A 41 -0.76 4.28 -0.79
C TRP A 41 -0.61 2.81 -0.41
N PHE A 42 -0.61 1.93 -1.42
CA PHE A 42 -0.47 0.50 -1.19
C PHE A 42 0.29 -0.15 -2.33
N HIS A 43 1.08 -1.18 -2.00
CA HIS A 43 1.85 -1.90 -3.01
C HIS A 43 0.96 -2.79 -3.86
N PHE A 44 1.36 -3.00 -5.11
CA PHE A 44 0.59 -3.84 -6.02
C PHE A 44 0.66 -5.31 -5.61
N SER A 45 1.87 -5.82 -5.49
CA SER A 45 2.08 -7.22 -5.09
C SER A 45 1.27 -7.56 -3.85
N CYS A 46 1.18 -6.59 -2.93
CA CYS A 46 0.43 -6.79 -1.69
C CYS A 46 -1.06 -6.80 -1.95
N VAL A 47 -1.54 -5.84 -2.73
CA VAL A 47 -2.94 -5.73 -3.07
C VAL A 47 -3.29 -6.59 -4.27
N SER A 48 -2.46 -7.58 -4.55
CA SER A 48 -2.67 -8.48 -5.68
C SER A 48 -3.09 -7.68 -6.92
N LEU A 49 -2.29 -6.69 -7.27
CA LEU A 49 -2.57 -5.86 -8.44
C LEU A 49 -1.53 -6.10 -9.53
N THR A 50 -2.01 -6.49 -10.71
CA THR A 50 -1.14 -6.75 -11.84
C THR A 50 -0.87 -5.48 -12.64
N TYR A 51 -1.86 -4.60 -12.68
CA TYR A 51 -1.74 -3.35 -13.41
C TYR A 51 -2.73 -2.31 -12.89
N LYS A 52 -2.30 -1.06 -12.84
CA LYS A 52 -3.16 0.03 -12.36
C LYS A 52 -4.61 -0.23 -12.73
N PRO A 53 -5.49 -0.22 -11.72
CA PRO A 53 -6.93 -0.44 -11.90
C PRO A 53 -7.60 0.73 -12.63
N LYS A 54 -8.47 0.39 -13.57
CA LYS A 54 -9.20 1.41 -14.33
C LYS A 54 -10.33 2.01 -13.51
N GLY A 55 -10.56 3.31 -13.67
CA GLY A 55 -11.62 3.97 -12.94
C GLY A 55 -11.17 4.42 -11.55
N LYS A 56 -11.54 3.65 -10.53
CA LYS A 56 -11.18 3.97 -9.16
C LYS A 56 -10.82 2.72 -8.38
N TRP A 57 -9.99 2.87 -7.36
CA TRP A 57 -9.56 1.74 -6.54
C TRP A 57 -9.62 2.10 -5.06
N TYR A 58 -10.36 1.31 -4.29
CA TYR A 58 -10.51 1.55 -2.86
C TYR A 58 -9.81 0.46 -2.06
N CYS A 59 -8.78 0.85 -1.30
CA CYS A 59 -8.02 -0.09 -0.50
C CYS A 59 -8.94 -1.13 0.14
N PRO A 60 -8.38 -2.30 0.47
CA PRO A 60 -9.14 -3.40 1.08
C PRO A 60 -9.56 -3.09 2.51
N LYS A 61 -9.23 -1.89 2.97
CA LYS A 61 -9.58 -1.46 4.32
C LYS A 61 -10.84 -0.60 4.31
N CYS A 62 -11.05 0.13 3.22
CA CYS A 62 -12.21 0.99 3.08
C CYS A 62 -13.38 0.24 2.45
N ARG A 63 -13.06 -0.66 1.52
CA ARG A 63 -14.08 -1.45 0.84
C ARG A 63 -14.51 -2.65 1.69
N GLY A 64 -14.26 -2.56 2.99
CA GLY A 64 -14.62 -3.63 3.90
C GLY A 64 -13.58 -3.85 4.99
N ASP A 65 -14.01 -3.71 6.24
CA ASP A 65 -13.11 -3.89 7.37
C ASP A 65 -12.36 -5.21 7.26
N SER A 66 -13.10 -6.32 7.26
CA SER A 66 -12.50 -7.65 7.17
C SER A 66 -12.99 -8.37 5.91
N GLY A 67 -14.31 -8.50 5.79
CA GLY A 67 -14.87 -9.18 4.64
C GLY A 67 -16.38 -8.99 4.54
N PRO A 68 -17.12 -9.50 5.54
CA PRO A 68 -18.57 -9.39 5.58
C PRO A 68 -19.05 -7.96 5.83
N SER A 69 -18.09 -7.05 5.96
CA SER A 69 -18.41 -5.64 6.20
C SER A 69 -18.43 -4.85 4.90
N SER A 70 -19.61 -4.37 4.53
CA SER A 70 -19.77 -3.60 3.30
C SER A 70 -19.13 -4.32 2.12
N GLY A 71 -19.32 -5.64 2.06
CA GLY A 71 -18.75 -6.42 0.99
C GLY A 71 -19.77 -6.76 -0.08
ZN ZN B . 3.10 -3.99 1.20
ZN ZN C . -8.77 3.53 1.76
#